data_8EC6
#
_entry.id   8EC6
#
_cell.length_a   1.00
_cell.length_b   1.00
_cell.length_c   1.00
_cell.angle_alpha   90.00
_cell.angle_beta   90.00
_cell.angle_gamma   90.00
#
_symmetry.space_group_name_H-M   'P 1'
#
loop_
_entity.id
_entity.type
_entity.pdbx_description
1 polymer 'Isoform 2 of Glutaminase kidney isoform, mitochondrial'
2 non-polymer 'PHOSPHATE ION'
#
_entity_poly.entity_id   1
_entity_poly.type   'polypeptide(L)'
_entity_poly.pdbx_seq_one_letter_code
;GSHMVAAGDNKIKQGLLPSLEDLLFYTIAEGQEKIPVHKFITALKSTGLRTSDPRLKECMDMLRLTLQTTSDGVMLDKDL
FKKCVQSNIVLLTQAFRRKFVIPDFMSFTSHIDELYESAKKQSGGKVADYIPQLAKFSPDLWGVSVCTVDGQRHSIGDTK
VPFCLQSCVKPLKYAIAVNDLGTEYVHRYVGKEPSGLRFNKLFLNEDDKPHNPMVNAGAIVVTSLIKQGVNNAEKFDYVM
QFLNKMAGNEYVGFSNATFQSERESGDRNFAIGYYLKEKKCFPEGTDMVGILDFYFQLCSIEVTCESASVMAATLANGGF
CPITGERVLSPEAVRNTLSLMHSCGMYDFSGQFAFHVGLPAKSGVAGGILLVVPNVMGMMCWSPPLDKMGNSVKGIHFCH
DLVSLCNFHNYDNLRHFAKKLDPRREGGDQRHSFGPLDYESLQQELALKDTVWKKVSPESSDDTSTTVVYRMESLGERS
;
_entity_poly.pdbx_strand_id   A,B,C,D,E,F,G,H
#
loop_
_chem_comp.id
_chem_comp.type
_chem_comp.name
_chem_comp.formula
PO4 non-polymer 'PHOSPHATE ION' 'O4 P -3'
#
# COMPACT_ATOMS: atom_id res chain seq x y z
N PHE A 100 42.28 46.99 -26.29
CA PHE A 100 42.06 45.98 -27.31
C PHE A 100 40.85 45.11 -26.97
N VAL A 101 40.60 44.95 -25.67
CA VAL A 101 39.44 44.15 -25.24
C VAL A 101 38.14 44.83 -25.64
N ILE A 102 38.11 46.15 -25.60
CA ILE A 102 36.94 46.92 -26.03
C ILE A 102 37.44 47.97 -27.03
N PRO A 103 37.68 47.58 -28.30
CA PRO A 103 38.36 48.49 -29.23
C PRO A 103 37.61 49.77 -29.52
N ASP A 104 36.27 49.72 -29.60
CA ASP A 104 35.51 50.89 -30.00
C ASP A 104 35.32 51.85 -28.82
N PHE A 105 34.74 51.35 -27.72
CA PHE A 105 34.48 52.10 -26.50
C PHE A 105 33.52 53.27 -26.72
N MET A 106 32.97 53.42 -27.93
CA MET A 106 32.01 54.45 -28.24
C MET A 106 30.57 53.94 -28.16
N SER A 107 30.30 52.78 -28.76
CA SER A 107 28.97 52.18 -28.64
C SER A 107 28.73 51.69 -27.21
N PHE A 108 29.78 51.18 -26.56
CA PHE A 108 29.63 50.76 -25.17
C PHE A 108 29.31 51.94 -24.27
N THR A 109 29.93 53.10 -24.54
CA THR A 109 29.59 54.30 -23.79
C THR A 109 28.13 54.68 -23.99
N SER A 110 27.63 54.58 -25.21
CA SER A 110 26.22 54.88 -25.47
C SER A 110 25.31 53.91 -24.73
N HIS A 111 25.67 52.63 -24.69
CA HIS A 111 24.89 51.66 -23.94
C HIS A 111 24.90 51.97 -22.46
N ILE A 112 26.06 52.39 -21.93
CA ILE A 112 26.15 52.74 -20.51
C ILE A 112 25.26 53.92 -20.19
N ASP A 113 25.27 54.95 -21.04
CA ASP A 113 24.39 56.10 -20.83
C ASP A 113 22.92 55.69 -20.92
N GLU A 114 22.57 54.82 -21.86
CA GLU A 114 21.19 54.36 -21.97
C GLU A 114 20.75 53.62 -20.71
N LEU A 115 21.61 52.74 -20.20
CA LEU A 115 21.29 52.02 -18.96
C LEU A 115 21.18 52.98 -17.78
N TYR A 116 22.05 53.99 -17.73
CA TYR A 116 21.98 55.02 -16.70
C TYR A 116 20.63 55.71 -16.72
N GLU A 117 20.20 56.16 -17.91
CA GLU A 117 18.92 56.84 -18.03
C GLU A 117 17.77 55.92 -17.65
N SER A 118 17.83 54.66 -18.08
CA SER A 118 16.75 53.72 -17.75
C SER A 118 16.66 53.49 -16.24
N ALA A 119 17.80 53.36 -15.57
CA ALA A 119 17.80 53.13 -14.13
C ALA A 119 17.49 54.38 -13.33
N LYS A 120 17.66 55.57 -13.91
CA LYS A 120 17.38 56.81 -13.19
C LYS A 120 15.89 56.96 -12.86
N LYS A 121 15.01 56.25 -13.54
CA LYS A 121 13.57 56.39 -13.33
C LYS A 121 13.07 55.70 -12.06
N GLN A 122 13.91 54.91 -11.39
CA GLN A 122 13.46 54.18 -10.21
C GLN A 122 13.18 55.14 -9.05
N SER A 123 12.22 54.75 -8.22
CA SER A 123 11.83 55.58 -7.08
C SER A 123 12.89 55.53 -5.99
N GLY A 124 13.14 54.34 -5.44
CA GLY A 124 14.14 54.17 -4.40
C GLY A 124 13.53 53.59 -3.14
N GLY A 125 14.13 53.95 -2.00
CA GLY A 125 13.67 53.46 -0.73
C GLY A 125 14.41 54.12 0.41
N LYS A 126 14.26 53.54 1.59
CA LYS A 126 14.94 54.06 2.78
C LYS A 126 16.45 53.97 2.60
N VAL A 127 17.15 55.00 3.07
CA VAL A 127 18.59 55.09 2.86
C VAL A 127 19.34 54.52 4.06
N ALA A 128 19.19 55.16 5.23
CA ALA A 128 19.80 54.66 6.46
C ALA A 128 18.77 54.42 7.54
N ASP A 129 18.00 55.44 7.92
CA ASP A 129 16.96 55.39 8.95
C ASP A 129 17.48 54.98 10.32
N TYR A 130 18.80 54.92 10.52
CA TYR A 130 19.34 54.53 11.82
C TYR A 130 20.44 55.46 12.29
N ILE A 131 21.13 56.12 11.37
CA ILE A 131 22.14 57.11 11.74
C ILE A 131 21.95 58.36 10.89
N PRO A 132 22.25 59.55 11.42
CA PRO A 132 22.10 60.78 10.61
C PRO A 132 23.20 60.99 9.59
N GLN A 133 24.35 60.32 9.73
CA GLN A 133 25.44 60.54 8.79
C GLN A 133 25.08 60.08 7.38
N LEU A 134 24.44 58.92 7.27
CA LEU A 134 24.02 58.40 5.97
C LEU A 134 22.59 58.79 5.60
N ALA A 135 21.87 59.46 6.51
CA ALA A 135 20.51 59.90 6.24
C ALA A 135 20.44 61.31 5.69
N LYS A 136 21.57 61.99 5.55
CA LYS A 136 21.61 63.35 5.00
C LYS A 136 21.78 63.38 3.50
N PHE A 137 21.98 62.23 2.86
CA PHE A 137 22.19 62.18 1.41
C PHE A 137 20.85 62.22 0.70
N SER A 138 20.74 63.09 -0.30
CA SER A 138 19.51 63.19 -1.07
C SER A 138 19.32 61.94 -1.93
N PRO A 139 18.11 61.42 -2.02
CA PRO A 139 17.90 60.16 -2.77
C PRO A 139 18.19 60.25 -4.25
N ASP A 140 18.21 61.45 -4.83
CA ASP A 140 18.36 61.57 -6.28
C ASP A 140 19.79 61.40 -6.77
N LEU A 141 20.76 61.26 -5.86
CA LEU A 141 22.14 61.03 -6.27
C LEU A 141 22.26 59.66 -6.92
N TRP A 142 22.94 59.61 -8.06
CA TRP A 142 23.05 58.37 -8.83
C TRP A 142 24.19 58.51 -9.82
N GLY A 143 25.22 57.68 -9.67
CA GLY A 143 26.39 57.78 -10.51
C GLY A 143 26.94 56.41 -10.88
N VAL A 144 27.58 56.35 -12.04
CA VAL A 144 28.16 55.11 -12.57
C VAL A 144 29.54 55.43 -13.11
N SER A 145 30.51 54.55 -12.81
CA SER A 145 31.87 54.72 -13.31
C SER A 145 32.42 53.39 -13.81
N VAL A 146 33.04 53.45 -14.99
CA VAL A 146 33.56 52.28 -15.70
C VAL A 146 35.05 52.50 -15.94
N CYS A 147 35.86 51.49 -15.62
CA CYS A 147 37.29 51.53 -15.94
C CYS A 147 37.70 50.16 -16.47
N THR A 148 38.23 50.13 -17.69
CA THR A 148 38.64 48.88 -18.31
C THR A 148 40.11 48.59 -17.98
N VAL A 149 40.50 47.34 -18.23
CA VAL A 149 41.88 46.94 -17.97
C VAL A 149 42.86 47.63 -18.92
N ASP A 150 42.35 48.18 -20.04
CA ASP A 150 43.20 48.89 -21.01
C ASP A 150 43.53 50.30 -20.47
N GLY A 151 42.68 50.85 -19.61
CA GLY A 151 42.88 52.16 -19.04
C GLY A 151 41.81 53.16 -19.45
N GLN A 152 40.91 52.79 -20.35
CA GLN A 152 39.81 53.66 -20.74
C GLN A 152 38.89 53.91 -19.55
N ARG A 153 38.53 55.17 -19.33
CA ARG A 153 37.73 55.57 -18.20
C ARG A 153 36.48 56.30 -18.67
N HIS A 154 35.36 56.02 -18.01
CA HIS A 154 34.12 56.73 -18.30
C HIS A 154 33.34 56.90 -17.01
N SER A 155 32.55 57.96 -16.94
CA SER A 155 31.78 58.26 -15.75
C SER A 155 30.56 59.08 -16.12
N ILE A 156 29.40 58.68 -15.61
CA ILE A 156 28.14 59.36 -15.87
C ILE A 156 27.42 59.60 -14.56
N GLY A 157 27.05 60.85 -14.30
CA GLY A 157 26.35 61.20 -13.08
C GLY A 157 27.19 62.02 -12.13
N ASP A 158 26.88 61.97 -10.83
CA ASP A 158 27.64 62.68 -9.82
C ASP A 158 28.78 61.78 -9.34
N THR A 159 29.86 61.78 -10.12
CA THR A 159 31.00 60.91 -9.89
C THR A 159 32.01 61.48 -8.90
N LYS A 160 31.91 62.76 -8.54
CA LYS A 160 32.88 63.42 -7.68
C LYS A 160 32.32 63.68 -6.29
N VAL A 161 31.40 62.84 -5.82
CA VAL A 161 30.83 62.96 -4.48
C VAL A 161 31.38 61.81 -3.64
N PRO A 162 32.27 62.07 -2.69
CA PRO A 162 32.82 60.98 -1.87
C PRO A 162 31.76 60.31 -1.01
N PHE A 163 31.95 59.00 -0.78
CA PHE A 163 31.07 58.23 0.07
C PHE A 163 31.88 57.14 0.74
N CYS A 164 31.39 56.69 1.90
CA CYS A 164 32.10 55.71 2.70
C CYS A 164 31.99 54.31 2.10
N LEU A 165 32.88 53.43 2.53
CA LEU A 165 32.93 52.04 2.08
C LEU A 165 32.62 51.15 3.28
N GLN A 166 31.34 50.84 3.48
CA GLN A 166 30.93 50.08 4.66
C GLN A 166 31.30 48.60 4.49
N SER A 167 30.73 47.95 3.48
CA SER A 167 30.99 46.54 3.25
C SER A 167 31.76 46.28 1.97
N CYS A 168 32.12 47.31 1.23
CA CYS A 168 32.92 47.15 0.02
C CYS A 168 34.42 47.05 0.31
N VAL A 169 34.81 47.16 1.58
CA VAL A 169 36.22 47.07 1.95
C VAL A 169 36.63 45.68 2.37
N LYS A 170 35.68 44.77 2.62
CA LYS A 170 36.02 43.41 3.00
C LYS A 170 36.83 42.68 1.93
N PRO A 171 36.46 42.69 0.65
CA PRO A 171 37.34 42.05 -0.35
C PRO A 171 38.74 42.67 -0.38
N LEU A 172 38.85 43.98 -0.21
CA LEU A 172 40.15 44.63 -0.25
C LEU A 172 41.01 44.23 0.95
N LYS A 173 40.43 44.21 2.15
CA LYS A 173 41.20 43.81 3.31
C LYS A 173 41.57 42.33 3.25
N TYR A 174 40.68 41.49 2.70
CA TYR A 174 41.02 40.09 2.52
C TYR A 174 42.16 39.92 1.53
N ALA A 175 42.14 40.68 0.43
CA ALA A 175 43.24 40.63 -0.53
C ALA A 175 44.55 41.07 0.11
N ILE A 176 44.50 42.13 0.92
CA ILE A 176 45.71 42.60 1.58
C ILE A 176 46.26 41.54 2.53
N ALA A 177 45.36 40.93 3.31
CA ALA A 177 45.79 39.90 4.25
C ALA A 177 46.39 38.69 3.53
N VAL A 178 45.75 38.25 2.44
CA VAL A 178 46.27 37.11 1.69
C VAL A 178 47.63 37.44 1.07
N ASN A 179 47.76 38.65 0.51
CA ASN A 179 49.03 39.04 -0.09
C ASN A 179 50.14 39.10 0.94
N ASP A 180 49.83 39.62 2.14
CA ASP A 180 50.86 39.76 3.15
C ASP A 180 51.24 38.42 3.77
N LEU A 181 50.25 37.58 4.07
CA LEU A 181 50.46 36.38 4.87
C LEU A 181 50.56 35.11 4.05
N GLY A 182 49.55 34.83 3.23
CA GLY A 182 49.50 33.59 2.46
C GLY A 182 48.15 32.94 2.61
N THR A 183 47.75 32.20 1.57
CA THR A 183 46.40 31.62 1.55
C THR A 183 46.21 30.61 2.68
N GLU A 184 47.21 29.75 2.91
CA GLU A 184 47.07 28.72 3.94
C GLU A 184 46.94 29.34 5.33
N TYR A 185 47.79 30.32 5.63
CA TYR A 185 47.74 30.96 6.95
C TYR A 185 46.44 31.75 7.13
N VAL A 186 46.00 32.46 6.09
CA VAL A 186 44.78 33.24 6.20
C VAL A 186 43.57 32.34 6.40
N HIS A 187 43.48 31.24 5.65
CA HIS A 187 42.34 30.34 5.76
C HIS A 187 42.49 29.34 6.89
N ARG A 188 43.62 29.36 7.61
CA ARG A 188 43.72 28.58 8.84
C ARG A 188 42.76 29.08 9.92
N TYR A 189 42.35 30.35 9.86
CA TYR A 189 41.49 30.94 10.87
C TYR A 189 40.05 31.16 10.41
N VAL A 190 39.82 31.27 9.11
CA VAL A 190 38.47 31.48 8.58
C VAL A 190 38.20 30.45 7.49
N GLY A 191 36.93 30.15 7.28
CA GLY A 191 36.50 29.21 6.27
C GLY A 191 36.35 29.86 4.91
N LYS A 192 35.77 29.08 3.98
CA LYS A 192 35.54 29.58 2.63
C LYS A 192 34.19 29.14 2.08
N GLU A 193 33.24 28.80 2.95
CA GLU A 193 31.92 28.34 2.54
C GLU A 193 30.84 29.34 2.94
N PRO A 194 29.82 29.53 2.11
CA PRO A 194 28.71 30.40 2.51
C PRO A 194 27.99 29.83 3.74
N SER A 195 27.58 30.74 4.63
CA SER A 195 26.90 30.32 5.85
C SER A 195 25.45 29.95 5.59
N GLY A 196 24.81 30.54 4.59
CA GLY A 196 23.41 30.31 4.34
C GLY A 196 22.46 31.15 5.18
N LEU A 197 22.99 32.01 6.04
CA LEU A 197 22.15 32.86 6.89
C LEU A 197 22.56 34.32 6.73
N ARG A 198 22.04 35.19 7.59
CA ARG A 198 22.35 36.61 7.50
C ARG A 198 23.81 36.86 7.85
N PHE A 199 24.31 38.02 7.41
CA PHE A 199 25.71 38.38 7.60
C PHE A 199 26.08 38.64 9.05
N ASN A 200 25.12 38.82 9.94
CA ASN A 200 25.39 39.13 11.34
C ASN A 200 24.96 38.02 12.28
N LYS A 201 24.82 36.79 11.77
CA LYS A 201 24.44 35.67 12.63
C LYS A 201 25.57 35.35 13.61
N LEU A 202 25.20 35.01 14.83
CA LEU A 202 26.16 34.71 15.88
C LEU A 202 26.34 33.19 16.02
N PHE A 203 27.05 32.63 15.05
CA PHE A 203 27.37 31.20 15.08
C PHE A 203 28.55 30.94 14.16
N LEU A 204 29.20 29.81 14.40
CA LEU A 204 30.39 29.40 13.66
C LEU A 204 30.14 28.04 13.01
N ASN A 205 31.08 27.62 12.18
CA ASN A 205 30.94 26.37 11.44
C ASN A 205 31.29 25.19 12.33
N GLU A 206 31.45 24.00 11.72
CA GLU A 206 31.75 22.80 12.49
C GLU A 206 33.15 22.82 13.10
N ASP A 207 34.03 23.68 12.61
CA ASP A 207 35.39 23.81 13.13
C ASP A 207 35.55 24.99 14.08
N ASP A 208 34.45 25.60 14.52
CA ASP A 208 34.47 26.77 15.38
C ASP A 208 35.28 27.91 14.75
N LYS A 209 35.05 28.14 13.47
CA LYS A 209 35.68 29.20 12.70
C LYS A 209 34.61 29.97 11.95
N PRO A 210 34.86 31.23 11.62
CA PRO A 210 33.92 31.97 10.77
C PRO A 210 33.75 31.30 9.43
N HIS A 211 32.52 31.36 8.90
CA HIS A 211 32.21 30.62 7.68
C HIS A 211 33.00 31.14 6.48
N ASN A 212 33.16 32.44 6.37
CA ASN A 212 33.88 33.04 5.24
C ASN A 212 34.35 34.42 5.66
N PRO A 213 35.32 35.00 4.94
CA PRO A 213 35.79 36.35 5.26
C PRO A 213 34.83 37.46 4.86
N MET A 214 33.60 37.16 4.44
CA MET A 214 32.64 38.18 4.05
C MET A 214 31.62 38.50 5.13
N VAL A 215 31.33 37.55 6.03
CA VAL A 215 30.44 37.82 7.15
C VAL A 215 31.18 38.69 8.17
N ASN A 216 30.45 39.21 9.15
CA ASN A 216 31.05 40.14 10.11
C ASN A 216 32.16 39.46 10.91
N ALA A 217 31.93 38.23 11.37
CA ALA A 217 32.95 37.53 12.15
C ALA A 217 34.20 37.26 11.31
N GLY A 218 34.02 36.81 10.07
CA GLY A 218 35.17 36.60 9.21
C GLY A 218 35.90 37.89 8.91
N ALA A 219 35.17 38.98 8.71
CA ALA A 219 35.80 40.27 8.48
C ALA A 219 36.62 40.71 9.69
N ILE A 220 36.09 40.50 10.90
CA ILE A 220 36.81 40.87 12.11
C ILE A 220 38.08 40.05 12.24
N VAL A 221 38.00 38.73 11.98
CA VAL A 221 39.19 37.89 12.08
C VAL A 221 40.23 38.30 11.04
N VAL A 222 39.79 38.58 9.80
CA VAL A 222 40.72 38.99 8.76
C VAL A 222 41.39 40.31 9.13
N THR A 223 40.63 41.23 9.70
CA THR A 223 41.23 42.48 10.19
C THR A 223 42.24 42.20 11.28
N SER A 224 41.97 41.22 12.14
CA SER A 224 42.93 40.84 13.17
C SER A 224 44.22 40.29 12.56
N LEU A 225 44.10 39.58 11.44
CA LEU A 225 45.26 38.93 10.84
C LEU A 225 46.29 39.90 10.27
N ILE A 226 45.94 41.18 10.09
CA ILE A 226 46.80 42.13 9.40
C ILE A 226 47.75 42.78 10.40
N LYS A 227 49.05 42.59 10.19
CA LYS A 227 50.11 43.29 10.92
C LYS A 227 49.98 43.10 12.43
N GLN A 228 50.16 41.85 12.85
CA GLN A 228 50.02 41.51 14.25
C GLN A 228 51.08 42.24 15.09
N GLY A 229 50.67 42.67 16.28
CA GLY A 229 51.58 43.29 17.23
C GLY A 229 52.14 44.63 16.81
N VAL A 230 51.32 45.48 16.17
CA VAL A 230 51.74 46.82 15.76
C VAL A 230 50.66 47.81 16.19
N ASN A 231 51.05 49.08 16.28
CA ASN A 231 50.12 50.13 16.66
C ASN A 231 49.06 50.32 15.58
N ASN A 232 47.88 50.78 16.00
CA ASN A 232 46.78 50.96 15.07
C ASN A 232 47.06 52.04 14.04
N ALA A 233 47.82 53.07 14.42
CA ALA A 233 48.16 54.14 13.47
C ALA A 233 48.99 53.60 12.32
N GLU A 234 49.97 52.75 12.62
CA GLU A 234 50.78 52.16 11.55
C GLU A 234 49.95 51.23 10.67
N LYS A 235 49.04 50.47 11.27
CA LYS A 235 48.16 49.61 10.47
C LYS A 235 47.31 50.45 9.52
N PHE A 236 46.74 51.55 10.02
CA PHE A 236 45.91 52.40 9.18
C PHE A 236 46.74 53.05 8.07
N ASP A 237 47.96 53.49 8.38
CA ASP A 237 48.81 54.06 7.34
C ASP A 237 49.15 53.02 6.27
N TYR A 238 49.44 51.79 6.69
CA TYR A 238 49.75 50.73 5.75
C TYR A 238 48.55 50.44 4.84
N VAL A 239 47.37 50.33 5.42
CA VAL A 239 46.18 50.04 4.63
C VAL A 239 45.88 51.20 3.68
N MET A 240 46.05 52.44 4.16
CA MET A 240 45.76 53.59 3.32
C MET A 240 46.73 53.69 2.15
N GLN A 241 48.02 53.43 2.38
CA GLN A 241 48.97 53.48 1.28
C GLN A 241 48.73 52.33 0.30
N PHE A 242 48.33 51.16 0.80
CA PHE A 242 47.97 50.07 -0.09
C PHE A 242 46.77 50.43 -0.95
N LEU A 243 45.76 51.08 -0.36
CA LEU A 243 44.59 51.49 -1.12
C LEU A 243 44.94 52.56 -2.14
N ASN A 244 45.84 53.48 -1.78
CA ASN A 244 46.30 54.48 -2.73
C ASN A 244 47.01 53.83 -3.91
N LYS A 245 47.83 52.82 -3.64
CA LYS A 245 48.48 52.09 -4.72
C LYS A 245 47.45 51.37 -5.59
N MET A 246 46.44 50.76 -4.96
CA MET A 246 45.41 50.05 -5.73
C MET A 246 44.59 51.00 -6.59
N ALA A 247 44.28 52.19 -6.06
CA ALA A 247 43.43 53.15 -6.75
C ALA A 247 44.20 54.03 -7.73
N GLY A 248 45.49 53.82 -7.89
CA GLY A 248 46.28 54.63 -8.80
C GLY A 248 46.42 56.08 -8.37
N ASN A 249 46.66 56.31 -7.07
CA ASN A 249 46.85 57.66 -6.53
C ASN A 249 45.62 58.54 -6.78
N GLU A 250 44.44 57.97 -6.61
CA GLU A 250 43.20 58.72 -6.68
C GLU A 250 42.82 59.20 -5.28
N TYR A 251 41.59 59.70 -5.14
CA TYR A 251 41.14 60.25 -3.86
C TYR A 251 40.67 59.13 -2.94
N VAL A 252 41.35 58.97 -1.81
CA VAL A 252 40.96 58.03 -0.76
C VAL A 252 41.15 58.76 0.57
N GLY A 253 40.05 59.03 1.27
CA GLY A 253 40.13 59.79 2.51
C GLY A 253 39.39 59.16 3.67
N PHE A 254 39.32 59.90 4.78
CA PHE A 254 38.73 59.42 6.02
C PHE A 254 37.54 60.29 6.39
N SER A 255 36.47 59.64 6.85
CA SER A 255 35.25 60.33 7.29
C SER A 255 35.15 60.18 8.80
N ASN A 256 35.58 61.21 9.53
CA ASN A 256 35.63 61.12 10.98
C ASN A 256 34.23 61.02 11.59
N ALA A 257 33.27 61.77 11.04
CA ALA A 257 31.92 61.73 11.57
C ALA A 257 31.30 60.35 11.43
N THR A 258 31.50 59.71 10.27
CA THR A 258 30.98 58.36 10.08
C THR A 258 31.62 57.38 11.04
N PHE A 259 32.93 57.50 11.24
CA PHE A 259 33.62 56.61 12.18
C PHE A 259 33.10 56.79 13.60
N GLN A 260 32.91 58.04 14.02
CA GLN A 260 32.39 58.29 15.37
C GLN A 260 30.98 57.77 15.53
N SER A 261 30.14 57.90 14.49
CA SER A 261 28.78 57.41 14.58
C SER A 261 28.73 55.89 14.59
N GLU A 262 29.63 55.24 13.84
CA GLU A 262 29.62 53.78 13.77
C GLU A 262 30.17 53.16 15.06
N ARG A 263 31.24 53.74 15.62
CA ARG A 263 31.85 53.15 16.80
C ARG A 263 30.95 53.22 18.02
N GLU A 264 29.96 54.12 18.04
CA GLU A 264 29.09 54.31 19.20
C GLU A 264 27.71 53.71 19.01
N SER A 265 27.48 52.98 17.92
CA SER A 265 26.17 52.38 17.67
C SER A 265 26.22 50.91 17.25
N GLY A 266 27.35 50.40 16.79
CA GLY A 266 27.44 49.03 16.35
C GLY A 266 27.82 48.05 17.44
N ASP A 267 26.92 47.84 18.40
CA ASP A 267 27.18 46.90 19.49
C ASP A 267 27.03 45.44 19.08
N ARG A 268 26.36 45.17 17.95
CA ARG A 268 26.34 43.81 17.42
C ARG A 268 27.75 43.35 17.06
N ASN A 269 28.56 44.25 16.52
CA ASN A 269 29.95 43.92 16.25
C ASN A 269 30.71 43.61 17.54
N PHE A 270 30.41 44.34 18.61
CA PHE A 270 31.03 44.05 19.90
C PHE A 270 30.62 42.67 20.41
N ALA A 271 29.34 42.32 20.26
CA ALA A 271 28.89 41.00 20.66
C ALA A 271 29.59 39.91 19.85
N ILE A 272 29.72 40.12 18.54
CA ILE A 272 30.41 39.16 17.69
C ILE A 272 31.87 39.03 18.10
N GLY A 273 32.52 40.15 18.40
CA GLY A 273 33.91 40.10 18.81
C GLY A 273 34.12 39.37 20.13
N TYR A 274 33.25 39.62 21.10
CA TYR A 274 33.34 38.91 22.37
C TYR A 274 33.06 37.42 22.19
N TYR A 275 32.10 37.08 21.33
CA TYR A 275 31.83 35.66 21.05
C TYR A 275 33.03 35.00 20.41
N LEU A 276 33.69 35.68 19.47
CA LEU A 276 34.90 35.14 18.85
C LEU A 276 36.02 34.98 19.88
N LYS A 277 36.17 35.95 20.78
CA LYS A 277 37.21 35.85 21.80
C LYS A 277 36.94 34.70 22.75
N GLU A 278 35.67 34.40 23.02
CA GLU A 278 35.35 33.27 23.89
C GLU A 278 35.79 31.95 23.27
N LYS A 279 35.59 31.79 21.96
CA LYS A 279 35.91 30.55 21.27
C LYS A 279 37.37 30.48 20.84
N LYS A 280 38.18 31.48 21.18
CA LYS A 280 39.61 31.52 20.83
C LYS A 280 39.81 31.44 19.31
N CYS A 281 39.11 32.31 18.59
CA CYS A 281 39.22 32.39 17.14
C CYS A 281 40.24 33.43 16.68
N PHE A 282 40.90 34.12 17.60
CA PHE A 282 41.86 35.15 17.24
C PHE A 282 43.29 34.62 17.31
N PRO A 283 44.20 35.22 16.55
CA PRO A 283 45.62 34.87 16.70
C PRO A 283 46.12 35.24 18.08
N GLU A 284 47.13 34.51 18.54
CA GLU A 284 47.69 34.73 19.87
C GLU A 284 48.26 36.14 19.98
N GLY A 285 47.96 36.81 21.09
CA GLY A 285 48.46 38.15 21.34
C GLY A 285 47.74 39.23 20.57
N THR A 286 46.42 39.32 20.75
CA THR A 286 45.61 40.33 20.09
C THR A 286 44.68 40.99 21.10
N ASP A 287 44.36 42.26 20.85
CA ASP A 287 43.44 43.02 21.68
C ASP A 287 42.14 43.20 20.91
N MET A 288 41.05 42.69 21.48
CA MET A 288 39.77 42.70 20.77
C MET A 288 39.23 44.11 20.59
N VAL A 289 39.35 44.96 21.61
CA VAL A 289 38.79 46.31 21.53
C VAL A 289 39.49 47.12 20.45
N GLY A 290 40.83 47.08 20.44
CA GLY A 290 41.57 47.74 19.38
C GLY A 290 41.28 47.15 18.02
N ILE A 291 41.03 45.84 17.97
CA ILE A 291 40.70 45.19 16.71
C ILE A 291 39.38 45.74 16.16
N LEU A 292 38.38 45.90 17.03
CA LEU A 292 37.10 46.46 16.58
C LEU A 292 37.24 47.93 16.21
N ASP A 293 38.08 48.68 16.94
CA ASP A 293 38.33 50.06 16.56
C ASP A 293 38.95 50.15 15.17
N PHE A 294 39.92 49.29 14.89
CA PHE A 294 40.51 49.24 13.55
C PHE A 294 39.48 48.84 12.50
N TYR A 295 38.59 47.90 12.85
CA TYR A 295 37.54 47.50 11.92
C TYR A 295 36.62 48.66 11.57
N PHE A 296 36.23 49.44 12.58
CA PHE A 296 35.39 50.62 12.33
C PHE A 296 36.13 51.65 11.50
N GLN A 297 37.42 51.86 11.79
CA GLN A 297 38.21 52.81 11.01
C GLN A 297 38.29 52.40 9.55
N LEU A 298 38.50 51.11 9.29
CA LEU A 298 38.52 50.63 7.92
C LEU A 298 37.17 50.80 7.25
N CYS A 299 36.08 50.51 7.98
CA CYS A 299 34.75 50.66 7.41
C CYS A 299 34.39 52.11 7.13
N SER A 300 35.04 53.06 7.79
CA SER A 300 34.73 54.47 7.60
C SER A 300 35.56 55.13 6.51
N ILE A 301 36.42 54.39 5.81
CA ILE A 301 37.19 54.96 4.72
C ILE A 301 36.25 55.34 3.56
N GLU A 302 36.47 56.51 2.99
CA GLU A 302 35.63 57.01 1.91
C GLU A 302 36.45 57.21 0.64
N VAL A 303 35.81 56.94 -0.51
CA VAL A 303 36.40 57.16 -1.81
C VAL A 303 35.34 57.74 -2.73
N THR A 304 35.77 58.22 -3.90
CA THR A 304 34.86 58.64 -4.94
C THR A 304 34.55 57.45 -5.85
N CYS A 305 33.67 57.67 -6.83
CA CYS A 305 33.29 56.59 -7.73
C CYS A 305 34.41 56.26 -8.71
N GLU A 306 35.19 57.26 -9.15
CA GLU A 306 36.30 57.00 -10.05
C GLU A 306 37.35 56.12 -9.39
N SER A 307 37.69 56.42 -8.14
CA SER A 307 38.68 55.62 -7.43
C SER A 307 38.20 54.19 -7.22
N ALA A 308 36.92 54.02 -6.87
CA ALA A 308 36.38 52.69 -6.69
C ALA A 308 36.37 51.90 -7.99
N SER A 309 36.06 52.57 -9.10
CA SER A 309 36.14 51.91 -10.41
C SER A 309 37.56 51.49 -10.71
N VAL A 310 38.54 52.32 -10.32
CA VAL A 310 39.94 51.96 -10.55
C VAL A 310 40.34 50.75 -9.71
N MET A 311 39.87 50.68 -8.45
CA MET A 311 40.15 49.49 -7.64
C MET A 311 39.52 48.24 -8.24
N ALA A 312 38.28 48.36 -8.72
CA ALA A 312 37.63 47.21 -9.35
C ALA A 312 38.39 46.77 -10.60
N ALA A 313 38.86 47.73 -11.40
CA ALA A 313 39.64 47.39 -12.58
C ALA A 313 40.98 46.76 -12.20
N THR A 314 41.57 47.21 -11.10
CA THR A 314 42.80 46.58 -10.62
C THR A 314 42.56 45.13 -10.25
N LEU A 315 41.45 44.84 -9.55
CA LEU A 315 41.11 43.46 -9.26
C LEU A 315 40.86 42.67 -10.53
N ALA A 316 40.21 43.29 -11.52
CA ALA A 316 39.93 42.60 -12.78
C ALA A 316 41.22 42.25 -13.52
N ASN A 317 42.18 43.17 -13.53
CA ASN A 317 43.40 42.98 -14.32
C ASN A 317 44.31 41.91 -13.73
N GLY A 318 44.14 41.57 -12.45
CA GLY A 318 44.96 40.54 -11.84
C GLY A 318 46.12 41.08 -11.05
N GLY A 319 45.89 42.15 -10.29
CA GLY A 319 46.90 42.74 -9.45
C GLY A 319 47.72 43.84 -10.08
N PHE A 320 47.55 44.09 -11.38
CA PHE A 320 48.28 45.14 -12.07
C PHE A 320 47.35 46.33 -12.26
N CYS A 321 47.78 47.48 -11.77
CA CYS A 321 46.95 48.69 -11.86
C CYS A 321 46.80 49.11 -13.32
N PRO A 322 45.58 49.31 -13.81
CA PRO A 322 45.40 49.70 -15.21
C PRO A 322 45.99 51.06 -15.56
N ILE A 323 46.23 51.93 -14.57
CA ILE A 323 46.72 53.27 -14.83
C ILE A 323 48.24 53.30 -14.71
N THR A 324 48.75 52.97 -13.53
CA THR A 324 50.19 53.03 -13.30
C THR A 324 50.93 51.86 -13.93
N GLY A 325 50.30 50.69 -14.00
CA GLY A 325 50.94 49.51 -14.56
C GLY A 325 51.81 48.74 -13.60
N GLU A 326 51.90 49.15 -12.34
CA GLU A 326 52.73 48.47 -11.35
C GLU A 326 51.92 47.39 -10.64
N ARG A 327 52.59 46.28 -10.33
CA ARG A 327 51.94 45.19 -9.64
C ARG A 327 51.69 45.56 -8.18
N VAL A 328 50.48 45.31 -7.70
CA VAL A 328 50.11 45.61 -6.33
C VAL A 328 49.62 44.39 -5.56
N LEU A 329 49.11 43.37 -6.23
CA LEU A 329 48.63 42.17 -5.55
C LEU A 329 49.12 40.94 -6.30
N SER A 330 49.37 39.86 -5.56
CA SER A 330 49.74 38.60 -6.17
C SER A 330 48.53 38.01 -6.90
N PRO A 331 48.78 37.23 -7.96
CA PRO A 331 47.65 36.62 -8.68
C PRO A 331 46.79 35.71 -7.81
N GLU A 332 47.39 35.00 -6.88
CA GLU A 332 46.61 34.13 -6.00
C GLU A 332 45.68 34.94 -5.11
N ALA A 333 46.13 36.11 -4.65
CA ALA A 333 45.30 36.94 -3.79
C ALA A 333 44.05 37.41 -4.52
N VAL A 334 44.23 37.94 -5.74
CA VAL A 334 43.07 38.42 -6.50
C VAL A 334 42.18 37.25 -6.92
N ARG A 335 42.77 36.09 -7.22
CA ARG A 335 41.94 34.94 -7.58
C ARG A 335 41.08 34.49 -6.41
N ASN A 336 41.66 34.41 -5.21
CA ASN A 336 40.89 34.03 -4.04
C ASN A 336 39.83 35.08 -3.71
N THR A 337 40.17 36.35 -3.86
CA THR A 337 39.20 37.41 -3.60
C THR A 337 38.01 37.32 -4.56
N LEU A 338 38.28 37.10 -5.85
CA LEU A 338 37.20 36.96 -6.81
C LEU A 338 36.35 35.73 -6.53
N SER A 339 36.99 34.62 -6.16
CA SER A 339 36.22 33.42 -5.83
C SER A 339 35.32 33.65 -4.63
N LEU A 340 35.83 34.31 -3.58
CA LEU A 340 35.02 34.60 -2.41
C LEU A 340 33.87 35.55 -2.75
N MET A 341 34.15 36.56 -3.57
CA MET A 341 33.10 37.50 -3.96
C MET A 341 32.01 36.81 -4.77
N HIS A 342 32.39 35.91 -5.67
CA HIS A 342 31.40 35.17 -6.45
C HIS A 342 30.60 34.22 -5.56
N SER A 343 31.25 33.60 -4.59
CA SER A 343 30.57 32.60 -3.76
C SER A 343 29.60 33.27 -2.78
N CYS A 344 30.11 34.17 -1.94
CA CYS A 344 29.32 34.76 -0.86
C CYS A 344 29.54 36.27 -0.80
N GLY A 345 29.48 36.93 -1.95
CA GLY A 345 29.63 38.37 -1.97
C GLY A 345 28.39 39.13 -1.58
N MET A 346 27.21 38.56 -1.83
CA MET A 346 25.94 39.20 -1.50
C MET A 346 25.20 38.47 -0.39
N TYR A 347 25.92 37.73 0.44
CA TYR A 347 25.38 37.02 1.62
C TYR A 347 24.37 35.98 1.10
N ASP A 348 23.24 35.78 1.78
CA ASP A 348 22.29 34.75 1.38
C ASP A 348 21.71 35.00 0.00
N PHE A 349 21.68 36.26 -0.46
CA PHE A 349 21.20 36.58 -1.80
C PHE A 349 22.22 36.25 -2.88
N SER A 350 23.48 35.99 -2.51
CA SER A 350 24.53 35.79 -3.50
C SER A 350 24.24 34.59 -4.41
N GLY A 351 23.47 33.62 -3.92
CA GLY A 351 23.08 32.51 -4.77
C GLY A 351 22.17 32.94 -5.91
N GLN A 352 21.22 33.83 -5.62
CA GLN A 352 20.30 34.29 -6.65
C GLN A 352 20.95 35.30 -7.58
N PHE A 353 21.79 36.18 -7.04
CA PHE A 353 22.44 37.19 -7.87
C PHE A 353 23.27 36.54 -8.97
N ALA A 354 24.11 35.57 -8.61
CA ALA A 354 24.90 34.86 -9.60
C ALA A 354 24.03 34.10 -10.59
N PHE A 355 22.77 33.81 -10.23
CA PHE A 355 21.87 33.16 -11.17
C PHE A 355 21.38 34.14 -12.23
N HIS A 356 21.30 35.43 -11.89
CA HIS A 356 20.77 36.44 -12.81
C HIS A 356 21.87 37.28 -13.46
N VAL A 357 22.90 37.64 -12.71
CA VAL A 357 24.00 38.44 -13.22
C VAL A 357 25.25 37.61 -13.45
N GLY A 358 25.63 36.80 -12.46
CA GLY A 358 26.81 35.96 -12.60
C GLY A 358 28.12 36.70 -12.68
N LEU A 359 28.31 37.73 -11.85
CA LEU A 359 29.54 38.49 -11.80
C LEU A 359 29.95 38.71 -10.35
N PRO A 360 31.25 38.82 -10.08
CA PRO A 360 31.70 39.14 -8.72
C PRO A 360 31.39 40.57 -8.33
N ALA A 361 30.44 40.76 -7.41
CA ALA A 361 30.02 42.09 -7.00
C ALA A 361 29.90 42.15 -5.48
N LYS A 362 30.16 43.33 -4.94
CA LYS A 362 30.06 43.58 -3.50
C LYS A 362 29.17 44.80 -3.27
N SER A 363 28.31 44.72 -2.25
CA SER A 363 27.33 45.75 -1.96
C SER A 363 27.59 46.31 -0.56
N GLY A 364 27.54 47.64 -0.45
CA GLY A 364 27.75 48.31 0.80
C GLY A 364 26.47 48.95 1.34
N VAL A 365 26.55 49.36 2.62
CA VAL A 365 25.41 50.01 3.26
C VAL A 365 25.18 51.40 2.66
N ALA A 366 26.26 52.07 2.22
CA ALA A 366 26.16 53.41 1.65
C ALA A 366 25.67 53.42 0.22
N GLY A 367 25.03 52.34 -0.22
CA GLY A 367 24.50 52.26 -1.57
C GLY A 367 25.55 52.23 -2.66
N GLY A 368 26.61 51.43 -2.48
CA GLY A 368 27.62 51.30 -3.50
C GLY A 368 27.78 49.86 -3.97
N ILE A 369 27.61 49.63 -5.26
CA ILE A 369 27.79 48.31 -5.86
C ILE A 369 29.08 48.34 -6.65
N LEU A 370 30.06 47.54 -6.21
CA LEU A 370 31.35 47.43 -6.87
C LEU A 370 31.40 46.07 -7.55
N LEU A 371 31.37 46.06 -8.88
CA LEU A 371 31.36 44.81 -9.63
C LEU A 371 32.59 44.72 -10.51
N VAL A 372 33.05 43.49 -10.73
CA VAL A 372 34.26 43.22 -11.49
C VAL A 372 33.94 42.23 -12.59
N VAL A 373 34.13 42.63 -13.84
CA VAL A 373 34.04 41.72 -14.98
C VAL A 373 35.46 41.23 -15.28
N PRO A 374 35.78 39.97 -15.00
CA PRO A 374 37.19 39.54 -15.07
C PRO A 374 37.77 39.72 -16.46
N ASN A 375 39.03 40.15 -16.48
CA ASN A 375 39.82 40.39 -17.69
C ASN A 375 39.20 41.45 -18.60
N VAL A 376 38.15 42.14 -18.15
CA VAL A 376 37.47 43.10 -19.00
C VAL A 376 37.37 44.47 -18.35
N MET A 377 36.76 44.55 -17.17
CA MET A 377 36.29 45.85 -16.71
C MET A 377 36.05 45.84 -15.21
N GLY A 378 35.97 47.03 -14.64
CA GLY A 378 35.55 47.23 -13.27
C GLY A 378 34.60 48.41 -13.16
N MET A 379 33.49 48.23 -12.46
CA MET A 379 32.44 49.23 -12.40
C MET A 379 32.06 49.53 -10.96
N MET A 380 31.73 50.79 -10.70
CA MET A 380 31.17 51.21 -9.42
C MET A 380 29.91 52.02 -9.66
N CYS A 381 28.83 51.63 -8.99
CA CYS A 381 27.54 52.31 -9.11
C CYS A 381 27.13 52.80 -7.72
N TRP A 382 26.91 54.10 -7.58
CA TRP A 382 26.53 54.70 -6.31
C TRP A 382 25.12 55.23 -6.37
N SER A 383 24.29 54.83 -5.41
CA SER A 383 22.92 55.30 -5.24
C SER A 383 22.54 55.18 -3.77
N PRO A 384 22.33 56.30 -3.08
CA PRO A 384 22.05 56.26 -1.64
C PRO A 384 20.87 55.37 -1.27
N PRO A 385 19.70 55.51 -1.89
CA PRO A 385 18.54 54.75 -1.40
C PRO A 385 18.73 53.25 -1.55
N LEU A 386 18.17 52.51 -0.61
CA LEU A 386 18.34 51.07 -0.51
C LEU A 386 17.00 50.37 -0.52
N ASP A 387 17.02 49.08 -0.87
CA ASP A 387 15.83 48.24 -0.83
C ASP A 387 15.74 47.56 0.54
N LYS A 388 14.88 46.55 0.65
CA LYS A 388 14.61 45.95 1.95
C LYS A 388 15.78 45.10 2.45
N MET A 389 16.62 44.57 1.56
CA MET A 389 17.69 43.67 1.95
C MET A 389 19.05 44.36 2.01
N GLY A 390 19.09 45.68 1.99
CA GLY A 390 20.34 46.40 2.17
C GLY A 390 21.14 46.66 0.91
N ASN A 391 20.51 46.61 -0.26
CA ASN A 391 21.17 46.90 -1.52
C ASN A 391 20.47 48.05 -2.21
N SER A 392 21.24 48.86 -2.93
CA SER A 392 20.65 49.96 -3.71
C SER A 392 19.81 49.40 -4.83
N VAL A 393 18.55 49.81 -4.88
CA VAL A 393 17.63 49.29 -5.90
C VAL A 393 18.07 49.71 -7.29
N LYS A 394 18.50 50.96 -7.44
CA LYS A 394 18.93 51.45 -8.75
C LYS A 394 20.19 50.72 -9.22
N GLY A 395 21.11 50.44 -8.30
CA GLY A 395 22.30 49.68 -8.68
C GLY A 395 21.99 48.27 -9.13
N ILE A 396 21.07 47.61 -8.42
CA ILE A 396 20.66 46.25 -8.81
C ILE A 396 19.98 46.27 -10.16
N HIS A 397 19.11 47.26 -10.40
CA HIS A 397 18.47 47.39 -11.70
C HIS A 397 19.49 47.62 -12.80
N PHE A 398 20.50 48.46 -12.53
CA PHE A 398 21.55 48.69 -13.52
C PHE A 398 22.32 47.42 -13.82
N CYS A 399 22.64 46.64 -12.78
CA CYS A 399 23.36 45.38 -13.00
C CYS A 399 22.54 44.41 -13.84
N HIS A 400 21.24 44.28 -13.53
CA HIS A 400 20.39 43.37 -14.28
C HIS A 400 20.27 43.81 -15.73
N ASP A 401 20.08 45.11 -15.97
CA ASP A 401 19.97 45.60 -17.35
C ASP A 401 21.28 45.42 -18.10
N LEU A 402 22.42 45.64 -17.42
CA LEU A 402 23.72 45.44 -18.06
C LEU A 402 23.92 43.99 -18.46
N VAL A 403 23.57 43.05 -17.57
CA VAL A 403 23.76 41.64 -17.90
C VAL A 403 22.73 41.17 -18.93
N SER A 404 21.59 41.85 -19.04
CA SER A 404 20.65 41.52 -20.10
C SER A 404 21.08 42.09 -21.44
N LEU A 405 21.78 43.21 -21.45
CA LEU A 405 22.20 43.84 -22.70
C LEU A 405 23.41 43.13 -23.28
N CYS A 406 24.52 43.10 -22.55
CA CYS A 406 25.72 42.41 -23.00
C CYS A 406 25.75 40.99 -22.43
N ASN A 407 26.52 40.13 -23.08
CA ASN A 407 26.59 38.73 -22.68
C ASN A 407 27.14 38.59 -21.27
N PHE A 408 28.42 38.94 -21.08
CA PHE A 408 29.12 38.88 -19.79
C PHE A 408 28.84 37.52 -19.16
N HIS A 409 28.44 37.46 -17.89
CA HIS A 409 28.11 36.21 -17.20
C HIS A 409 29.26 35.20 -17.26
N PHE B 100 39.38 23.73 -34.30
CA PHE B 100 38.97 22.89 -33.18
C PHE B 100 39.33 23.55 -31.85
N VAL B 101 38.66 23.10 -30.78
CA VAL B 101 38.91 23.66 -29.45
C VAL B 101 40.33 23.37 -29.00
N ILE B 102 40.80 22.14 -29.21
CA ILE B 102 42.16 21.75 -28.88
C ILE B 102 42.91 21.56 -30.20
N PRO B 103 43.80 22.48 -30.57
CA PRO B 103 44.48 22.36 -31.88
C PRO B 103 45.31 21.11 -32.03
N ASP B 104 45.93 20.61 -30.95
CA ASP B 104 46.80 19.46 -31.03
C ASP B 104 46.13 18.17 -30.57
N PHE B 105 45.58 18.16 -29.37
CA PHE B 105 44.95 16.97 -28.77
C PHE B 105 45.88 15.77 -28.73
N MET B 106 47.20 16.01 -28.77
CA MET B 106 48.19 14.95 -28.65
C MET B 106 49.01 15.09 -27.37
N SER B 107 49.54 16.29 -27.09
CA SER B 107 50.17 16.52 -25.80
C SER B 107 49.14 16.58 -24.68
N PHE B 108 47.93 17.05 -24.98
CA PHE B 108 46.87 17.06 -23.98
C PHE B 108 46.50 15.65 -23.56
N THR B 109 46.47 14.72 -24.51
CA THR B 109 46.19 13.32 -24.17
C THR B 109 47.29 12.74 -23.28
N SER B 110 48.54 13.09 -23.55
CA SER B 110 49.64 12.66 -22.70
C SER B 110 49.51 13.24 -21.29
N HIS B 111 49.10 14.52 -21.20
CA HIS B 111 48.88 15.12 -19.89
C HIS B 111 47.77 14.41 -19.14
N ILE B 112 46.69 14.06 -19.84
CA ILE B 112 45.58 13.34 -19.22
C ILE B 112 46.04 11.98 -18.73
N ASP B 113 46.84 11.29 -19.54
CA ASP B 113 47.36 9.99 -19.12
C ASP B 113 48.25 10.11 -17.89
N GLU B 114 49.11 11.13 -17.86
CA GLU B 114 49.96 11.35 -16.69
C GLU B 114 49.12 11.64 -15.45
N LEU B 115 48.07 12.44 -15.62
CA LEU B 115 47.14 12.70 -14.52
C LEU B 115 46.49 11.42 -14.03
N TYR B 116 46.09 10.56 -14.96
CA TYR B 116 45.48 9.28 -14.60
C TYR B 116 46.44 8.42 -13.78
N GLU B 117 47.68 8.30 -14.24
CA GLU B 117 48.66 7.49 -13.51
C GLU B 117 48.96 8.10 -12.14
N SER B 118 49.04 9.43 -12.06
CA SER B 118 49.28 10.08 -10.77
C SER B 118 48.14 9.82 -9.79
N ALA B 119 46.90 9.91 -10.27
CA ALA B 119 45.74 9.69 -9.40
C ALA B 119 45.52 8.23 -9.07
N LYS B 120 46.02 7.31 -9.89
CA LYS B 120 45.81 5.88 -9.65
C LYS B 120 46.51 5.41 -8.37
N LYS B 121 47.50 6.13 -7.87
CA LYS B 121 48.28 5.68 -6.74
C LYS B 121 47.55 5.84 -5.40
N GLN B 122 46.40 6.49 -5.39
CA GLN B 122 45.65 6.67 -4.14
C GLN B 122 45.11 5.33 -3.64
N SER B 123 45.00 5.22 -2.32
CA SER B 123 44.53 3.98 -1.71
C SER B 123 43.00 3.87 -1.79
N GLY B 124 42.29 4.80 -1.18
CA GLY B 124 40.84 4.81 -1.26
C GLY B 124 40.14 4.76 0.08
N GLY B 125 38.88 4.37 0.07
CA GLY B 125 38.09 4.28 1.28
C GLY B 125 36.91 3.35 1.07
N LYS B 126 35.85 3.59 1.83
CA LYS B 126 34.65 2.77 1.71
C LYS B 126 33.90 3.11 0.43
N VAL B 127 33.02 2.21 0.01
CA VAL B 127 32.35 2.37 -1.27
C VAL B 127 30.87 2.71 -1.10
N ALA B 128 30.09 1.77 -0.56
CA ALA B 128 28.66 2.01 -0.33
C ALA B 128 28.27 1.83 1.12
N ASP B 129 28.53 0.66 1.70
CA ASP B 129 28.24 0.34 3.10
C ASP B 129 26.75 0.39 3.44
N TYR B 130 25.88 0.61 2.44
CA TYR B 130 24.46 0.68 2.76
C TYR B 130 23.62 -0.23 1.87
N ILE B 131 24.04 -0.46 0.63
CA ILE B 131 23.35 -1.42 -0.23
C ILE B 131 24.36 -2.35 -0.87
N PRO B 132 24.01 -3.62 -1.13
CA PRO B 132 24.99 -4.55 -1.72
C PRO B 132 25.24 -4.32 -3.20
N GLN B 133 24.35 -3.61 -3.90
CA GLN B 133 24.54 -3.42 -5.34
C GLN B 133 25.77 -2.56 -5.64
N LEU B 134 25.99 -1.50 -4.86
CA LEU B 134 27.16 -0.66 -5.04
C LEU B 134 28.33 -1.08 -4.17
N ALA B 135 28.15 -2.04 -3.28
CA ALA B 135 29.22 -2.51 -2.41
C ALA B 135 30.00 -3.68 -2.98
N LYS B 136 29.62 -4.17 -4.16
CA LYS B 136 30.30 -5.28 -4.80
C LYS B 136 31.36 -4.83 -5.80
N PHE B 137 31.54 -3.53 -5.99
CA PHE B 137 32.52 -3.03 -6.94
C PHE B 137 33.90 -3.00 -6.31
N SER B 138 34.88 -3.56 -7.00
CA SER B 138 36.24 -3.60 -6.46
C SER B 138 36.85 -2.20 -6.46
N PRO B 139 37.65 -1.87 -5.44
CA PRO B 139 38.27 -0.54 -5.40
C PRO B 139 39.24 -0.28 -6.55
N ASP B 140 39.75 -1.31 -7.20
CA ASP B 140 40.73 -1.13 -8.27
C ASP B 140 40.14 -0.48 -9.51
N LEU B 141 38.81 -0.42 -9.63
CA LEU B 141 38.19 0.19 -10.80
C LEU B 141 38.42 1.70 -10.78
N TRP B 142 38.90 2.24 -11.90
CA TRP B 142 39.22 3.66 -11.99
C TRP B 142 39.30 4.04 -13.46
N GLY B 143 38.42 4.91 -13.90
CA GLY B 143 38.35 5.27 -15.31
C GLY B 143 38.09 6.76 -15.50
N VAL B 144 38.58 7.27 -16.63
CA VAL B 144 38.44 8.67 -16.98
C VAL B 144 38.03 8.77 -18.44
N SER B 145 37.03 9.60 -18.74
CA SER B 145 36.59 9.83 -20.11
C SER B 145 36.47 11.32 -20.37
N VAL B 146 36.98 11.77 -21.51
CA VAL B 146 36.97 13.17 -21.90
C VAL B 146 36.38 13.28 -23.30
N CYS B 147 35.46 14.22 -23.49
CA CYS B 147 34.87 14.50 -24.79
C CYS B 147 34.85 16.00 -25.01
N THR B 148 35.54 16.47 -26.04
CA THR B 148 35.54 17.89 -26.34
C THR B 148 34.26 18.27 -27.06
N VAL B 149 33.97 19.58 -27.07
CA VAL B 149 32.76 20.08 -27.70
C VAL B 149 32.77 19.93 -29.22
N ASP B 150 33.92 19.59 -29.80
CA ASP B 150 34.04 19.42 -31.24
C ASP B 150 34.01 17.96 -31.69
N GLY B 151 33.81 17.02 -30.76
CA GLY B 151 33.65 15.62 -31.10
C GLY B 151 34.81 14.73 -30.72
N GLN B 152 35.98 15.30 -30.42
CA GLN B 152 37.14 14.50 -30.07
C GLN B 152 36.92 13.80 -28.73
N ARG B 153 37.30 12.53 -28.66
CA ARG B 153 37.07 11.70 -27.48
C ARG B 153 38.37 11.04 -27.05
N HIS B 154 38.45 10.71 -25.76
CA HIS B 154 39.60 9.97 -25.24
C HIS B 154 39.24 9.35 -23.91
N SER B 155 39.45 8.04 -23.77
CA SER B 155 39.11 7.32 -22.56
C SER B 155 40.31 6.52 -22.07
N ILE B 156 40.54 6.53 -20.76
CA ILE B 156 41.64 5.81 -20.14
C ILE B 156 41.08 4.98 -19.00
N GLY B 157 41.40 3.69 -18.99
CA GLY B 157 41.03 2.83 -17.88
C GLY B 157 39.77 2.03 -18.11
N ASP B 158 39.05 1.74 -17.02
CA ASP B 158 37.80 0.97 -17.09
C ASP B 158 36.66 1.92 -17.37
N THR B 159 36.57 2.34 -18.63
CA THR B 159 35.54 3.27 -19.09
C THR B 159 34.40 2.57 -19.81
N LYS B 160 34.33 1.24 -19.72
CA LYS B 160 33.26 0.47 -20.35
C LYS B 160 32.43 -0.31 -19.33
N VAL B 161 32.54 0.00 -18.06
CA VAL B 161 31.80 -0.68 -16.99
C VAL B 161 30.60 0.18 -16.62
N PRO B 162 29.38 -0.28 -16.81
CA PRO B 162 28.21 0.54 -16.46
C PRO B 162 28.11 0.80 -14.97
N PHE B 163 27.57 1.96 -14.63
CA PHE B 163 27.33 2.34 -13.24
C PHE B 163 26.15 3.29 -13.19
N CYS B 164 25.45 3.29 -12.05
CA CYS B 164 24.22 4.07 -11.92
C CYS B 164 24.52 5.55 -11.71
N LEU B 165 23.67 6.39 -12.30
CA LEU B 165 23.74 7.84 -12.08
C LEU B 165 22.94 8.17 -10.83
N GLN B 166 23.58 7.96 -9.68
CA GLN B 166 22.89 8.13 -8.40
C GLN B 166 22.45 9.57 -8.18
N SER B 167 23.42 10.48 -8.09
CA SER B 167 23.13 11.90 -7.87
C SER B 167 23.58 12.78 -9.02
N CYS B 168 24.12 12.21 -10.09
CA CYS B 168 24.50 12.98 -11.27
C CYS B 168 23.33 13.21 -12.21
N VAL B 169 22.15 12.67 -11.90
CA VAL B 169 20.97 12.88 -12.72
C VAL B 169 20.22 14.15 -12.35
N LYS B 170 20.50 14.75 -11.20
CA LYS B 170 19.81 15.97 -10.79
C LYS B 170 20.01 17.12 -11.76
N PRO B 171 21.22 17.46 -12.21
CA PRO B 171 21.35 18.51 -13.22
C PRO B 171 20.60 18.18 -14.50
N LEU B 172 20.63 16.91 -14.93
CA LEU B 172 19.94 16.53 -16.16
C LEU B 172 18.44 16.65 -16.02
N LYS B 173 17.89 16.21 -14.89
CA LYS B 173 16.44 16.30 -14.70
C LYS B 173 16.00 17.75 -14.55
N TYR B 174 16.82 18.58 -13.90
CA TYR B 174 16.50 20.01 -13.81
C TYR B 174 16.52 20.66 -15.19
N ALA B 175 17.51 20.31 -16.02
CA ALA B 175 17.55 20.85 -17.38
C ALA B 175 16.35 20.41 -18.19
N ILE B 176 15.94 19.14 -18.04
CA ILE B 176 14.77 18.64 -18.76
C ILE B 176 13.53 19.42 -18.33
N ALA B 177 13.36 19.61 -17.01
CA ALA B 177 12.18 20.31 -16.52
C ALA B 177 12.15 21.76 -16.99
N VAL B 178 13.30 22.44 -16.95
CA VAL B 178 13.35 23.83 -17.39
C VAL B 178 13.07 23.93 -18.88
N ASN B 179 13.64 23.02 -19.68
CA ASN B 179 13.41 23.05 -21.11
C ASN B 179 11.94 22.80 -21.44
N ASP B 180 11.31 21.87 -20.73
CA ASP B 180 9.90 21.56 -21.02
C ASP B 180 8.98 22.68 -20.57
N LEU B 181 9.19 23.22 -19.37
CA LEU B 181 8.23 24.10 -18.74
C LEU B 181 8.60 25.58 -18.85
N GLY B 182 9.80 25.94 -18.43
CA GLY B 182 10.24 27.32 -18.46
C GLY B 182 10.92 27.72 -17.16
N THR B 183 11.81 28.69 -17.25
CA THR B 183 12.57 29.10 -16.07
C THR B 183 11.67 29.69 -14.99
N GLU B 184 10.71 30.53 -15.39
CA GLU B 184 9.86 31.18 -14.40
C GLU B 184 8.88 30.21 -13.74
N TYR B 185 8.44 29.18 -14.46
CA TYR B 185 7.52 28.21 -13.89
C TYR B 185 8.23 27.23 -12.96
N VAL B 186 9.45 26.81 -13.33
CA VAL B 186 10.17 25.84 -12.53
C VAL B 186 10.57 26.43 -11.18
N HIS B 187 11.07 27.65 -11.18
CA HIS B 187 11.53 28.29 -9.95
C HIS B 187 10.39 28.88 -9.13
N ARG B 188 9.16 28.80 -9.62
CA ARG B 188 8.01 29.13 -8.78
C ARG B 188 7.84 28.15 -7.63
N TYR B 189 8.40 26.93 -7.76
CA TYR B 189 8.27 25.91 -6.73
C TYR B 189 9.56 25.64 -5.96
N VAL B 190 10.72 25.96 -6.52
CA VAL B 190 12.00 25.75 -5.86
C VAL B 190 12.82 27.03 -5.93
N GLY B 191 13.74 27.17 -4.98
CA GLY B 191 14.63 28.31 -4.93
C GLY B 191 15.86 28.12 -5.80
N LYS B 192 16.81 29.04 -5.64
CA LYS B 192 18.05 28.98 -6.41
C LYS B 192 19.25 29.37 -5.55
N GLU B 193 19.17 29.16 -4.24
CA GLU B 193 20.26 29.52 -3.36
C GLU B 193 20.71 28.32 -2.54
N PRO B 194 21.99 28.26 -2.17
CA PRO B 194 22.47 27.15 -1.35
C PRO B 194 21.83 27.16 0.03
N SER B 195 21.55 25.96 0.55
CA SER B 195 20.95 25.84 1.88
C SER B 195 21.98 26.03 2.99
N GLY B 196 23.24 25.69 2.74
CA GLY B 196 24.27 25.77 3.75
C GLY B 196 24.37 24.58 4.68
N LEU B 197 23.55 23.54 4.47
CA LEU B 197 23.60 22.35 5.29
C LEU B 197 23.63 21.10 4.42
N ARG B 198 23.46 19.93 5.03
CA ARG B 198 23.51 18.68 4.28
C ARG B 198 22.32 18.58 3.33
N PHE B 199 22.49 17.73 2.31
CA PHE B 199 21.44 17.57 1.30
C PHE B 199 20.18 16.95 1.89
N ASN B 200 20.34 15.97 2.79
CA ASN B 200 19.19 15.28 3.37
C ASN B 200 18.76 15.95 4.69
N LYS B 201 18.38 17.21 4.56
CA LYS B 201 17.94 18.01 5.70
C LYS B 201 16.48 18.38 5.51
N LEU B 202 15.69 18.24 6.58
CA LEU B 202 14.25 18.48 6.53
C LEU B 202 13.96 19.91 7.00
N PHE B 203 14.19 20.87 6.11
CA PHE B 203 13.84 22.25 6.39
C PHE B 203 13.74 23.02 5.07
N LEU B 204 12.85 23.99 5.05
CA LEU B 204 12.61 24.83 3.89
C LEU B 204 13.04 26.26 4.19
N ASN B 205 13.07 27.09 3.15
CA ASN B 205 13.51 28.48 3.30
C ASN B 205 12.37 29.32 3.87
N GLU B 206 12.55 30.65 3.85
CA GLU B 206 11.55 31.55 4.41
C GLU B 206 10.24 31.53 3.65
N ASP B 207 10.23 31.03 2.41
CA ASP B 207 9.04 30.96 1.59
C ASP B 207 8.40 29.59 1.61
N ASP B 208 8.85 28.69 2.49
CA ASP B 208 8.35 27.31 2.57
C ASP B 208 8.50 26.60 1.22
N LYS B 209 9.68 26.73 0.63
CA LYS B 209 10.03 26.08 -0.62
C LYS B 209 11.40 25.45 -0.49
N PRO B 210 11.70 24.42 -1.26
CA PRO B 210 13.06 23.85 -1.26
C PRO B 210 14.09 24.88 -1.67
N HIS B 211 15.27 24.79 -1.07
CA HIS B 211 16.29 25.82 -1.26
C HIS B 211 16.79 25.85 -2.70
N ASN B 212 17.00 24.69 -3.32
CA ASN B 212 17.57 24.63 -4.65
C ASN B 212 17.24 23.26 -5.24
N PRO B 213 17.35 23.11 -6.57
CA PRO B 213 17.04 21.81 -7.19
C PRO B 213 18.11 20.75 -6.98
N MET B 214 19.12 21.05 -6.16
CA MET B 214 20.20 20.10 -5.92
C MET B 214 20.02 19.30 -4.64
N VAL B 215 19.35 19.85 -3.63
CA VAL B 215 19.07 19.10 -2.41
C VAL B 215 17.97 18.09 -2.72
N ASN B 216 17.74 17.16 -1.78
CA ASN B 216 16.78 16.09 -2.03
C ASN B 216 15.36 16.63 -2.22
N ALA B 217 14.97 17.63 -1.42
CA ALA B 217 13.64 18.20 -1.55
C ALA B 217 13.44 18.85 -2.92
N GLY B 218 14.44 19.64 -3.36
CA GLY B 218 14.35 20.26 -4.66
C GLY B 218 14.33 19.23 -5.78
N ALA B 219 15.12 18.16 -5.64
CA ALA B 219 15.11 17.11 -6.65
C ALA B 219 13.75 16.43 -6.73
N ILE B 220 13.12 16.18 -5.57
CA ILE B 220 11.80 15.55 -5.57
C ILE B 220 10.77 16.46 -6.21
N VAL B 221 10.82 17.77 -5.91
CA VAL B 221 9.86 18.69 -6.52
C VAL B 221 10.07 18.76 -8.02
N VAL B 222 11.32 18.83 -8.48
CA VAL B 222 11.59 18.90 -9.92
C VAL B 222 11.14 17.61 -10.60
N THR B 223 11.30 16.47 -9.93
CA THR B 223 10.76 15.21 -10.45
C THR B 223 9.26 15.31 -10.59
N SER B 224 8.59 15.90 -9.60
CA SER B 224 7.14 16.08 -9.67
C SER B 224 6.74 17.00 -10.81
N LEU B 225 7.63 17.92 -11.20
CA LEU B 225 7.32 18.90 -12.23
C LEU B 225 7.39 18.35 -13.66
N ILE B 226 7.89 17.13 -13.85
CA ILE B 226 8.17 16.61 -15.18
C ILE B 226 6.96 15.81 -15.67
N LYS B 227 6.41 16.21 -16.82
CA LYS B 227 5.38 15.46 -17.54
C LYS B 227 4.16 15.20 -16.65
N GLN B 228 3.52 16.28 -16.24
CA GLN B 228 2.41 16.19 -15.31
C GLN B 228 1.19 15.51 -15.94
N GLY B 229 0.44 14.78 -15.11
CA GLY B 229 -0.78 14.16 -15.56
C GLY B 229 -0.63 12.89 -16.36
N VAL B 230 0.53 12.23 -16.28
CA VAL B 230 0.83 11.07 -17.09
C VAL B 230 1.38 9.98 -16.18
N ASN B 231 1.14 8.72 -16.56
CA ASN B 231 1.61 7.60 -15.76
C ASN B 231 3.14 7.51 -15.79
N ASN B 232 3.67 6.66 -14.91
CA ASN B 232 5.12 6.57 -14.74
C ASN B 232 5.81 5.96 -15.95
N ALA B 233 5.14 5.05 -16.66
CA ALA B 233 5.77 4.39 -17.81
C ALA B 233 6.11 5.39 -18.90
N GLU B 234 5.16 6.28 -19.24
CA GLU B 234 5.43 7.26 -20.28
C GLU B 234 6.41 8.32 -19.81
N LYS B 235 6.38 8.68 -18.52
CA LYS B 235 7.39 9.59 -17.99
C LYS B 235 8.79 9.00 -18.15
N PHE B 236 8.95 7.73 -17.79
CA PHE B 236 10.26 7.09 -17.92
C PHE B 236 10.67 6.98 -19.38
N ASP B 237 9.72 6.67 -20.27
CA ASP B 237 10.04 6.63 -21.69
C ASP B 237 10.52 7.98 -22.20
N TYR B 238 9.83 9.05 -21.79
CA TYR B 238 10.22 10.39 -22.21
C TYR B 238 11.61 10.75 -21.70
N VAL B 239 11.88 10.46 -20.43
CA VAL B 239 13.18 10.78 -19.85
C VAL B 239 14.28 9.97 -20.53
N MET B 240 14.02 8.69 -20.79
CA MET B 240 15.02 7.84 -21.45
C MET B 240 15.29 8.32 -22.87
N GLN B 241 14.25 8.72 -23.61
CA GLN B 241 14.45 9.26 -24.94
C GLN B 241 15.28 10.54 -24.89
N PHE B 242 14.99 11.41 -23.92
CA PHE B 242 15.77 12.63 -23.78
C PHE B 242 17.23 12.34 -23.47
N LEU B 243 17.49 11.37 -22.59
CA LEU B 243 18.85 11.02 -22.24
C LEU B 243 19.58 10.40 -23.44
N ASN B 244 18.90 9.55 -24.20
CA ASN B 244 19.51 8.96 -25.39
C ASN B 244 19.84 10.02 -26.43
N LYS B 245 18.95 11.00 -26.60
CA LYS B 245 19.26 12.11 -27.50
C LYS B 245 20.44 12.92 -27.00
N MET B 246 20.51 13.15 -25.68
CA MET B 246 21.59 13.95 -25.12
C MET B 246 22.92 13.21 -25.17
N ALA B 247 22.92 11.91 -24.89
CA ALA B 247 24.15 11.14 -24.82
C ALA B 247 24.68 10.76 -26.19
N GLY B 248 24.08 11.22 -27.28
CA GLY B 248 24.53 10.85 -28.61
C GLY B 248 24.34 9.40 -28.94
N ASN B 249 23.25 8.79 -28.46
CA ASN B 249 22.92 7.39 -28.73
C ASN B 249 24.03 6.44 -28.28
N GLU B 250 24.62 6.73 -27.11
CA GLU B 250 25.56 5.83 -26.48
C GLU B 250 24.80 4.90 -25.54
N TYR B 251 25.52 4.16 -24.70
CA TYR B 251 24.90 3.17 -23.83
C TYR B 251 24.23 3.85 -22.65
N VAL B 252 22.91 3.76 -22.58
CA VAL B 252 22.12 4.18 -21.43
C VAL B 252 21.12 3.08 -21.12
N GLY B 253 21.10 2.61 -19.88
CA GLY B 253 20.22 1.52 -19.51
C GLY B 253 19.67 1.62 -18.11
N PHE B 254 19.04 0.56 -17.63
CA PHE B 254 18.41 0.53 -16.32
C PHE B 254 18.98 -0.61 -15.49
N SER B 255 19.15 -0.37 -14.19
CA SER B 255 19.66 -1.36 -13.25
C SER B 255 18.54 -1.67 -12.26
N ASN B 256 17.90 -2.83 -12.44
CA ASN B 256 16.72 -3.14 -11.64
C ASN B 256 17.07 -3.45 -10.19
N ALA B 257 18.17 -4.17 -9.96
CA ALA B 257 18.55 -4.54 -8.60
C ALA B 257 18.86 -3.30 -7.76
N THR B 258 19.59 -2.35 -8.35
CA THR B 258 19.82 -1.07 -7.66
C THR B 258 18.51 -0.36 -7.37
N PHE B 259 17.58 -0.39 -8.33
CA PHE B 259 16.28 0.25 -8.14
C PHE B 259 15.55 -0.35 -6.94
N GLN B 260 15.52 -1.68 -6.85
CA GLN B 260 14.86 -2.33 -5.72
C GLN B 260 15.52 -1.96 -4.41
N SER B 261 16.86 -1.99 -4.38
CA SER B 261 17.58 -1.59 -3.18
C SER B 261 17.20 -0.18 -2.75
N GLU B 262 17.09 0.75 -3.70
CA GLU B 262 16.66 2.11 -3.35
C GLU B 262 15.23 2.13 -2.82
N ARG B 263 14.33 1.34 -3.41
CA ARG B 263 12.95 1.30 -2.91
C ARG B 263 12.91 0.89 -1.45
N GLU B 264 13.56 -0.21 -1.10
CA GLU B 264 13.53 -0.65 0.29
C GLU B 264 14.65 -0.07 1.15
N SER B 265 15.35 0.96 0.69
CA SER B 265 16.36 1.61 1.51
C SER B 265 16.15 3.11 1.67
N GLY B 266 15.15 3.70 1.01
CA GLY B 266 14.97 5.14 1.03
C GLY B 266 14.00 5.69 2.05
N ASP B 267 14.30 5.54 3.34
CA ASP B 267 13.41 6.06 4.37
C ASP B 267 13.45 7.58 4.45
N ARG B 268 14.66 8.16 4.34
CA ARG B 268 14.79 9.61 4.42
C ARG B 268 14.04 10.30 3.29
N ASN B 269 14.07 9.71 2.08
CA ASN B 269 13.34 10.29 0.97
C ASN B 269 11.83 10.25 1.21
N PHE B 270 11.32 9.18 1.82
CA PHE B 270 9.91 9.13 2.15
C PHE B 270 9.54 10.18 3.19
N ALA B 271 10.41 10.38 4.20
CA ALA B 271 10.15 11.43 5.19
C ALA B 271 10.12 12.80 4.53
N ILE B 272 11.07 13.06 3.62
CA ILE B 272 11.12 14.34 2.94
C ILE B 272 9.88 14.53 2.06
N GLY B 273 9.45 13.47 1.38
CA GLY B 273 8.26 13.57 0.56
C GLY B 273 7.01 13.87 1.35
N TYR B 274 6.85 13.21 2.50
CA TYR B 274 5.70 13.51 3.35
C TYR B 274 5.76 14.92 3.91
N TYR B 275 6.96 15.38 4.28
CA TYR B 275 7.12 16.74 4.77
C TYR B 275 6.75 17.75 3.68
N LEU B 276 7.18 17.52 2.45
CA LEU B 276 6.83 18.41 1.35
C LEU B 276 5.32 18.37 1.08
N LYS B 277 4.71 17.19 1.14
CA LYS B 277 3.28 17.08 0.90
C LYS B 277 2.48 17.84 1.95
N GLU B 278 2.92 17.79 3.21
CA GLU B 278 2.22 18.51 4.27
C GLU B 278 2.25 20.02 4.03
N LYS B 279 3.39 20.55 3.58
CA LYS B 279 3.56 21.98 3.42
C LYS B 279 3.02 22.50 2.10
N LYS B 280 2.37 21.64 1.30
CA LYS B 280 1.78 22.03 0.01
C LYS B 280 2.82 22.57 -0.95
N CYS B 281 3.92 21.83 -1.09
CA CYS B 281 5.01 22.20 -2.00
C CYS B 281 4.90 21.53 -3.36
N PHE B 282 3.87 20.70 -3.58
CA PHE B 282 3.73 20.00 -4.84
C PHE B 282 2.70 20.68 -5.74
N PRO B 283 2.83 20.53 -7.06
CA PRO B 283 1.79 21.03 -7.96
C PRO B 283 0.47 20.32 -7.72
N GLU B 284 -0.62 21.03 -7.99
CA GLU B 284 -1.95 20.48 -7.73
C GLU B 284 -2.21 19.24 -8.56
N GLY B 285 -2.74 18.20 -7.91
CA GLY B 285 -3.07 16.96 -8.59
C GLY B 285 -1.88 16.04 -8.81
N THR B 286 -1.15 15.74 -7.73
CA THR B 286 0.00 14.85 -7.79
C THR B 286 -0.08 13.82 -6.67
N ASP B 287 0.39 12.61 -6.97
CA ASP B 287 0.49 11.54 -5.99
C ASP B 287 1.94 11.44 -5.53
N MET B 288 2.18 11.66 -4.24
CA MET B 288 3.56 11.73 -3.74
C MET B 288 4.28 10.39 -3.88
N VAL B 289 3.59 9.28 -3.63
CA VAL B 289 4.24 7.98 -3.69
C VAL B 289 4.69 7.67 -5.12
N GLY B 290 3.85 8.01 -6.10
CA GLY B 290 4.26 7.83 -7.49
C GLY B 290 5.46 8.69 -7.84
N ILE B 291 5.50 9.92 -7.33
CA ILE B 291 6.63 10.80 -7.58
C ILE B 291 7.90 10.22 -6.98
N LEU B 292 7.82 9.69 -5.77
CA LEU B 292 8.98 9.07 -5.14
C LEU B 292 9.45 7.83 -5.90
N ASP B 293 8.50 7.02 -6.37
CA ASP B 293 8.86 5.85 -7.17
C ASP B 293 9.55 6.26 -8.47
N PHE B 294 9.05 7.32 -9.12
CA PHE B 294 9.69 7.81 -10.32
C PHE B 294 11.08 8.37 -10.03
N TYR B 295 11.24 9.03 -8.89
CA TYR B 295 12.55 9.52 -8.49
C TYR B 295 13.53 8.37 -8.29
N PHE B 296 13.08 7.30 -7.64
CA PHE B 296 13.93 6.13 -7.46
C PHE B 296 14.28 5.49 -8.81
N GLN B 297 13.32 5.46 -9.74
CA GLN B 297 13.61 4.95 -11.07
C GLN B 297 14.66 5.81 -11.78
N LEU B 298 14.54 7.13 -11.67
CA LEU B 298 15.49 8.03 -12.32
C LEU B 298 16.88 7.88 -11.75
N CYS B 299 16.98 7.72 -10.43
CA CYS B 299 18.29 7.58 -9.80
C CYS B 299 18.99 6.27 -10.18
N SER B 300 18.28 5.31 -10.76
CA SER B 300 18.84 4.01 -11.08
C SER B 300 19.26 3.87 -12.53
N ILE B 301 19.14 4.91 -13.34
CA ILE B 301 19.59 4.85 -14.73
C ILE B 301 21.10 4.75 -14.75
N GLU B 302 21.62 3.78 -15.48
CA GLU B 302 23.05 3.50 -15.54
C GLU B 302 23.62 3.85 -16.89
N VAL B 303 24.86 4.34 -16.87
CA VAL B 303 25.60 4.72 -18.07
C VAL B 303 27.05 4.24 -17.89
N THR B 304 27.86 4.49 -18.91
CA THR B 304 29.29 4.30 -18.86
C THR B 304 29.98 5.67 -18.81
N CYS B 305 31.30 5.66 -18.73
CA CYS B 305 32.04 6.91 -18.74
C CYS B 305 31.93 7.61 -20.09
N GLU B 306 31.80 6.86 -21.18
CA GLU B 306 31.71 7.47 -22.50
C GLU B 306 30.43 8.27 -22.65
N SER B 307 29.28 7.67 -22.31
CA SER B 307 28.00 8.36 -22.46
C SER B 307 27.91 9.57 -21.53
N ALA B 308 28.39 9.43 -20.29
CA ALA B 308 28.36 10.56 -19.37
C ALA B 308 29.29 11.67 -19.84
N SER B 309 30.45 11.32 -20.40
CA SER B 309 31.32 12.33 -20.98
C SER B 309 30.64 13.06 -22.13
N VAL B 310 29.89 12.33 -22.95
CA VAL B 310 29.14 12.96 -24.04
C VAL B 310 28.08 13.91 -23.47
N MET B 311 27.38 13.49 -22.42
CA MET B 311 26.35 14.34 -21.81
C MET B 311 26.97 15.64 -21.29
N ALA B 312 28.10 15.53 -20.60
CA ALA B 312 28.80 16.73 -20.13
C ALA B 312 29.27 17.58 -21.30
N ALA B 313 29.68 16.95 -22.40
CA ALA B 313 30.09 17.72 -23.58
C ALA B 313 28.93 18.51 -24.17
N THR B 314 27.74 17.92 -24.24
CA THR B 314 26.58 18.68 -24.71
C THR B 314 26.23 19.81 -23.75
N LEU B 315 26.36 19.56 -22.44
CA LEU B 315 26.12 20.65 -21.49
C LEU B 315 27.11 21.79 -21.69
N ALA B 316 28.37 21.45 -21.97
CA ALA B 316 29.38 22.48 -22.24
C ALA B 316 29.13 23.19 -23.55
N ASN B 317 28.60 22.49 -24.55
CA ASN B 317 28.40 23.05 -25.88
C ASN B 317 27.17 23.93 -25.99
N GLY B 318 26.28 23.90 -25.01
CA GLY B 318 25.10 24.74 -25.06
C GLY B 318 23.89 24.05 -25.66
N GLY B 319 23.72 22.76 -25.35
CA GLY B 319 22.60 22.00 -25.83
C GLY B 319 22.81 21.30 -27.16
N PHE B 320 23.94 21.51 -27.82
CA PHE B 320 24.23 20.86 -29.09
C PHE B 320 25.15 19.67 -28.82
N CYS B 321 24.71 18.48 -29.21
CA CYS B 321 25.52 17.28 -29.01
C CYS B 321 26.74 17.33 -29.91
N PRO B 322 27.96 17.21 -29.37
CA PRO B 322 29.15 17.30 -30.23
C PRO B 322 29.22 16.22 -31.29
N ILE B 323 28.65 15.05 -31.04
CA ILE B 323 28.73 13.95 -32.00
C ILE B 323 27.69 14.12 -33.11
N THR B 324 26.41 14.11 -32.72
CA THR B 324 25.34 14.19 -33.71
C THR B 324 25.15 15.60 -34.25
N GLY B 325 25.37 16.62 -33.43
CA GLY B 325 25.12 17.99 -33.85
C GLY B 325 23.68 18.43 -33.74
N GLU B 326 22.85 17.70 -33.03
CA GLU B 326 21.43 18.00 -32.89
C GLU B 326 21.19 18.78 -31.61
N ARG B 327 20.46 19.88 -31.71
CA ARG B 327 20.12 20.69 -30.55
C ARG B 327 19.17 19.92 -29.64
N VAL B 328 19.60 19.69 -28.39
CA VAL B 328 18.80 18.94 -27.44
C VAL B 328 18.28 19.80 -26.29
N LEU B 329 18.92 20.93 -26.00
CA LEU B 329 18.50 21.78 -24.89
C LEU B 329 18.53 23.24 -25.32
N SER B 330 17.69 24.05 -24.68
CA SER B 330 17.68 25.48 -24.92
C SER B 330 18.83 26.15 -24.16
N PRO B 331 19.31 27.30 -24.65
CA PRO B 331 20.41 27.98 -23.94
C PRO B 331 20.07 28.34 -22.50
N GLU B 332 18.82 28.73 -22.24
CA GLU B 332 18.44 29.06 -20.86
C GLU B 332 18.55 27.85 -19.94
N ALA B 333 18.16 26.67 -20.43
CA ALA B 333 18.22 25.48 -19.60
C ALA B 333 19.65 25.13 -19.21
N VAL B 334 20.56 25.13 -20.19
CA VAL B 334 21.94 24.77 -19.90
C VAL B 334 22.60 25.84 -19.04
N ARG B 335 22.28 27.12 -19.29
CA ARG B 335 22.85 28.19 -18.48
C ARG B 335 22.41 28.08 -17.03
N ASN B 336 21.12 27.84 -16.80
CA ASN B 336 20.62 27.68 -15.43
C ASN B 336 21.22 26.44 -14.78
N THR B 337 21.35 25.35 -15.53
CA THR B 337 21.94 24.14 -14.97
C THR B 337 23.39 24.36 -14.56
N LEU B 338 24.17 25.04 -15.40
CA LEU B 338 25.56 25.33 -15.06
C LEU B 338 25.65 26.25 -13.85
N SER B 339 24.77 27.26 -13.78
CA SER B 339 24.78 28.15 -12.61
C SER B 339 24.46 27.38 -11.33
N LEU B 340 23.46 26.51 -11.37
CA LEU B 340 23.11 25.73 -10.19
C LEU B 340 24.24 24.77 -9.80
N MET B 341 24.87 24.14 -10.79
CA MET B 341 25.97 23.24 -10.49
C MET B 341 27.15 23.98 -9.88
N HIS B 342 27.43 25.18 -10.37
CA HIS B 342 28.52 25.97 -9.79
C HIS B 342 28.17 26.46 -8.39
N SER B 343 26.89 26.74 -8.13
CA SER B 343 26.50 27.26 -6.82
C SER B 343 26.50 26.15 -5.77
N CYS B 344 25.75 25.08 -6.01
CA CYS B 344 25.54 24.04 -5.01
C CYS B 344 25.65 22.65 -5.63
N GLY B 345 26.63 22.44 -6.51
CA GLY B 345 26.82 21.13 -7.09
C GLY B 345 27.29 20.09 -6.09
N MET B 346 28.19 20.48 -5.19
CA MET B 346 28.77 19.56 -4.22
C MET B 346 28.24 19.78 -2.81
N TYR B 347 27.05 20.38 -2.68
CA TYR B 347 26.35 20.59 -1.40
C TYR B 347 27.22 21.53 -0.55
N ASP B 348 27.33 21.28 0.75
CA ASP B 348 28.05 22.19 1.64
C ASP B 348 29.53 22.27 1.36
N PHE B 349 30.08 21.35 0.55
CA PHE B 349 31.48 21.41 0.15
C PHE B 349 31.68 22.25 -1.12
N SER B 350 30.58 22.60 -1.81
CA SER B 350 30.69 23.19 -3.15
C SER B 350 31.58 24.43 -3.16
N GLY B 351 31.42 25.30 -2.16
CA GLY B 351 32.23 26.51 -2.12
C GLY B 351 33.72 26.20 -2.15
N GLN B 352 34.15 25.25 -1.32
CA GLN B 352 35.55 24.84 -1.34
C GLN B 352 35.97 24.39 -2.73
N PHE B 353 35.10 23.61 -3.39
CA PHE B 353 35.38 23.22 -4.77
C PHE B 353 35.57 24.45 -5.65
N ALA B 354 34.64 25.42 -5.55
CA ALA B 354 34.76 26.64 -6.33
C ALA B 354 35.99 27.44 -5.93
N PHE B 355 36.51 27.22 -4.72
CA PHE B 355 37.72 27.90 -4.32
C PHE B 355 38.96 27.28 -4.96
N HIS B 356 38.92 25.98 -5.26
CA HIS B 356 40.08 25.26 -5.77
C HIS B 356 39.97 24.93 -7.25
N VAL B 357 38.90 24.27 -7.66
CA VAL B 357 38.73 23.89 -9.06
C VAL B 357 37.98 24.97 -9.84
N GLY B 358 36.86 25.44 -9.31
CA GLY B 358 36.08 26.47 -9.97
C GLY B 358 35.44 26.03 -11.27
N LEU B 359 34.91 24.80 -11.30
CA LEU B 359 34.23 24.28 -12.47
C LEU B 359 32.92 23.63 -12.07
N PRO B 360 31.93 23.63 -12.95
CA PRO B 360 30.67 22.94 -12.64
C PRO B 360 30.82 21.43 -12.62
N ALA B 361 30.73 20.83 -11.43
CA ALA B 361 30.87 19.39 -11.28
C ALA B 361 29.80 18.86 -10.35
N LYS B 362 29.37 17.63 -10.62
CA LYS B 362 28.39 16.94 -9.81
C LYS B 362 28.93 15.58 -9.39
N SER B 363 28.70 15.22 -8.14
CA SER B 363 29.24 13.99 -7.56
C SER B 363 28.10 13.10 -7.08
N GLY B 364 28.21 11.80 -7.37
CA GLY B 364 27.25 10.82 -6.93
C GLY B 364 27.85 9.88 -5.89
N VAL B 365 26.96 9.09 -5.27
CA VAL B 365 27.40 8.13 -4.25
C VAL B 365 27.95 6.85 -4.88
N ALA B 366 27.81 6.69 -6.19
CA ALA B 366 28.38 5.54 -6.90
C ALA B 366 29.80 5.81 -7.38
N GLY B 367 30.51 6.73 -6.75
CA GLY B 367 31.87 7.05 -7.14
C GLY B 367 31.98 7.69 -8.50
N GLY B 368 31.11 8.66 -8.80
CA GLY B 368 31.14 9.31 -10.10
C GLY B 368 31.21 10.82 -10.03
N ILE B 369 32.13 11.41 -10.78
CA ILE B 369 32.29 12.85 -10.86
C ILE B 369 32.07 13.25 -12.31
N LEU B 370 31.03 14.06 -12.56
CA LEU B 370 30.72 14.57 -13.89
C LEU B 370 31.06 16.06 -13.89
N LEU B 371 32.09 16.43 -14.64
CA LEU B 371 32.57 17.81 -14.62
C LEU B 371 32.48 18.40 -16.02
N VAL B 372 32.25 19.71 -16.08
CA VAL B 372 32.05 20.43 -17.34
C VAL B 372 33.01 21.61 -17.37
N VAL B 373 33.79 21.71 -18.44
CA VAL B 373 34.59 22.91 -18.71
C VAL B 373 33.89 23.67 -19.84
N PRO B 374 33.21 24.77 -19.55
CA PRO B 374 32.34 25.40 -20.56
C PRO B 374 33.13 25.85 -21.78
N ASN B 375 32.52 25.68 -22.95
CA ASN B 375 33.10 25.98 -24.25
C ASN B 375 34.39 25.21 -24.52
N VAL B 376 34.71 24.21 -23.70
CA VAL B 376 35.93 23.44 -23.89
C VAL B 376 35.58 21.96 -24.05
N MET B 377 35.02 21.34 -23.01
CA MET B 377 34.86 19.89 -23.02
C MET B 377 34.06 19.44 -21.80
N GLY B 378 33.80 18.14 -21.74
CA GLY B 378 33.14 17.52 -20.60
C GLY B 378 33.80 16.21 -20.24
N MET B 379 33.91 15.92 -18.94
CA MET B 379 34.65 14.78 -18.46
C MET B 379 33.85 14.01 -17.42
N MET B 380 34.15 12.71 -17.34
CA MET B 380 33.55 11.83 -16.35
C MET B 380 34.63 10.97 -15.72
N CYS B 381 34.66 10.94 -14.39
CA CYS B 381 35.64 10.18 -13.63
C CYS B 381 34.90 9.18 -12.75
N TRP B 382 35.35 7.93 -12.76
CA TRP B 382 34.69 6.86 -11.99
C TRP B 382 35.72 6.16 -11.13
N SER B 383 35.46 6.13 -9.82
CA SER B 383 36.24 5.40 -8.82
C SER B 383 35.33 5.07 -7.64
N PRO B 384 34.92 3.80 -7.45
CA PRO B 384 34.11 3.41 -6.29
C PRO B 384 34.66 3.92 -4.95
N PRO B 385 35.98 3.80 -4.65
CA PRO B 385 36.55 4.33 -3.41
C PRO B 385 36.01 5.73 -3.09
N LEU B 386 35.36 5.88 -1.93
CA LEU B 386 34.79 7.19 -1.52
C LEU B 386 35.45 7.64 -0.22
N ASP B 387 35.41 8.95 0.07
CA ASP B 387 35.98 9.47 1.30
C ASP B 387 34.87 9.63 2.34
N LYS B 388 35.16 10.34 3.42
CA LYS B 388 34.16 10.55 4.46
C LYS B 388 33.07 11.53 4.06
N MET B 389 33.26 12.28 2.98
CA MET B 389 32.30 13.30 2.56
C MET B 389 31.45 12.88 1.36
N GLY B 390 31.59 11.64 0.89
CA GLY B 390 30.76 11.15 -0.18
C GLY B 390 31.30 11.36 -1.58
N ASN B 391 32.59 11.64 -1.73
CA ASN B 391 33.20 11.88 -3.04
C ASN B 391 34.28 10.85 -3.30
N SER B 392 34.50 10.54 -4.57
CA SER B 392 35.56 9.61 -4.94
C SER B 392 36.92 10.27 -4.69
N VAL B 393 37.79 9.55 -3.97
CA VAL B 393 39.11 10.11 -3.66
C VAL B 393 39.93 10.28 -4.94
N LYS B 394 39.91 9.29 -5.82
CA LYS B 394 40.65 9.40 -7.07
C LYS B 394 40.10 10.52 -7.94
N GLY B 395 38.78 10.66 -8.00
CA GLY B 395 38.19 11.73 -8.79
C GLY B 395 38.53 13.11 -8.25
N ILE B 396 38.47 13.28 -6.93
CA ILE B 396 38.79 14.57 -6.33
C ILE B 396 40.26 14.91 -6.54
N HIS B 397 41.15 13.94 -6.35
CA HIS B 397 42.57 14.16 -6.59
C HIS B 397 42.82 14.52 -8.05
N PHE B 398 42.16 13.81 -8.96
CA PHE B 398 42.33 14.08 -10.38
C PHE B 398 41.87 15.49 -10.73
N CYS B 399 40.71 15.91 -10.21
CA CYS B 399 40.22 17.26 -10.49
C CYS B 399 41.17 18.32 -9.94
N HIS B 400 41.64 18.13 -8.71
CA HIS B 400 42.55 19.11 -8.12
C HIS B 400 43.84 19.22 -8.93
N ASP B 401 44.43 18.08 -9.29
CA ASP B 401 45.68 18.13 -10.03
C ASP B 401 45.48 18.64 -11.46
N LEU B 402 44.31 18.37 -12.05
CA LEU B 402 44.02 18.90 -13.38
C LEU B 402 43.89 20.41 -13.36
N VAL B 403 43.18 20.96 -12.36
CA VAL B 403 43.06 22.41 -12.27
C VAL B 403 44.37 23.05 -11.85
N SER B 404 45.26 22.29 -11.20
CA SER B 404 46.59 22.82 -10.90
C SER B 404 47.47 22.84 -12.15
N LEU B 405 47.37 21.82 -13.00
CA LEU B 405 48.23 21.74 -14.18
C LEU B 405 47.76 22.71 -15.27
N CYS B 406 46.55 22.53 -15.77
CA CYS B 406 45.98 23.42 -16.76
C CYS B 406 45.25 24.57 -16.08
N ASN B 407 45.19 25.71 -16.76
CA ASN B 407 44.61 26.91 -16.16
C ASN B 407 43.14 26.70 -15.81
N PHE B 408 42.29 26.54 -16.83
CA PHE B 408 40.85 26.30 -16.69
C PHE B 408 40.30 27.32 -15.69
N HIS B 409 39.60 26.89 -14.64
CA HIS B 409 39.08 27.76 -13.59
C HIS B 409 38.21 28.89 -14.17
N PHE C 100 5.76 21.02 65.89
CA PHE C 100 6.88 21.00 64.98
C PHE C 100 6.57 20.14 63.75
N VAL C 101 6.95 20.63 62.57
CA VAL C 101 6.64 19.91 61.33
C VAL C 101 7.39 18.60 61.25
N ILE C 102 8.61 18.53 61.76
CA ILE C 102 9.32 17.26 61.94
C ILE C 102 9.43 17.00 63.43
N PRO C 103 8.43 16.38 64.06
CA PRO C 103 8.48 16.23 65.52
C PRO C 103 9.24 15.00 65.99
N ASP C 104 10.37 14.71 65.36
CA ASP C 104 11.35 13.81 65.94
C ASP C 104 12.76 14.38 65.85
N PHE C 105 13.11 15.04 64.75
CA PHE C 105 14.44 15.56 64.46
C PHE C 105 15.55 14.57 64.80
N MET C 106 15.69 14.20 66.08
CA MET C 106 16.75 13.28 66.48
C MET C 106 16.66 11.96 65.73
N SER C 107 15.46 11.58 65.29
CA SER C 107 15.29 10.41 64.45
C SER C 107 15.37 10.74 62.96
N PHE C 108 15.61 12.00 62.61
CA PHE C 108 15.78 12.43 61.22
C PHE C 108 17.20 12.89 60.94
N THR C 109 17.84 13.59 61.90
CA THR C 109 19.26 13.87 61.75
C THR C 109 20.07 12.58 61.68
N SER C 110 19.59 11.50 62.29
CA SER C 110 20.27 10.21 62.15
C SER C 110 20.28 9.76 60.69
N HIS C 111 19.12 9.81 60.03
CA HIS C 111 19.05 9.50 58.61
C HIS C 111 19.95 10.45 57.81
N ILE C 112 20.01 11.72 58.23
CA ILE C 112 20.90 12.67 57.56
C ILE C 112 22.34 12.21 57.67
N ASP C 113 22.76 11.74 58.84
CA ASP C 113 24.13 11.26 59.00
C ASP C 113 24.41 10.02 58.15
N GLU C 114 23.48 9.06 58.11
CA GLU C 114 23.73 7.90 57.25
C GLU C 114 23.80 8.30 55.78
N LEU C 115 22.95 9.24 55.34
CA LEU C 115 23.03 9.74 53.98
C LEU C 115 24.38 10.42 53.73
N TYR C 116 24.85 11.21 54.69
CA TYR C 116 26.14 11.87 54.59
C TYR C 116 27.27 10.86 54.43
N GLU C 117 27.27 9.81 55.26
CA GLU C 117 28.32 8.80 55.17
C GLU C 117 28.25 8.05 53.85
N SER C 118 27.04 7.74 53.38
CA SER C 118 26.90 7.04 52.11
C SER C 118 27.40 7.89 50.95
N ALA C 119 27.10 9.18 50.96
CA ALA C 119 27.55 10.06 49.89
C ALA C 119 29.04 10.40 49.98
N LYS C 120 29.63 10.28 51.17
CA LYS C 120 31.06 10.61 51.32
C LYS C 120 31.96 9.65 50.56
N LYS C 121 31.47 8.49 50.16
CA LYS C 121 32.30 7.49 49.50
C LYS C 121 32.55 7.78 48.02
N GLN C 122 31.89 8.78 47.45
CA GLN C 122 32.07 9.09 46.04
C GLN C 122 33.47 9.65 45.78
N SER C 123 33.96 9.39 44.57
CA SER C 123 35.30 9.86 44.19
C SER C 123 35.31 11.35 43.90
N GLY C 124 34.53 11.78 42.91
CA GLY C 124 34.48 13.19 42.55
C GLY C 124 34.73 13.44 41.08
N GLY C 125 35.21 14.64 40.77
CA GLY C 125 35.49 14.98 39.39
C GLY C 125 36.24 16.29 39.29
N LYS C 126 36.40 16.76 38.06
CA LYS C 126 37.07 18.03 37.82
C LYS C 126 36.28 19.17 38.46
N VAL C 127 37.00 20.12 39.06
CA VAL C 127 36.36 21.21 39.78
C VAL C 127 36.26 22.44 38.89
N ALA C 128 37.41 22.99 38.49
CA ALA C 128 37.45 24.13 37.60
C ALA C 128 38.22 23.86 36.32
N ASP C 129 39.47 23.45 36.42
CA ASP C 129 40.36 23.14 35.30
C ASP C 129 40.59 24.33 34.37
N TYR C 130 40.17 25.53 34.76
CA TYR C 130 40.39 26.70 33.90
C TYR C 130 40.97 27.87 34.67
N ILE C 131 40.72 27.93 35.98
CA ILE C 131 41.30 28.97 36.82
C ILE C 131 41.89 28.33 38.09
N PRO C 132 43.00 28.86 38.62
CA PRO C 132 43.53 28.35 39.89
C PRO C 132 42.81 28.86 41.12
N GLN C 133 41.93 29.85 40.97
CA GLN C 133 41.24 30.42 42.13
C GLN C 133 40.27 29.42 42.74
N LEU C 134 39.48 28.76 41.92
CA LEU C 134 38.56 27.73 42.38
C LEU C 134 39.18 26.33 42.35
N ALA C 135 40.40 26.20 41.85
CA ALA C 135 41.09 24.91 41.82
C ALA C 135 41.87 24.62 43.09
N LYS C 136 41.95 25.59 44.02
CA LYS C 136 42.67 25.38 45.27
C LYS C 136 41.86 24.62 46.30
N PHE C 137 40.56 24.49 46.08
CA PHE C 137 39.67 23.83 47.08
C PHE C 137 39.83 22.31 47.00
N SER C 138 40.19 21.68 48.11
CA SER C 138 40.32 20.20 48.15
C SER C 138 38.95 19.56 47.91
N PRO C 139 38.83 18.55 47.02
CA PRO C 139 37.54 17.94 46.71
C PRO C 139 36.95 17.25 47.94
N ASP C 140 37.81 16.71 48.81
CA ASP C 140 37.34 15.99 50.03
C ASP C 140 36.24 16.80 50.72
N LEU C 141 36.37 18.13 50.74
CA LEU C 141 35.39 18.95 51.45
C LEU C 141 33.98 18.55 51.07
N TRP C 142 33.13 18.32 52.07
CA TRP C 142 31.78 17.83 51.84
C TRP C 142 30.95 18.09 53.08
N GLY C 143 29.93 18.92 52.95
CA GLY C 143 29.13 19.31 54.10
C GLY C 143 27.66 19.43 53.74
N VAL C 144 26.81 19.20 54.75
CA VAL C 144 25.36 19.24 54.57
C VAL C 144 24.75 20.02 55.73
N SER C 145 23.92 21.01 55.41
CA SER C 145 23.24 21.82 56.42
C SER C 145 21.74 21.79 56.19
N VAL C 146 20.99 21.57 57.27
CA VAL C 146 19.53 21.42 57.24
C VAL C 146 18.92 22.42 58.21
N CYS C 147 17.88 23.13 57.76
CA CYS C 147 17.13 24.02 58.63
C CYS C 147 15.65 23.88 58.32
N THR C 148 14.85 23.51 59.31
CA THR C 148 13.42 23.35 59.11
C THR C 148 12.72 24.70 59.24
N VAL C 149 11.40 24.69 59.08
CA VAL C 149 10.61 25.93 59.18
C VAL C 149 10.26 26.28 60.61
N ASP C 150 10.73 25.50 61.59
CA ASP C 150 10.47 25.78 62.99
C ASP C 150 11.68 26.33 63.72
N GLY C 151 12.82 26.46 63.04
CA GLY C 151 14.05 26.87 63.67
C GLY C 151 15.01 25.73 63.97
N GLN C 152 14.55 24.48 63.86
CA GLN C 152 15.42 23.33 64.08
C GLN C 152 16.55 23.32 63.06
N ARG C 153 17.77 23.13 63.54
CA ARG C 153 18.96 23.22 62.70
C ARG C 153 19.86 22.03 62.94
N HIS C 154 20.54 21.59 61.89
CA HIS C 154 21.48 20.48 62.01
C HIS C 154 22.51 20.55 60.90
N SER C 155 23.79 20.55 61.27
CA SER C 155 24.88 20.61 60.30
C SER C 155 25.80 19.42 60.49
N ILE C 156 26.23 18.82 59.38
CA ILE C 156 27.14 17.68 59.39
C ILE C 156 28.24 17.94 58.38
N GLY C 157 29.46 17.52 58.72
CA GLY C 157 30.60 17.76 57.85
C GLY C 157 31.26 19.09 58.14
N ASP C 158 31.84 19.70 57.10
CA ASP C 158 32.48 21.02 57.23
C ASP C 158 31.53 22.07 56.68
N THR C 159 30.63 22.52 57.56
CA THR C 159 29.61 23.50 57.19
C THR C 159 30.02 24.93 57.51
N LYS C 160 31.21 25.16 58.05
CA LYS C 160 31.66 26.49 58.43
C LYS C 160 32.76 27.01 57.51
N VAL C 161 32.86 26.48 56.30
CA VAL C 161 33.84 26.93 55.31
C VAL C 161 33.09 27.79 54.29
N PRO C 162 33.34 29.09 54.21
CA PRO C 162 32.61 29.95 53.27
C PRO C 162 32.88 29.57 51.82
N PHE C 163 31.86 29.77 50.98
CA PHE C 163 32.00 29.55 49.55
C PHE C 163 31.06 30.50 48.82
N CYS C 164 31.42 30.81 47.58
CA CYS C 164 30.68 31.77 46.79
C CYS C 164 29.38 31.18 46.27
N LEU C 165 28.41 32.06 45.99
CA LEU C 165 27.12 31.68 45.41
C LEU C 165 27.15 32.01 43.93
N GLN C 166 27.68 31.07 43.14
CA GLN C 166 27.83 31.31 41.70
C GLN C 166 26.47 31.47 41.02
N SER C 167 25.68 30.41 41.01
CA SER C 167 24.37 30.42 40.36
C SER C 167 23.22 30.22 41.33
N CYS C 168 23.50 30.11 42.63
CA CYS C 168 22.44 29.99 43.63
C CYS C 168 21.86 31.34 44.02
N VAL C 169 22.38 32.44 43.45
CA VAL C 169 21.88 33.77 43.76
C VAL C 169 20.81 34.23 42.80
N LYS C 170 20.63 33.55 41.66
CA LYS C 170 19.59 33.93 40.71
C LYS C 170 18.19 33.83 41.30
N PRO C 171 17.79 32.75 41.98
CA PRO C 171 16.47 32.77 42.64
C PRO C 171 16.32 33.90 43.65
N LEU C 172 17.39 34.20 44.40
CA LEU C 172 17.30 35.25 45.39
C LEU C 172 17.13 36.62 44.74
N LYS C 173 17.91 36.90 43.69
CA LYS C 173 17.78 38.20 43.03
C LYS C 173 16.42 38.31 42.32
N TYR C 174 15.92 37.21 41.77
CA TYR C 174 14.59 37.24 41.18
C TYR C 174 13.52 37.51 42.23
N ALA C 175 13.64 36.88 43.40
CA ALA C 175 12.69 37.14 44.48
C ALA C 175 12.75 38.60 44.93
N ILE C 176 13.96 39.15 45.03
CA ILE C 176 14.10 40.56 45.43
C ILE C 176 13.45 41.47 44.39
N ALA C 177 13.70 41.21 43.10
CA ALA C 177 13.13 42.04 42.06
C ALA C 177 11.60 41.95 42.05
N VAL C 178 11.06 40.74 42.20
CA VAL C 178 9.61 40.58 42.21
C VAL C 178 9.00 41.28 43.42
N ASN C 179 9.62 41.14 44.60
CA ASN C 179 9.11 41.80 45.79
C ASN C 179 9.14 43.30 45.65
N ASP C 180 10.20 43.85 45.05
CA ASP C 180 10.32 45.30 44.94
C ASP C 180 9.38 45.87 43.88
N LEU C 181 9.27 45.20 42.73
CA LEU C 181 8.60 45.76 41.57
C LEU C 181 7.20 45.18 41.37
N GLY C 182 7.08 43.87 41.28
CA GLY C 182 5.81 43.22 41.02
C GLY C 182 5.95 42.23 39.88
N THR C 183 5.11 41.18 39.92
CA THR C 183 5.23 40.11 38.94
C THR C 183 4.95 40.62 37.53
N GLU C 184 3.92 41.45 37.35
CA GLU C 184 3.56 41.91 36.02
C GLU C 184 4.64 42.78 35.40
N TYR C 185 5.33 43.59 36.21
CA TYR C 185 6.41 44.40 35.69
C TYR C 185 7.68 43.58 35.46
N VAL C 186 7.98 42.65 36.36
CA VAL C 186 9.20 41.84 36.22
C VAL C 186 9.12 40.95 35.00
N HIS C 187 7.97 40.32 34.77
CA HIS C 187 7.83 39.40 33.64
C HIS C 187 7.50 40.11 32.34
N ARG C 188 7.40 41.44 32.36
CA ARG C 188 7.27 42.19 31.10
C ARG C 188 8.56 42.15 30.30
N TYR C 189 9.70 41.92 30.94
CA TYR C 189 10.99 41.91 30.27
C TYR C 189 11.59 40.53 30.09
N VAL C 190 11.19 39.55 30.90
CA VAL C 190 11.70 38.18 30.80
C VAL C 190 10.52 37.22 30.75
N GLY C 191 10.76 36.06 30.14
CA GLY C 191 9.75 35.03 30.03
C GLY C 191 9.70 34.14 31.25
N LYS C 192 8.93 33.06 31.13
CA LYS C 192 8.81 32.09 32.22
C LYS C 192 8.81 30.66 31.72
N GLU C 193 9.34 30.41 30.52
CA GLU C 193 9.37 29.09 29.92
C GLU C 193 10.80 28.58 29.80
N PRO C 194 11.03 27.29 30.01
CA PRO C 194 12.37 26.74 29.78
C PRO C 194 12.78 26.87 28.33
N SER C 195 14.07 27.18 28.11
CA SER C 195 14.56 27.35 26.75
C SER C 195 14.79 26.02 26.06
N GLY C 196 15.07 24.97 26.80
CA GLY C 196 15.37 23.67 26.22
C GLY C 196 16.79 23.50 25.73
N LEU C 197 17.63 24.52 25.89
CA LEU C 197 19.02 24.45 25.45
C LEU C 197 19.96 24.80 26.58
N ARG C 198 21.24 24.99 26.27
CA ARG C 198 22.22 25.31 27.30
C ARG C 198 21.95 26.68 27.89
N PHE C 199 22.41 26.87 29.13
CA PHE C 199 22.13 28.08 29.89
C PHE C 199 22.84 29.31 29.34
N ASN C 200 23.81 29.15 28.44
CA ASN C 200 24.57 30.28 27.90
C ASN C 200 24.35 30.45 26.41
N LYS C 201 23.23 29.98 25.87
CA LYS C 201 22.97 30.14 24.46
C LYS C 201 22.61 31.60 24.15
N LEU C 202 23.02 32.06 22.97
CA LEU C 202 22.81 33.43 22.54
C LEU C 202 21.59 33.48 21.62
N PHE C 203 20.40 33.38 22.23
CA PHE C 203 19.17 33.49 21.48
C PHE C 203 18.03 33.81 22.44
N LEU C 204 16.98 34.39 21.89
CA LEU C 204 15.80 34.81 22.65
C LEU C 204 14.56 34.09 22.11
N ASN C 205 13.44 34.28 22.82
CA ASN C 205 12.20 33.60 22.45
C ASN C 205 11.53 34.34 21.30
N GLU C 206 10.28 33.98 21.02
CA GLU C 206 9.55 34.58 19.90
C GLU C 206 9.21 36.04 20.15
N ASP C 207 9.29 36.51 21.39
CA ASP C 207 9.01 37.91 21.73
C ASP C 207 10.28 38.72 21.92
N ASP C 208 11.43 38.20 21.50
CA ASP C 208 12.72 38.87 21.68
C ASP C 208 12.97 39.20 23.15
N LYS C 209 12.69 38.25 24.03
CA LYS C 209 12.90 38.36 25.45
C LYS C 209 13.63 37.12 25.95
N PRO C 210 14.36 37.22 27.06
CA PRO C 210 14.97 36.03 27.64
C PRO C 210 13.92 35.00 28.02
N HIS C 211 14.27 33.73 27.87
CA HIS C 211 13.31 32.65 28.08
C HIS C 211 12.84 32.58 29.52
N ASN C 212 13.73 32.77 30.48
CA ASN C 212 13.40 32.68 31.89
C ASN C 212 14.45 33.44 32.68
N PRO C 213 14.16 33.80 33.93
CA PRO C 213 15.16 34.48 34.77
C PRO C 213 16.27 33.58 35.29
N MET C 214 16.38 32.34 34.82
CA MET C 214 17.42 31.43 35.29
C MET C 214 18.61 31.34 34.34
N VAL C 215 18.41 31.59 33.05
CA VAL C 215 19.50 31.60 32.09
C VAL C 215 20.32 32.87 32.28
N ASN C 216 21.49 32.94 31.65
CA ASN C 216 22.38 34.08 31.86
C ASN C 216 21.73 35.37 31.38
N ALA C 217 21.08 35.35 30.21
CA ALA C 217 20.44 36.55 29.69
C ALA C 217 19.31 37.01 30.61
N GLY C 218 18.47 36.08 31.06
CA GLY C 218 17.42 36.43 32.00
C GLY C 218 17.97 36.94 33.31
N ALA C 219 19.05 36.33 33.79
CA ALA C 219 19.67 36.80 35.04
C ALA C 219 20.18 38.22 34.90
N ILE C 220 20.82 38.54 33.76
CA ILE C 220 21.33 39.89 33.54
C ILE C 220 20.18 40.88 33.47
N VAL C 221 19.11 40.54 32.75
CA VAL C 221 17.97 41.45 32.64
C VAL C 221 17.33 41.68 34.00
N VAL C 222 17.18 40.62 34.79
CA VAL C 222 16.59 40.75 36.13
C VAL C 222 17.49 41.61 37.02
N THR C 223 18.81 41.46 36.88
CA THR C 223 19.73 42.30 37.63
C THR C 223 19.58 43.76 37.25
N SER C 224 19.34 44.03 35.97
CA SER C 224 19.15 45.42 35.53
C SER C 224 17.87 46.03 36.08
N LEU C 225 16.93 45.23 36.56
CA LEU C 225 15.63 45.72 37.01
C LEU C 225 15.64 46.25 38.44
N ILE C 226 16.73 46.09 39.19
CA ILE C 226 16.77 46.41 40.60
C ILE C 226 17.33 47.82 40.78
N LYS C 227 16.50 48.71 41.33
CA LYS C 227 16.90 50.07 41.70
C LYS C 227 17.49 50.82 40.50
N GLN C 228 16.63 51.04 39.51
CA GLN C 228 17.05 51.71 38.29
C GLN C 228 17.57 53.11 38.58
N GLY C 229 18.65 53.49 37.91
CA GLY C 229 19.22 54.82 38.04
C GLY C 229 19.82 55.12 39.40
N VAL C 230 20.54 54.18 39.99
CA VAL C 230 21.17 54.36 41.29
C VAL C 230 22.61 53.86 41.20
N ASN C 231 23.47 54.44 42.04
CA ASN C 231 24.88 54.03 42.06
C ASN C 231 24.99 52.57 42.49
N ASN C 232 25.94 51.85 41.88
CA ASN C 232 26.10 50.43 42.15
C ASN C 232 26.40 50.14 43.61
N ALA C 233 27.06 51.08 44.31
CA ALA C 233 27.37 50.86 45.71
C ALA C 233 26.10 50.72 46.55
N GLU C 234 25.12 51.59 46.31
CA GLU C 234 23.87 51.51 47.04
C GLU C 234 23.10 50.25 46.66
N LYS C 235 23.14 49.86 45.38
CA LYS C 235 22.51 48.61 44.97
C LYS C 235 23.10 47.42 45.72
N PHE C 236 24.43 47.35 45.80
CA PHE C 236 25.07 46.25 46.49
C PHE C 236 24.76 46.27 47.97
N ASP C 237 24.76 47.46 48.58
CA ASP C 237 24.42 47.54 50.01
C ASP C 237 23.00 47.08 50.27
N TYR C 238 22.07 47.48 49.40
CA TYR C 238 20.68 47.05 49.55
C TYR C 238 20.54 45.54 49.41
N VAL C 239 21.20 44.96 48.40
CA VAL C 239 21.11 43.51 48.21
C VAL C 239 21.73 42.77 49.39
N MET C 240 22.86 43.28 49.89
CA MET C 240 23.53 42.63 51.02
C MET C 240 22.69 42.70 52.28
N GLN C 241 22.06 43.85 52.54
CA GLN C 241 21.22 43.95 53.73
C GLN C 241 19.97 43.08 53.59
N PHE C 242 19.43 42.97 52.37
CA PHE C 242 18.30 42.06 52.15
C PHE C 242 18.70 40.61 52.40
N LEU C 243 19.91 40.22 51.94
CA LEU C 243 20.38 38.87 52.18
C LEU C 243 20.63 38.61 53.65
N ASN C 244 21.18 39.60 54.37
CA ASN C 244 21.37 39.45 55.81
C ASN C 244 20.06 39.28 56.54
N LYS C 245 19.05 40.07 56.16
CA LYS C 245 17.74 39.93 56.77
C LYS C 245 17.10 38.58 56.45
N MET C 246 17.27 38.11 55.21
CA MET C 246 16.69 36.82 54.82
C MET C 246 17.39 35.66 55.52
N ALA C 247 18.71 35.77 55.72
CA ALA C 247 19.50 34.70 56.31
C ALA C 247 19.52 34.75 57.84
N GLY C 248 18.74 35.64 58.43
CA GLY C 248 18.70 35.74 59.90
C GLY C 248 20.00 36.22 60.52
N ASN C 249 20.64 37.21 59.90
CA ASN C 249 21.87 37.80 60.42
C ASN C 249 22.97 36.75 60.60
N GLU C 250 23.10 35.86 59.62
CA GLU C 250 24.19 34.89 59.59
C GLU C 250 25.36 35.48 58.81
N TYR C 251 26.34 34.64 58.49
CA TYR C 251 27.56 35.11 57.82
C TYR C 251 27.31 35.22 56.32
N VAL C 252 27.29 36.43 55.80
CA VAL C 252 27.23 36.70 54.37
C VAL C 252 28.32 37.72 54.06
N GLY C 253 29.26 37.35 53.20
CA GLY C 253 30.38 38.23 52.91
C GLY C 253 30.71 38.34 51.45
N PHE C 254 31.81 39.03 51.14
CA PHE C 254 32.23 39.29 49.77
C PHE C 254 33.62 38.70 49.54
N SER C 255 33.81 38.08 48.38
CA SER C 255 35.08 37.49 47.98
C SER C 255 35.67 38.33 46.86
N ASN C 256 36.60 39.22 47.21
CA ASN C 256 37.16 40.14 46.22
C ASN C 256 37.96 39.40 45.16
N ALA C 257 38.74 38.38 45.57
CA ALA C 257 39.53 37.63 44.61
C ALA C 257 38.65 36.94 43.57
N THR C 258 37.55 36.32 44.02
CA THR C 258 36.63 35.68 43.08
C THR C 258 36.02 36.69 42.13
N PHE C 259 35.63 37.86 42.64
CA PHE C 259 35.04 38.88 41.78
C PHE C 259 36.04 39.36 40.74
N GLN C 260 37.29 39.59 41.14
CA GLN C 260 38.31 40.02 40.18
C GLN C 260 38.58 38.94 39.15
N SER C 261 38.58 37.67 39.57
CA SER C 261 38.80 36.58 38.62
C SER C 261 37.65 36.47 37.62
N GLU C 262 36.41 36.64 38.08
CA GLU C 262 35.27 36.49 37.19
C GLU C 262 35.15 37.66 36.22
N ARG C 263 35.38 38.89 36.71
CA ARG C 263 35.19 40.06 35.86
C ARG C 263 36.19 40.13 34.71
N GLU C 264 37.28 39.36 34.77
CA GLU C 264 38.32 39.42 33.76
C GLU C 264 38.41 38.14 32.93
N SER C 265 37.43 37.23 33.07
CA SER C 265 37.43 35.99 32.31
C SER C 265 36.10 35.66 31.65
N GLY C 266 34.99 36.18 32.14
CA GLY C 266 33.68 35.86 31.58
C GLY C 266 33.26 36.77 30.44
N ASP C 267 33.89 36.63 29.28
CA ASP C 267 33.51 37.42 28.12
C ASP C 267 32.24 36.91 27.45
N ARG C 268 31.81 35.68 27.76
CA ARG C 268 30.52 35.21 27.27
C ARG C 268 29.39 36.06 27.83
N ASN C 269 29.50 36.46 29.09
CA ASN C 269 28.51 37.36 29.68
C ASN C 269 28.52 38.71 28.99
N PHE C 270 29.69 39.20 28.60
CA PHE C 270 29.77 40.46 27.85
C PHE C 270 29.10 40.33 26.49
N ALA C 271 29.32 39.20 25.81
CA ALA C 271 28.65 38.98 24.53
C ALA C 271 27.14 38.93 24.70
N ILE C 272 26.67 38.24 25.75
CA ILE C 272 25.23 38.16 26.01
C ILE C 272 24.67 39.55 26.31
N GLY C 273 25.39 40.35 27.08
CA GLY C 273 24.92 41.69 27.40
C GLY C 273 24.85 42.58 26.18
N TYR C 274 25.86 42.52 25.32
CA TYR C 274 25.81 43.32 24.09
C TYR C 274 24.69 42.85 23.17
N TYR C 275 24.47 41.54 23.08
CA TYR C 275 23.36 41.02 22.28
C TYR C 275 22.02 41.51 22.83
N LEU C 276 21.86 41.52 24.15
CA LEU C 276 20.63 42.04 24.74
C LEU C 276 20.47 43.52 24.47
N LYS C 277 21.56 44.28 24.54
CA LYS C 277 21.48 45.71 24.27
C LYS C 277 21.12 45.97 22.81
N GLU C 278 21.53 45.09 21.89
CA GLU C 278 21.16 45.25 20.49
C GLU C 278 19.66 45.14 20.29
N LYS C 279 19.03 44.18 20.97
CA LYS C 279 17.61 43.91 20.81
C LYS C 279 16.73 44.78 21.70
N LYS C 280 17.34 45.71 22.45
CA LYS C 280 16.61 46.62 23.34
C LYS C 280 15.78 45.84 24.37
N CYS C 281 16.46 44.93 25.06
CA CYS C 281 15.83 44.13 26.12
C CYS C 281 15.99 44.74 27.49
N PHE C 282 16.66 45.88 27.61
CA PHE C 282 16.91 46.51 28.90
C PHE C 282 15.90 47.62 29.16
N PRO C 283 15.62 47.93 30.43
CA PRO C 283 14.79 49.09 30.74
C PRO C 283 15.46 50.38 30.30
N GLU C 284 14.64 51.38 30.00
CA GLU C 284 15.16 52.66 29.54
C GLU C 284 16.03 53.31 30.60
N GLY C 285 17.19 53.82 30.17
CA GLY C 285 18.11 54.49 31.07
C GLY C 285 18.94 53.54 31.90
N THR C 286 19.66 52.63 31.24
CA THR C 286 20.53 51.68 31.92
C THR C 286 21.88 51.62 31.22
N ASP C 287 22.92 51.37 32.01
CA ASP C 287 24.28 51.21 31.49
C ASP C 287 24.64 49.73 31.52
N MET C 288 24.90 49.16 30.35
CA MET C 288 25.15 47.72 30.25
C MET C 288 26.40 47.31 31.01
N VAL C 289 27.47 48.11 30.92
CA VAL C 289 28.70 47.76 31.61
C VAL C 289 28.49 47.75 33.12
N GLY C 290 27.76 48.74 33.64
CA GLY C 290 27.44 48.75 35.06
C GLY C 290 26.59 47.57 35.47
N ILE C 291 25.66 47.17 34.59
CA ILE C 291 24.84 46.00 34.89
C ILE C 291 25.68 44.75 34.98
N LEU C 292 26.63 44.58 34.06
CA LEU C 292 27.51 43.41 34.11
C LEU C 292 28.40 43.44 35.34
N ASP C 293 28.90 44.63 35.71
CA ASP C 293 29.71 44.73 36.92
C ASP C 293 28.90 44.35 38.16
N PHE C 294 27.66 44.81 38.23
CA PHE C 294 26.79 44.44 39.34
C PHE C 294 26.50 42.93 39.35
N TYR C 295 26.32 42.35 38.17
CA TYR C 295 26.10 40.91 38.08
C TYR C 295 27.29 40.14 38.60
N PHE C 296 28.50 40.55 38.20
CA PHE C 296 29.71 39.89 38.67
C PHE C 296 29.88 40.05 40.18
N GLN C 297 29.55 41.23 40.70
CA GLN C 297 29.61 41.43 42.15
C GLN C 297 28.62 40.52 42.87
N LEU C 298 27.40 40.39 42.35
CA LEU C 298 26.41 39.52 42.99
C LEU C 298 26.84 38.06 42.96
N CYS C 299 27.42 37.62 41.84
CA CYS C 299 27.83 36.22 41.74
C CYS C 299 28.95 35.87 42.71
N SER C 300 29.68 36.86 43.23
CA SER C 300 30.82 36.62 44.10
C SER C 300 30.48 36.68 45.58
N ILE C 301 29.21 36.85 45.94
CA ILE C 301 28.81 36.84 47.34
C ILE C 301 29.02 35.45 47.91
N GLU C 302 29.65 35.37 49.08
CA GLU C 302 29.97 34.10 49.71
C GLU C 302 29.18 33.92 50.99
N VAL C 303 28.80 32.67 51.26
CA VAL C 303 28.05 32.30 52.46
C VAL C 303 28.59 30.97 52.96
N THR C 304 28.15 30.59 54.16
CA THR C 304 28.43 29.27 54.71
C THR C 304 27.20 28.37 54.49
N CYS C 305 27.31 27.12 54.96
CA CYS C 305 26.20 26.19 54.79
C CYS C 305 25.03 26.53 55.70
N GLU C 306 25.31 27.01 56.91
CA GLU C 306 24.23 27.39 57.82
C GLU C 306 23.41 28.53 57.25
N SER C 307 24.07 29.57 56.74
CA SER C 307 23.36 30.71 56.18
C SER C 307 22.54 30.29 54.96
N ALA C 308 23.12 29.48 54.08
CA ALA C 308 22.39 29.04 52.90
C ALA C 308 21.19 28.19 53.27
N SER C 309 21.35 27.31 54.27
CA SER C 309 20.21 26.54 54.75
C SER C 309 19.12 27.44 55.32
N VAL C 310 19.52 28.52 56.00
CA VAL C 310 18.53 29.45 56.53
C VAL C 310 17.79 30.16 55.39
N MET C 311 18.51 30.55 54.34
CA MET C 311 17.82 31.16 53.19
C MET C 311 16.86 30.19 52.52
N ALA C 312 17.27 28.93 52.37
CA ALA C 312 16.38 27.93 51.80
C ALA C 312 15.15 27.72 52.66
N ALA C 313 15.33 27.69 53.99
CA ALA C 313 14.20 27.55 54.89
C ALA C 313 13.28 28.76 54.82
N THR C 314 13.85 29.96 54.66
CA THR C 314 13.03 31.15 54.51
C THR C 314 12.19 31.08 53.24
N LEU C 315 12.79 30.60 52.15
CA LEU C 315 12.02 30.40 50.93
C LEU C 315 10.92 29.36 51.13
N ALA C 316 11.22 28.29 51.85
CA ALA C 316 10.22 27.25 52.11
C ALA C 316 9.07 27.77 52.94
N ASN C 317 9.36 28.59 53.96
CA ASN C 317 8.33 29.04 54.90
C ASN C 317 7.37 30.05 54.27
N GLY C 318 7.74 30.66 53.15
CA GLY C 318 6.86 31.61 52.50
C GLY C 318 7.17 33.05 52.85
N GLY C 319 8.46 33.38 52.94
CA GLY C 319 8.89 34.73 53.23
C GLY C 319 9.08 35.05 54.70
N PHE C 320 8.74 34.14 55.60
CA PHE C 320 8.91 34.36 57.02
C PHE C 320 10.18 33.62 57.48
N CYS C 321 11.13 34.37 58.02
CA CYS C 321 12.39 33.76 58.46
C CYS C 321 12.13 32.80 59.61
N PRO C 322 12.61 31.55 59.52
CA PRO C 322 12.35 30.60 60.61
C PRO C 322 13.01 30.97 61.93
N ILE C 323 14.02 31.83 61.91
CA ILE C 323 14.75 32.17 63.12
C ILE C 323 14.15 33.43 63.74
N THR C 324 14.19 34.54 63.01
CA THR C 324 13.71 35.80 63.54
C THR C 324 12.19 35.89 63.56
N GLY C 325 11.52 35.27 62.58
CA GLY C 325 10.08 35.32 62.49
C GLY C 325 9.52 36.53 61.78
N GLU C 326 10.36 37.39 61.22
CA GLU C 326 9.91 38.60 60.53
C GLU C 326 9.75 38.33 59.04
N ARG C 327 8.71 38.90 58.46
CA ARG C 327 8.44 38.72 57.04
C ARG C 327 9.47 39.47 56.21
N VAL C 328 10.04 38.79 55.22
CA VAL C 328 11.04 39.39 54.35
C VAL C 328 10.62 39.40 52.89
N LEU C 329 9.67 38.56 52.48
CA LEU C 329 9.25 38.50 51.09
C LEU C 329 7.74 38.29 51.02
N SER C 330 7.14 38.83 49.96
CA SER C 330 5.72 38.61 49.74
C SER C 330 5.47 37.16 49.32
N PRO C 331 4.30 36.62 49.65
CA PRO C 331 4.00 35.22 49.24
C PRO C 331 4.07 35.00 47.74
N GLU C 332 3.65 35.99 46.94
CA GLU C 332 3.71 35.85 45.49
C GLU C 332 5.15 35.73 45.00
N ALA C 333 6.06 36.48 45.63
CA ALA C 333 7.46 36.44 45.21
C ALA C 333 8.05 35.05 45.44
N VAL C 334 7.84 34.48 46.63
CA VAL C 334 8.40 33.16 46.90
C VAL C 334 7.69 32.09 46.07
N ARG C 335 6.38 32.26 45.81
CA ARG C 335 5.69 31.29 44.98
C ARG C 335 6.24 31.29 43.56
N ASN C 336 6.45 32.48 42.99
CA ASN C 336 7.02 32.56 41.64
C ASN C 336 8.44 32.02 41.61
N THR C 337 9.23 32.31 42.67
CA THR C 337 10.59 31.80 42.72
C THR C 337 10.61 30.28 42.76
N LEU C 338 9.75 29.68 43.57
CA LEU C 338 9.69 28.21 43.65
C LEU C 338 9.22 27.62 42.33
N SER C 339 8.24 28.25 41.67
CA SER C 339 7.78 27.75 40.39
C SER C 339 8.90 27.79 39.34
N LEU C 340 9.64 28.89 39.30
CA LEU C 340 10.75 29.00 38.35
C LEU C 340 11.84 27.99 38.66
N MET C 341 12.15 27.78 39.95
CA MET C 341 13.17 26.80 40.31
C MET C 341 12.74 25.40 39.93
N HIS C 342 11.46 25.06 40.12
CA HIS C 342 10.98 23.74 39.74
C HIS C 342 10.96 23.56 38.23
N SER C 343 10.65 24.63 37.49
CA SER C 343 10.54 24.51 36.04
C SER C 343 11.92 24.42 35.39
N CYS C 344 12.77 25.42 35.62
CA CYS C 344 14.06 25.50 34.93
C CYS C 344 15.17 25.84 35.92
N GLY C 345 15.20 25.15 37.06
CA GLY C 345 16.24 25.39 38.04
C GLY C 345 17.57 24.75 37.70
N MET C 346 17.54 23.60 37.01
CA MET C 346 18.76 22.88 36.64
C MET C 346 18.98 22.91 35.12
N TYR C 347 18.44 23.92 34.45
CA TYR C 347 18.63 24.15 33.01
C TYR C 347 18.00 22.97 32.26
N ASP C 348 18.61 22.49 31.18
CA ASP C 348 18.00 21.44 30.37
C ASP C 348 17.80 20.16 31.17
N PHE C 349 18.71 19.86 32.09
CA PHE C 349 18.57 18.68 32.94
C PHE C 349 17.42 18.79 33.93
N SER C 350 16.88 19.99 34.13
CA SER C 350 15.94 20.24 35.21
C SER C 350 14.76 19.28 35.18
N GLY C 351 14.16 19.10 33.99
CA GLY C 351 13.03 18.20 33.88
C GLY C 351 13.36 16.80 34.36
N GLN C 352 14.51 16.28 33.94
CA GLN C 352 14.93 14.95 34.40
C GLN C 352 15.08 14.93 35.92
N PHE C 353 15.60 16.02 36.49
CA PHE C 353 15.68 16.13 37.94
C PHE C 353 14.30 16.01 38.55
N ALA C 354 13.31 16.72 37.98
CA ALA C 354 11.96 16.63 38.49
C ALA C 354 11.38 15.22 38.33
N PHE C 355 11.94 14.43 37.42
CA PHE C 355 11.49 13.05 37.27
C PHE C 355 12.03 12.16 38.39
N HIS C 356 13.17 12.52 38.97
CA HIS C 356 13.81 11.67 39.97
C HIS C 356 13.70 12.21 41.39
N VAL C 357 13.92 13.49 41.59
CA VAL C 357 13.81 14.11 42.91
C VAL C 357 12.50 14.86 43.07
N GLY C 358 12.16 15.69 42.10
CA GLY C 358 10.92 16.45 42.17
C GLY C 358 10.87 17.49 43.27
N LEU C 359 11.96 18.23 43.46
CA LEU C 359 12.03 19.29 44.45
C LEU C 359 12.67 20.52 43.83
N PRO C 360 12.31 21.72 44.30
CA PRO C 360 12.97 22.94 43.82
C PRO C 360 14.40 23.05 44.32
N ALA C 361 15.36 22.90 43.40
CA ALA C 361 16.78 22.94 43.75
C ALA C 361 17.53 23.81 42.74
N LYS C 362 18.59 24.45 43.23
CA LYS C 362 19.46 25.27 42.41
C LYS C 362 20.91 24.82 42.60
N SER C 363 21.65 24.75 41.50
CA SER C 363 23.01 24.26 41.49
C SER C 363 23.97 25.37 41.05
N GLY C 364 25.08 25.50 41.77
CA GLY C 364 26.09 26.50 41.48
C GLY C 364 27.38 25.88 40.98
N VAL C 365 28.22 26.75 40.41
CA VAL C 365 29.52 26.32 39.90
C VAL C 365 30.44 25.93 41.05
N ALA C 366 30.28 26.56 42.22
CA ALA C 366 31.13 26.28 43.37
C ALA C 366 30.76 25.00 44.09
N GLY C 367 30.03 24.11 43.43
CA GLY C 367 29.63 22.84 44.04
C GLY C 367 28.65 22.98 45.19
N GLY C 368 27.64 23.83 45.02
CA GLY C 368 26.63 23.99 46.04
C GLY C 368 25.23 23.72 45.52
N ILE C 369 24.52 22.80 46.16
CA ILE C 369 23.14 22.46 45.83
C ILE C 369 22.26 23.00 46.93
N LEU C 370 21.39 23.95 46.59
CA LEU C 370 20.44 24.54 47.53
C LEU C 370 19.06 24.02 47.17
N LEU C 371 18.50 23.19 48.03
CA LEU C 371 17.20 22.58 47.76
C LEU C 371 16.19 23.00 48.82
N VAL C 372 14.93 23.10 48.41
CA VAL C 372 13.85 23.56 49.27
C VAL C 372 12.74 22.53 49.23
N VAL C 373 12.40 21.98 50.40
CA VAL C 373 11.22 21.13 50.54
C VAL C 373 10.09 22.02 51.06
N PRO C 374 9.10 22.36 50.22
CA PRO C 374 8.11 23.36 50.63
C PRO C 374 7.32 22.92 51.85
N ASN C 375 7.02 23.88 52.71
CA ASN C 375 6.30 23.69 53.97
C ASN C 375 7.02 22.72 54.92
N VAL C 376 8.26 22.34 54.61
CA VAL C 376 8.99 21.41 55.46
C VAL C 376 10.30 22.02 55.91
N MET C 377 11.21 22.31 54.96
CA MET C 377 12.58 22.60 55.32
C MET C 377 13.46 23.04 54.15
N GLY C 378 14.71 23.37 54.44
CA GLY C 378 15.64 23.78 53.40
C GLY C 378 17.02 23.21 53.69
N MET C 379 17.73 22.88 52.62
CA MET C 379 19.01 22.20 52.73
C MET C 379 20.03 22.84 51.81
N MET C 380 21.29 22.82 52.25
CA MET C 380 22.41 23.19 51.40
C MET C 380 23.49 22.12 51.50
N CYS C 381 23.93 21.62 50.35
CA CYS C 381 24.97 20.60 50.27
C CYS C 381 26.15 21.16 49.49
N TRP C 382 27.33 21.16 50.10
CA TRP C 382 28.53 21.71 49.49
C TRP C 382 29.54 20.60 49.24
N SER C 383 29.99 20.49 47.98
CA SER C 383 31.03 19.57 47.54
C SER C 383 31.71 20.14 46.30
N PRO C 384 32.94 20.64 46.42
CA PRO C 384 33.58 21.35 45.29
C PRO C 384 33.75 20.47 44.06
N PRO C 385 33.93 19.16 44.19
CA PRO C 385 33.92 18.30 43.00
C PRO C 385 32.69 18.52 42.14
N LEU C 386 32.88 18.49 40.83
CA LEU C 386 31.81 18.67 39.86
C LEU C 386 31.84 17.57 38.82
N ASP C 387 30.67 17.28 38.26
CA ASP C 387 30.54 16.29 37.19
C ASP C 387 30.64 17.01 35.84
N LYS C 388 30.26 16.31 34.77
CA LYS C 388 30.42 16.85 33.43
C LYS C 388 29.48 18.02 33.15
N MET C 389 28.28 18.03 33.73
CA MET C 389 27.30 19.07 33.45
C MET C 389 27.26 20.15 34.52
N GLY C 390 28.34 20.30 35.29
CA GLY C 390 28.43 21.41 36.23
C GLY C 390 27.70 21.22 37.54
N ASN C 391 27.49 19.98 37.98
CA ASN C 391 26.85 19.70 39.25
C ASN C 391 27.75 18.79 40.09
N SER C 392 27.70 18.99 41.41
CA SER C 392 28.50 18.16 42.31
C SER C 392 27.97 16.74 42.32
N VAL C 393 28.88 15.77 42.18
CA VAL C 393 28.47 14.36 42.16
C VAL C 393 27.89 13.97 43.52
N LYS C 394 28.53 14.41 44.61
CA LYS C 394 28.09 14.02 45.95
C LYS C 394 26.76 14.68 46.30
N GLY C 395 26.57 15.93 45.88
CA GLY C 395 25.29 16.58 46.13
C GLY C 395 24.14 15.90 45.39
N ILE C 396 24.35 15.58 44.12
CA ILE C 396 23.31 14.89 43.35
C ILE C 396 23.03 13.52 43.94
N HIS C 397 24.07 12.78 44.31
CA HIS C 397 23.87 11.47 44.91
C HIS C 397 23.11 11.58 46.23
N PHE C 398 23.45 12.58 47.05
CA PHE C 398 22.74 12.80 48.31
C PHE C 398 21.28 13.12 48.07
N CYS C 399 20.98 13.97 47.08
CA CYS C 399 19.60 14.31 46.78
C CYS C 399 18.82 13.08 46.32
N HIS C 400 19.42 12.27 45.44
CA HIS C 400 18.75 11.08 44.95
C HIS C 400 18.47 10.10 46.08
N ASP C 401 19.47 9.86 46.93
CA ASP C 401 19.26 8.92 48.03
C ASP C 401 18.25 9.46 49.04
N LEU C 402 18.25 10.77 49.28
CA LEU C 402 17.27 11.35 50.20
C LEU C 402 15.86 11.21 49.67
N VAL C 403 15.66 11.45 48.37
CA VAL C 403 14.32 11.30 47.80
C VAL C 403 13.94 9.84 47.68
N SER C 404 14.90 8.92 47.63
CA SER C 404 14.58 7.50 47.66
C SER C 404 14.22 7.03 49.06
N LEU C 405 14.83 7.61 50.09
CA LEU C 405 14.56 7.21 51.46
C LEU C 405 13.23 7.75 51.95
N CYS C 406 13.10 9.07 52.01
CA CYS C 406 11.85 9.72 52.39
C CYS C 406 10.99 9.97 51.16
N ASN C 407 9.68 10.08 51.39
CA ASN C 407 8.74 10.25 50.28
C ASN C 407 9.01 11.55 49.53
N PHE C 408 8.78 12.68 50.19
CA PHE C 408 8.98 14.03 49.63
C PHE C 408 8.36 14.08 48.23
N HIS C 409 9.09 14.51 47.20
CA HIS C 409 8.60 14.54 45.83
C HIS C 409 7.29 15.32 45.70
N PHE D 100 -13.18 12.11 54.05
CA PHE D 100 -13.80 12.15 52.73
C PHE D 100 -13.44 13.42 51.97
N VAL D 101 -12.17 13.53 51.59
CA VAL D 101 -11.59 14.68 50.88
C VAL D 101 -12.30 15.97 51.25
N ILE D 102 -12.88 16.65 50.27
CA ILE D 102 -13.70 17.83 50.51
C ILE D 102 -14.83 17.43 51.45
N PRO D 103 -14.83 17.91 52.70
CA PRO D 103 -15.77 17.40 53.70
C PRO D 103 -17.19 17.89 53.55
N ASP D 104 -17.46 18.85 52.66
CA ASP D 104 -18.80 19.39 52.49
C ASP D 104 -19.42 19.03 51.15
N PHE D 105 -18.72 19.29 50.04
CA PHE D 105 -19.24 19.07 48.69
C PHE D 105 -20.61 19.73 48.48
N MET D 106 -20.90 20.75 49.27
CA MET D 106 -22.11 21.56 49.09
C MET D 106 -21.78 23.01 48.78
N SER D 107 -20.89 23.63 49.54
CA SER D 107 -20.37 24.93 49.16
C SER D 107 -19.39 24.81 48.00
N PHE D 108 -18.63 23.72 47.96
CA PHE D 108 -17.71 23.51 46.84
C PHE D 108 -18.47 23.34 45.53
N THR D 109 -19.60 22.65 45.56
CA THR D 109 -20.41 22.50 44.36
C THR D 109 -20.94 23.86 43.89
N SER D 110 -21.34 24.72 44.83
CA SER D 110 -21.77 26.07 44.47
C SER D 110 -20.62 26.88 43.88
N HIS D 111 -19.42 26.72 44.43
CA HIS D 111 -18.26 27.41 43.87
C HIS D 111 -17.99 26.94 42.44
N ILE D 112 -18.08 25.62 42.20
CA ILE D 112 -17.88 25.10 40.86
C ILE D 112 -18.96 25.63 39.91
N ASP D 113 -20.21 25.72 40.40
CA ASP D 113 -21.28 26.26 39.57
C ASP D 113 -21.03 27.72 39.21
N GLU D 114 -20.58 28.52 40.18
CA GLU D 114 -20.35 29.93 39.90
C GLU D 114 -19.16 30.11 38.96
N LEU D 115 -18.13 29.27 39.10
CA LEU D 115 -17.02 29.31 38.15
C LEU D 115 -17.48 28.92 36.74
N TYR D 116 -18.35 27.92 36.65
CA TYR D 116 -18.90 27.52 35.36
C TYR D 116 -19.68 28.67 34.72
N GLU D 117 -20.51 29.34 35.52
CA GLU D 117 -21.29 30.47 34.99
C GLU D 117 -20.37 31.61 34.56
N SER D 118 -19.33 31.88 35.35
CA SER D 118 -18.39 32.94 34.99
C SER D 118 -17.66 32.61 33.68
N ALA D 119 -17.23 31.37 33.51
CA ALA D 119 -16.51 30.97 32.31
C ALA D 119 -17.41 30.84 31.09
N LYS D 120 -18.72 30.65 31.29
CA LYS D 120 -19.63 30.49 30.17
C LYS D 120 -19.76 31.76 29.33
N LYS D 121 -19.35 32.90 29.85
CA LYS D 121 -19.54 34.17 29.17
C LYS D 121 -18.46 34.47 28.13
N GLN D 122 -17.48 33.59 27.96
CA GLN D 122 -16.43 33.82 26.97
C GLN D 122 -17.01 33.69 25.55
N SER D 123 -16.33 34.33 24.60
CA SER D 123 -16.79 34.34 23.22
C SER D 123 -16.44 33.04 22.51
N GLY D 124 -15.14 32.75 22.39
CA GLY D 124 -14.71 31.51 21.76
C GLY D 124 -13.75 31.71 20.61
N GLY D 125 -13.73 30.76 19.69
CA GLY D 125 -12.84 30.84 18.55
C GLY D 125 -13.08 29.69 17.60
N LYS D 126 -12.06 29.44 16.77
CA LYS D 126 -12.13 28.34 15.83
C LYS D 126 -12.13 27.00 16.56
N VAL D 127 -12.70 25.98 15.92
CA VAL D 127 -12.85 24.69 16.58
C VAL D 127 -11.88 23.66 16.02
N ALA D 128 -12.03 23.31 14.74
CA ALA D 128 -11.13 22.36 14.09
C ALA D 128 -10.45 22.96 12.86
N ASP D 129 -11.23 23.42 11.88
CA ASP D 129 -10.73 24.06 10.67
C ASP D 129 -9.88 23.15 9.80
N TYR D 130 -9.76 21.86 10.17
CA TYR D 130 -8.94 20.96 9.37
C TYR D 130 -9.65 19.66 9.04
N ILE D 131 -10.59 19.23 9.87
CA ILE D 131 -11.40 18.05 9.58
C ILE D 131 -12.87 18.37 9.83
N PRO D 132 -13.80 17.77 9.08
CA PRO D 132 -15.22 18.06 9.29
C PRO D 132 -15.83 17.37 10.51
N GLN D 133 -15.21 16.31 11.01
CA GLN D 133 -15.78 15.59 12.14
C GLN D 133 -15.75 16.43 13.41
N LEU D 134 -14.65 17.15 13.64
CA LEU D 134 -14.53 18.02 14.82
C LEU D 134 -14.99 19.45 14.55
N ALA D 135 -15.30 19.79 13.31
CA ALA D 135 -15.76 21.14 12.97
C ALA D 135 -17.27 21.27 12.98
N LYS D 136 -18.00 20.20 13.26
CA LYS D 136 -19.46 20.23 13.30
C LYS D 136 -20.01 20.50 14.70
N PHE D 137 -19.15 20.65 15.70
CA PHE D 137 -19.60 20.90 17.06
C PHE D 137 -19.86 22.39 17.26
N SER D 138 -21.06 22.72 17.73
CA SER D 138 -21.42 24.11 17.92
C SER D 138 -20.66 24.70 19.10
N PRO D 139 -20.31 25.99 19.04
CA PRO D 139 -19.55 26.61 20.14
C PRO D 139 -20.30 26.64 21.46
N ASP D 140 -21.62 26.52 21.46
CA ASP D 140 -22.39 26.63 22.70
C ASP D 140 -22.15 25.47 23.66
N LEU D 141 -21.54 24.39 23.20
CA LEU D 141 -21.29 23.24 24.07
C LEU D 141 -20.21 23.58 25.07
N TRP D 142 -20.48 23.32 26.35
CA TRP D 142 -19.55 23.66 27.42
C TRP D 142 -19.94 22.89 28.66
N GLY D 143 -19.09 21.98 29.11
CA GLY D 143 -19.41 21.11 30.21
C GLY D 143 -18.22 20.89 31.13
N VAL D 144 -18.52 20.61 32.40
CA VAL D 144 -17.52 20.39 33.43
C VAL D 144 -17.91 19.15 34.24
N SER D 145 -16.94 18.29 34.51
CA SER D 145 -17.16 17.12 35.35
C SER D 145 -16.04 17.01 36.38
N VAL D 146 -16.41 16.73 37.62
CA VAL D 146 -15.47 16.61 38.72
C VAL D 146 -15.74 15.30 39.44
N CYS D 147 -14.68 14.55 39.73
CA CYS D 147 -14.81 13.32 40.51
C CYS D 147 -13.70 13.29 41.55
N THR D 148 -14.08 13.21 42.82
CA THR D 148 -13.08 13.13 43.88
C THR D 148 -12.53 11.72 43.96
N VAL D 149 -11.46 11.57 44.75
CA VAL D 149 -10.78 10.29 44.88
C VAL D 149 -11.50 9.41 45.89
N ASP D 150 -12.65 9.88 46.37
CA ASP D 150 -13.45 9.15 47.34
C ASP D 150 -14.85 8.84 46.82
N GLY D 151 -15.02 8.86 45.50
CA GLY D 151 -16.26 8.45 44.86
C GLY D 151 -17.21 9.59 44.55
N GLN D 152 -17.08 10.72 45.23
CA GLN D 152 -17.99 11.84 45.03
C GLN D 152 -17.88 12.40 43.62
N ARG D 153 -19.02 12.65 42.99
CA ARG D 153 -19.08 13.14 41.62
C ARG D 153 -19.96 14.37 41.51
N HIS D 154 -19.72 15.16 40.46
CA HIS D 154 -20.59 16.29 40.14
C HIS D 154 -20.38 16.69 38.70
N SER D 155 -21.48 16.83 37.95
CA SER D 155 -21.42 17.22 36.55
C SER D 155 -22.29 18.45 36.32
N ILE D 156 -21.79 19.38 35.50
CA ILE D 156 -22.48 20.63 35.22
C ILE D 156 -22.43 20.88 33.71
N GLY D 157 -23.59 21.19 33.13
CA GLY D 157 -23.67 21.46 31.71
C GLY D 157 -24.02 20.24 30.89
N ASP D 158 -23.54 20.18 29.65
CA ASP D 158 -23.79 19.05 28.76
C ASP D 158 -22.58 18.12 28.83
N THR D 159 -22.54 17.32 29.89
CA THR D 159 -21.47 16.36 30.14
C THR D 159 -21.85 14.95 29.69
N LYS D 160 -22.71 14.82 28.69
CA LYS D 160 -23.12 13.52 28.18
C LYS D 160 -22.89 13.40 26.68
N VAL D 161 -22.21 14.36 26.06
CA VAL D 161 -21.94 14.35 24.64
C VAL D 161 -20.57 13.72 24.42
N PRO D 162 -20.47 12.59 23.73
CA PRO D 162 -19.15 11.97 23.51
C PRO D 162 -18.26 12.82 22.63
N PHE D 163 -16.95 12.73 22.89
CA PHE D 163 -15.95 13.43 22.12
C PHE D 163 -14.66 12.63 22.15
N CYS D 164 -13.85 12.78 21.10
CA CYS D 164 -12.64 11.99 20.96
C CYS D 164 -11.53 12.50 21.87
N LEU D 165 -10.74 11.55 22.41
CA LEU D 165 -9.55 11.87 23.18
C LEU D 165 -8.37 12.02 22.20
N GLN D 166 -8.30 13.20 21.59
CA GLN D 166 -7.29 13.43 20.54
C GLN D 166 -5.88 13.35 21.13
N SER D 167 -5.55 14.27 22.03
CA SER D 167 -4.23 14.31 22.63
C SER D 167 -4.24 14.05 24.13
N CYS D 168 -5.40 13.75 24.71
CA CYS D 168 -5.50 13.40 26.12
C CYS D 168 -5.24 11.93 26.38
N VAL D 169 -4.98 11.14 25.33
CA VAL D 169 -4.66 9.73 25.49
C VAL D 169 -3.18 9.48 25.70
N LYS D 170 -2.33 10.46 25.42
CA LYS D 170 -0.89 10.27 25.60
C LYS D 170 -0.51 9.93 27.04
N PRO D 171 -0.98 10.64 28.07
CA PRO D 171 -0.67 10.20 29.44
C PRO D 171 -1.15 8.79 29.73
N LEU D 172 -2.34 8.43 29.23
CA LEU D 172 -2.88 7.11 29.50
C LEU D 172 -2.07 6.01 28.81
N LYS D 173 -1.68 6.23 27.55
CA LYS D 173 -0.88 5.22 26.86
C LYS D 173 0.51 5.12 27.47
N TYR D 174 1.09 6.24 27.91
CA TYR D 174 2.38 6.18 28.59
C TYR D 174 2.28 5.42 29.90
N ALA D 175 1.19 5.64 30.66
CA ALA D 175 0.99 4.90 31.90
C ALA D 175 0.84 3.41 31.62
N ILE D 176 0.08 3.05 30.58
CA ILE D 176 -0.08 1.64 30.23
C ILE D 176 1.27 1.02 29.88
N ALA D 177 2.06 1.72 29.06
CA ALA D 177 3.35 1.19 28.63
C ALA D 177 4.30 1.03 29.82
N VAL D 178 4.31 1.99 30.73
CA VAL D 178 5.18 1.89 31.91
C VAL D 178 4.72 0.76 32.81
N ASN D 179 3.41 0.60 33.00
CA ASN D 179 2.90 -0.46 33.85
C ASN D 179 3.23 -1.83 33.28
N ASP D 180 3.10 -2.00 31.96
CA ASP D 180 3.35 -3.30 31.35
C ASP D 180 4.83 -3.67 31.41
N LEU D 181 5.70 -2.74 31.03
CA LEU D 181 7.12 -3.05 30.84
C LEU D 181 7.99 -2.62 32.02
N GLY D 182 7.96 -1.35 32.37
CA GLY D 182 8.79 -0.81 33.43
C GLY D 182 9.39 0.52 33.03
N THR D 183 9.77 1.30 34.04
CA THR D 183 10.26 2.65 33.78
C THR D 183 11.55 2.63 32.97
N GLU D 184 12.49 1.76 33.33
CA GLU D 184 13.78 1.75 32.65
C GLU D 184 13.65 1.31 31.20
N TYR D 185 12.84 0.27 30.94
CA TYR D 185 12.67 -0.18 29.56
C TYR D 185 11.95 0.86 28.71
N VAL D 186 10.94 1.51 29.29
CA VAL D 186 10.20 2.52 28.54
C VAL D 186 11.09 3.73 28.23
N HIS D 187 11.85 4.20 29.21
CA HIS D 187 12.69 5.37 29.02
C HIS D 187 14.02 5.04 28.36
N ARG D 188 14.29 3.76 28.06
CA ARG D 188 15.41 3.42 27.21
C ARG D 188 15.23 3.93 25.78
N TYR D 189 13.98 4.19 25.37
CA TYR D 189 13.68 4.62 24.02
C TYR D 189 13.25 6.08 23.92
N VAL D 190 12.75 6.67 25.01
CA VAL D 190 12.32 8.06 25.01
C VAL D 190 12.95 8.77 26.20
N GLY D 191 13.06 10.09 26.09
CA GLY D 191 13.59 10.92 27.14
C GLY D 191 12.53 11.31 28.15
N LYS D 192 12.91 12.21 29.05
CA LYS D 192 12.00 12.70 30.08
C LYS D 192 12.16 14.20 30.30
N GLU D 193 12.52 14.93 29.26
CA GLU D 193 12.79 16.37 29.36
C GLU D 193 12.00 17.12 28.29
N PRO D 194 11.62 18.36 28.57
CA PRO D 194 10.93 19.16 27.55
C PRO D 194 11.85 19.50 26.40
N SER D 195 11.26 19.65 25.21
CA SER D 195 12.02 19.97 24.01
C SER D 195 12.15 21.47 23.79
N GLY D 196 11.22 22.27 24.31
CA GLY D 196 11.27 23.71 24.13
C GLY D 196 10.69 24.21 22.83
N LEU D 197 10.15 23.33 21.98
CA LEU D 197 9.56 23.74 20.71
C LEU D 197 8.19 23.11 20.54
N ARG D 198 7.62 23.22 19.34
CA ARG D 198 6.28 22.71 19.09
C ARG D 198 6.28 21.18 19.15
N PHE D 199 5.09 20.62 19.32
CA PHE D 199 4.95 19.18 19.49
C PHE D 199 5.23 18.43 18.18
N ASN D 200 5.01 19.07 17.04
CA ASN D 200 5.19 18.43 15.74
C ASN D 200 6.51 18.80 15.08
N LYS D 201 7.56 19.00 15.87
CA LYS D 201 8.88 19.31 15.34
C LYS D 201 9.65 18.02 15.08
N LEU D 202 10.37 18.00 13.95
CA LEU D 202 11.12 16.81 13.54
C LEU D 202 12.58 16.99 13.95
N PHE D 203 12.85 16.71 15.22
CA PHE D 203 14.22 16.72 15.71
C PHE D 203 14.30 15.91 17.00
N LEU D 204 15.44 15.25 17.19
CA LEU D 204 15.70 14.42 18.36
C LEU D 204 16.76 15.06 19.23
N ASN D 205 16.93 14.52 20.43
CA ASN D 205 17.89 15.07 21.37
C ASN D 205 19.30 14.60 21.02
N GLU D 206 20.25 14.81 21.93
CA GLU D 206 21.65 14.45 21.67
C GLU D 206 21.85 12.95 21.58
N ASP D 207 20.91 12.15 22.06
CA ASP D 207 21.00 10.70 22.00
C ASP D 207 20.22 10.10 20.83
N ASP D 208 19.72 10.95 19.92
CA ASP D 208 18.88 10.51 18.81
C ASP D 208 17.66 9.76 19.30
N LYS D 209 17.01 10.32 20.31
CA LYS D 209 15.78 9.79 20.89
C LYS D 209 14.75 10.90 21.02
N PRO D 210 13.46 10.56 21.03
CA PRO D 210 12.44 11.58 21.27
C PRO D 210 12.61 12.22 22.64
N HIS D 211 12.28 13.51 22.71
CA HIS D 211 12.55 14.28 23.92
C HIS D 211 11.72 13.79 25.10
N ASN D 212 10.44 13.49 24.89
CA ASN D 212 9.54 13.09 25.96
C ASN D 212 8.37 12.35 25.35
N PRO D 213 7.61 11.59 26.16
CA PRO D 213 6.47 10.85 25.61
C PRO D 213 5.26 11.73 25.30
N MET D 214 5.40 13.05 25.40
CA MET D 214 4.30 13.96 25.13
C MET D 214 4.32 14.54 23.72
N VAL D 215 5.49 14.68 23.11
CA VAL D 215 5.57 15.15 21.73
C VAL D 215 5.12 14.02 20.81
N ASN D 216 4.90 14.34 19.54
CA ASN D 216 4.37 13.34 18.62
C ASN D 216 5.34 12.17 18.43
N ALA D 217 6.63 12.46 18.33
CA ALA D 217 7.61 11.39 18.16
C ALA D 217 7.64 10.47 19.38
N GLY D 218 7.62 11.05 20.57
CA GLY D 218 7.58 10.24 21.78
C GLY D 218 6.29 9.43 21.89
N ALA D 219 5.17 10.04 21.50
CA ALA D 219 3.91 9.32 21.52
C ALA D 219 3.92 8.13 20.57
N ILE D 220 4.47 8.32 19.36
CA ILE D 220 4.57 7.22 18.41
C ILE D 220 5.46 6.11 18.95
N VAL D 221 6.61 6.48 19.52
CA VAL D 221 7.52 5.46 20.05
C VAL D 221 6.86 4.69 21.19
N VAL D 222 6.17 5.40 22.09
CA VAL D 222 5.50 4.73 23.20
C VAL D 222 4.38 3.83 22.68
N THR D 223 3.69 4.25 21.63
CA THR D 223 2.69 3.40 21.00
C THR D 223 3.32 2.12 20.47
N SER D 224 4.53 2.23 19.92
CA SER D 224 5.23 1.05 19.42
C SER D 224 5.60 0.07 20.52
N LEU D 225 5.61 0.51 21.78
CA LEU D 225 6.04 -0.32 22.89
C LEU D 225 4.94 -1.16 23.51
N ILE D 226 3.69 -0.95 23.12
CA ILE D 226 2.55 -1.59 23.77
C ILE D 226 2.24 -2.90 23.07
N LYS D 227 2.29 -4.01 23.83
CA LYS D 227 1.87 -5.32 23.36
C LYS D 227 2.63 -5.73 22.08
N GLN D 228 3.94 -5.83 22.21
CA GLN D 228 4.79 -6.11 21.06
C GLN D 228 4.54 -7.51 20.51
N GLY D 229 4.65 -7.63 19.18
CA GLY D 229 4.56 -8.91 18.52
C GLY D 229 3.16 -9.41 18.24
N VAL D 230 2.14 -8.58 18.40
CA VAL D 230 0.75 -8.99 18.21
C VAL D 230 0.10 -8.03 17.24
N ASN D 231 -0.97 -8.49 16.59
CA ASN D 231 -1.65 -7.68 15.59
C ASN D 231 -2.43 -6.55 16.25
N ASN D 232 -2.99 -5.68 15.41
CA ASN D 232 -3.64 -4.47 15.91
C ASN D 232 -4.94 -4.77 16.65
N ALA D 233 -5.64 -5.84 16.28
CA ALA D 233 -6.92 -6.14 16.92
C ALA D 233 -6.74 -6.44 18.41
N GLU D 234 -5.75 -7.28 18.73
CA GLU D 234 -5.52 -7.62 20.14
C GLU D 234 -4.97 -6.43 20.91
N LYS D 235 -4.12 -5.61 20.27
CA LYS D 235 -3.64 -4.40 20.93
C LYS D 235 -4.79 -3.48 21.28
N PHE D 236 -5.71 -3.27 20.34
CA PHE D 236 -6.86 -2.40 20.59
C PHE D 236 -7.75 -2.99 21.67
N ASP D 237 -7.96 -4.31 21.65
CA ASP D 237 -8.76 -4.94 22.69
C ASP D 237 -8.13 -4.74 24.07
N TYR D 238 -6.81 -4.91 24.16
CA TYR D 238 -6.10 -4.74 25.43
C TYR D 238 -6.23 -3.31 25.92
N VAL D 239 -6.02 -2.34 25.03
CA VAL D 239 -6.10 -0.93 25.42
C VAL D 239 -7.52 -0.57 25.85
N MET D 240 -8.52 -1.05 25.12
CA MET D 240 -9.90 -0.76 25.47
C MET D 240 -10.29 -1.38 26.81
N GLN D 241 -9.83 -2.61 27.06
CA GLN D 241 -10.10 -3.22 28.36
C GLN D 241 -9.43 -2.44 29.48
N PHE D 242 -8.19 -1.98 29.26
CA PHE D 242 -7.51 -1.18 30.27
C PHE D 242 -8.24 0.13 30.53
N LEU D 243 -8.73 0.78 29.46
CA LEU D 243 -9.45 2.04 29.63
C LEU D 243 -10.78 1.82 30.34
N ASN D 244 -11.48 0.73 30.01
CA ASN D 244 -12.74 0.43 30.70
C ASN D 244 -12.50 0.16 32.18
N LYS D 245 -11.43 -0.55 32.51
CA LYS D 245 -11.08 -0.77 33.91
C LYS D 245 -10.74 0.55 34.60
N MET D 246 -10.02 1.43 33.89
CA MET D 246 -9.59 2.69 34.48
C MET D 246 -10.75 3.65 34.67
N ALA D 247 -11.69 3.68 33.72
CA ALA D 247 -12.80 4.62 33.76
C ALA D 247 -13.95 4.15 34.64
N GLY D 248 -13.80 3.03 35.34
CA GLY D 248 -14.87 2.52 36.18
C GLY D 248 -16.07 2.03 35.40
N ASN D 249 -15.85 1.40 34.24
CA ASN D 249 -16.92 0.86 33.40
C ASN D 249 -17.93 1.94 32.99
N GLU D 250 -17.42 3.14 32.69
CA GLU D 250 -18.25 4.21 32.16
C GLU D 250 -18.26 4.10 30.64
N TYR D 251 -18.76 5.14 29.97
CA TYR D 251 -18.90 5.11 28.51
C TYR D 251 -17.55 5.38 27.86
N VAL D 252 -17.01 4.37 27.18
CA VAL D 252 -15.83 4.50 26.33
C VAL D 252 -16.13 3.80 25.02
N GLY D 253 -15.96 4.52 23.91
CA GLY D 253 -16.26 3.95 22.61
C GLY D 253 -15.32 4.37 21.52
N PHE D 254 -15.64 4.03 20.28
CA PHE D 254 -14.80 4.35 19.13
C PHE D 254 -15.58 5.20 18.14
N SER D 255 -14.92 6.21 17.58
CA SER D 255 -15.51 7.10 16.58
C SER D 255 -14.84 6.78 15.24
N ASN D 256 -15.51 5.96 14.43
CA ASN D 256 -14.91 5.52 13.18
C ASN D 256 -14.76 6.67 12.19
N ALA D 257 -15.71 7.61 12.17
CA ALA D 257 -15.61 8.73 11.25
C ALA D 257 -14.38 9.58 11.54
N THR D 258 -14.10 9.84 12.81
CA THR D 258 -12.90 10.60 13.19
C THR D 258 -11.63 9.84 12.79
N PHE D 259 -11.62 8.53 12.99
CA PHE D 259 -10.46 7.72 12.63
C PHE D 259 -10.22 7.78 11.13
N GLN D 260 -11.28 7.64 10.33
CA GLN D 260 -11.13 7.71 8.88
C GLN D 260 -10.64 9.08 8.44
N SER D 261 -11.18 10.14 9.06
CA SER D 261 -10.73 11.48 8.71
C SER D 261 -9.28 11.70 9.09
N GLU D 262 -8.83 11.12 10.21
CA GLU D 262 -7.44 11.28 10.64
C GLU D 262 -6.47 10.47 9.80
N ARG D 263 -6.93 9.35 9.23
CA ARG D 263 -6.02 8.51 8.45
C ARG D 263 -5.43 9.25 7.26
N GLU D 264 -6.26 10.00 6.53
CA GLU D 264 -5.82 10.66 5.31
C GLU D 264 -5.31 12.08 5.53
N SER D 265 -5.24 12.55 6.78
CA SER D 265 -4.81 13.91 7.06
C SER D 265 -3.53 13.98 7.90
N GLY D 266 -2.98 12.84 8.31
CA GLY D 266 -1.80 12.84 9.15
C GLY D 266 -0.49 12.77 8.40
N ASP D 267 -0.25 13.72 7.49
CA ASP D 267 1.02 13.73 6.76
C ASP D 267 2.20 14.00 7.68
N ARG D 268 2.03 14.90 8.64
CA ARG D 268 3.11 15.19 9.59
C ARG D 268 3.45 13.95 10.40
N ASN D 269 2.45 13.19 10.82
CA ASN D 269 2.71 11.97 11.59
C ASN D 269 3.45 10.94 10.75
N PHE D 270 3.10 10.82 9.46
CA PHE D 270 3.82 9.91 8.58
C PHE D 270 5.27 10.34 8.40
N ALA D 271 5.52 11.64 8.25
CA ALA D 271 6.88 12.13 8.14
C ALA D 271 7.67 11.85 9.42
N ILE D 272 7.05 12.07 10.57
CA ILE D 272 7.72 11.79 11.85
C ILE D 272 8.02 10.31 11.99
N GLY D 273 7.07 9.46 11.58
CA GLY D 273 7.29 8.02 11.66
C GLY D 273 8.44 7.56 10.78
N TYR D 274 8.50 8.07 9.55
CA TYR D 274 9.60 7.69 8.67
C TYR D 274 10.93 8.21 9.18
N TYR D 275 10.95 9.44 9.72
CA TYR D 275 12.17 9.98 10.31
C TYR D 275 12.63 9.13 11.48
N LEU D 276 11.70 8.70 12.33
CA LEU D 276 12.05 7.83 13.45
C LEU D 276 12.56 6.48 12.97
N LYS D 277 11.95 5.93 11.92
CA LYS D 277 12.40 4.65 11.40
C LYS D 277 13.80 4.73 10.82
N GLU D 278 14.12 5.85 10.17
CA GLU D 278 15.46 6.01 9.60
C GLU D 278 16.53 6.02 10.68
N LYS D 279 16.26 6.68 11.80
CA LYS D 279 17.22 6.83 12.89
C LYS D 279 17.25 5.62 13.83
N LYS D 280 16.49 4.57 13.52
CA LYS D 280 16.45 3.35 14.32
C LYS D 280 16.01 3.65 15.76
N CYS D 281 14.89 4.34 15.89
CA CYS D 281 14.31 4.66 17.19
C CYS D 281 13.24 3.67 17.64
N PHE D 282 12.93 2.67 16.81
CA PHE D 282 11.89 1.70 17.13
C PHE D 282 12.50 0.41 17.68
N PRO D 283 11.75 -0.33 18.50
CA PRO D 283 12.22 -1.64 18.94
C PRO D 283 12.34 -2.59 17.75
N GLU D 284 13.24 -3.56 17.90
CA GLU D 284 13.50 -4.50 16.80
C GLU D 284 12.26 -5.29 16.45
N GLY D 285 11.96 -5.39 15.15
CA GLY D 285 10.82 -6.14 14.68
C GLY D 285 9.51 -5.39 14.80
N THR D 286 9.43 -4.21 14.21
CA THR D 286 8.21 -3.42 14.23
C THR D 286 7.88 -2.93 12.82
N ASP D 287 6.59 -2.84 12.54
CA ASP D 287 6.09 -2.34 11.26
C ASP D 287 5.60 -0.91 11.46
N MET D 288 6.25 0.04 10.78
CA MET D 288 5.99 1.45 11.05
C MET D 288 4.56 1.85 10.69
N VAL D 289 4.06 1.38 9.53
CA VAL D 289 2.73 1.77 9.10
C VAL D 289 1.67 1.20 10.04
N GLY D 290 1.88 -0.03 10.53
CA GLY D 290 0.97 -0.58 11.52
C GLY D 290 0.97 0.21 12.80
N ILE D 291 2.15 0.66 13.24
CA ILE D 291 2.24 1.47 14.45
C ILE D 291 1.50 2.78 14.27
N LEU D 292 1.66 3.42 13.10
CA LEU D 292 0.94 4.67 12.85
C LEU D 292 -0.55 4.45 12.80
N ASP D 293 -1.00 3.35 12.20
CA ASP D 293 -2.43 3.05 12.18
C ASP D 293 -2.97 2.83 13.59
N PHE D 294 -2.21 2.13 14.43
CA PHE D 294 -2.63 1.94 15.81
C PHE D 294 -2.66 3.25 16.57
N TYR D 295 -1.71 4.14 16.29
CA TYR D 295 -1.71 5.46 16.91
C TYR D 295 -2.95 6.25 16.53
N PHE D 296 -3.31 6.22 15.23
CA PHE D 296 -4.53 6.89 14.78
C PHE D 296 -5.77 6.28 15.43
N GLN D 297 -5.77 4.96 15.59
CA GLN D 297 -6.90 4.29 16.26
C GLN D 297 -7.02 4.74 17.70
N LEU D 298 -5.89 4.83 18.41
CA LEU D 298 -5.91 5.25 19.80
C LEU D 298 -6.38 6.70 19.94
N CYS D 299 -5.96 7.57 19.02
CA CYS D 299 -6.37 8.96 19.10
C CYS D 299 -7.86 9.16 18.85
N SER D 300 -8.57 8.15 18.34
CA SER D 300 -9.97 8.27 17.99
C SER D 300 -10.91 7.70 19.05
N ILE D 301 -10.39 7.21 20.18
CA ILE D 301 -11.25 6.71 21.24
C ILE D 301 -12.00 7.86 21.87
N GLU D 302 -13.32 7.72 21.98
CA GLU D 302 -14.18 8.80 22.46
C GLU D 302 -14.75 8.44 23.83
N VAL D 303 -14.91 9.46 24.66
CA VAL D 303 -15.46 9.34 26.00
C VAL D 303 -16.38 10.53 26.24
N THR D 304 -17.04 10.52 27.41
CA THR D 304 -17.78 11.67 27.88
C THR D 304 -16.99 12.35 29.00
N CYS D 305 -17.54 13.44 29.53
CA CYS D 305 -16.87 14.13 30.62
C CYS D 305 -16.87 13.30 31.89
N GLU D 306 -17.87 12.44 32.08
CA GLU D 306 -17.93 11.60 33.27
C GLU D 306 -16.79 10.58 33.29
N SER D 307 -16.62 9.84 32.20
CA SER D 307 -15.57 8.84 32.14
C SER D 307 -14.19 9.46 32.23
N ALA D 308 -13.98 10.60 31.56
CA ALA D 308 -12.69 11.28 31.65
C ALA D 308 -12.44 11.80 33.06
N SER D 309 -13.48 12.27 33.73
CA SER D 309 -13.33 12.69 35.13
C SER D 309 -12.94 11.51 36.01
N VAL D 310 -13.53 10.34 35.76
CA VAL D 310 -13.16 9.16 36.52
C VAL D 310 -11.71 8.75 36.25
N MET D 311 -11.27 8.87 34.99
CA MET D 311 -9.88 8.58 34.67
C MET D 311 -8.92 9.51 35.39
N ALA D 312 -9.24 10.81 35.40
CA ALA D 312 -8.40 11.76 36.12
C ALA D 312 -8.41 11.46 37.62
N ALA D 313 -9.58 11.09 38.17
CA ALA D 313 -9.68 10.79 39.59
C ALA D 313 -8.85 9.56 39.96
N THR D 314 -8.86 8.53 39.12
CA THR D 314 -8.07 7.35 39.43
C THR D 314 -6.58 7.58 39.21
N LEU D 315 -6.22 8.50 38.32
CA LEU D 315 -4.82 8.95 38.27
C LEU D 315 -4.44 9.68 39.55
N ALA D 316 -5.34 10.52 40.06
CA ALA D 316 -5.07 11.24 41.30
C ALA D 316 -4.95 10.30 42.50
N ASN D 317 -5.78 9.25 42.52
CA ASN D 317 -5.83 8.34 43.64
C ASN D 317 -4.63 7.40 43.71
N GLY D 318 -3.84 7.30 42.65
CA GLY D 318 -2.68 6.43 42.66
C GLY D 318 -2.96 5.05 42.11
N GLY D 319 -3.73 4.98 41.03
CA GLY D 319 -4.04 3.72 40.39
C GLY D 319 -5.26 3.00 40.92
N PHE D 320 -5.92 3.53 41.94
CA PHE D 320 -7.13 2.93 42.49
C PHE D 320 -8.34 3.70 41.98
N CYS D 321 -9.23 3.01 41.30
CA CYS D 321 -10.42 3.66 40.78
C CYS D 321 -11.32 4.10 41.93
N PRO D 322 -11.71 5.37 42.01
CA PRO D 322 -12.53 5.82 43.15
C PRO D 322 -13.87 5.12 43.24
N ILE D 323 -14.45 4.71 42.11
CA ILE D 323 -15.77 4.09 42.13
C ILE D 323 -15.67 2.62 42.50
N THR D 324 -14.97 1.83 41.68
CA THR D 324 -14.88 0.40 41.91
C THR D 324 -13.94 0.04 43.04
N GLY D 325 -12.87 0.81 43.24
CA GLY D 325 -11.88 0.49 44.25
C GLY D 325 -10.83 -0.50 43.83
N GLU D 326 -10.81 -0.90 42.55
CA GLU D 326 -9.86 -1.88 42.06
C GLU D 326 -8.59 -1.19 41.59
N ARG D 327 -7.45 -1.72 42.00
CA ARG D 327 -6.16 -1.20 41.55
C ARG D 327 -6.00 -1.43 40.06
N VAL D 328 -5.62 -0.39 39.33
CA VAL D 328 -5.46 -0.48 37.89
C VAL D 328 -4.06 -0.09 37.42
N LEU D 329 -3.31 0.70 38.18
CA LEU D 329 -1.98 1.12 37.78
C LEU D 329 -1.04 1.02 38.98
N SER D 330 0.24 0.82 38.68
CA SER D 330 1.26 0.80 39.71
C SER D 330 1.61 2.22 40.15
N PRO D 331 2.07 2.39 41.40
CA PRO D 331 2.44 3.74 41.85
C PRO D 331 3.51 4.40 41.00
N GLU D 332 4.48 3.62 40.51
CA GLU D 332 5.52 4.18 39.65
C GLU D 332 4.92 4.73 38.36
N ALA D 333 3.95 4.02 37.78
CA ALA D 333 3.35 4.45 36.53
C ALA D 333 2.63 5.78 36.70
N VAL D 334 1.80 5.90 37.74
CA VAL D 334 1.04 7.13 37.93
C VAL D 334 1.96 8.28 38.33
N ARG D 335 3.00 7.99 39.13
CA ARG D 335 3.94 9.04 39.50
C ARG D 335 4.69 9.57 38.28
N ASN D 336 5.16 8.67 37.42
CA ASN D 336 5.85 9.10 36.21
C ASN D 336 4.91 9.86 35.28
N THR D 337 3.67 9.40 35.16
CA THR D 337 2.70 10.09 34.30
C THR D 337 2.43 11.50 34.81
N LEU D 338 2.26 11.66 36.12
CA LEU D 338 2.02 12.98 36.69
C LEU D 338 3.23 13.89 36.50
N SER D 339 4.44 13.34 36.68
CA SER D 339 5.65 14.14 36.48
C SER D 339 5.75 14.61 35.04
N LEU D 340 5.49 13.72 34.08
CA LEU D 340 5.56 14.10 32.67
C LEU D 340 4.49 15.13 32.33
N MET D 341 3.27 14.96 32.86
CA MET D 341 2.21 15.92 32.59
C MET D 341 2.56 17.29 33.16
N HIS D 342 3.15 17.33 34.35
CA HIS D 342 3.55 18.61 34.94
C HIS D 342 4.70 19.23 34.17
N SER D 343 5.61 18.42 33.62
CA SER D 343 6.76 18.97 32.92
C SER D 343 6.37 19.50 31.54
N CYS D 344 5.77 18.66 30.71
CA CYS D 344 5.51 19.01 29.31
C CYS D 344 4.11 18.58 28.89
N GLY D 345 3.12 18.84 29.75
CA GLY D 345 1.75 18.49 29.42
C GLY D 345 1.10 19.43 28.42
N MET D 346 1.54 20.68 28.39
CA MET D 346 0.99 21.68 27.48
C MET D 346 2.00 22.15 26.44
N TYR D 347 3.05 21.37 26.21
CA TYR D 347 4.08 21.64 25.18
C TYR D 347 4.79 22.93 25.59
N ASP D 348 5.09 23.83 24.63
CA ASP D 348 5.87 25.02 24.91
C ASP D 348 5.17 26.01 25.83
N PHE D 349 3.86 25.85 26.05
CA PHE D 349 3.12 26.67 26.99
C PHE D 349 3.13 26.10 28.41
N SER D 350 3.58 24.85 28.57
CA SER D 350 3.41 24.15 29.84
C SER D 350 3.98 24.94 31.02
N GLY D 351 5.18 25.50 30.85
CA GLY D 351 5.78 26.26 31.94
C GLY D 351 4.89 27.38 32.42
N GLN D 352 4.32 28.14 31.48
CA GLN D 352 3.39 29.20 31.85
C GLN D 352 2.23 28.64 32.65
N PHE D 353 1.69 27.50 32.23
CA PHE D 353 0.65 26.84 33.01
C PHE D 353 1.14 26.56 34.42
N ALA D 354 2.32 25.96 34.54
CA ALA D 354 2.88 25.68 35.86
C ALA D 354 3.15 26.96 36.65
N PHE D 355 3.28 28.09 35.95
CA PHE D 355 3.47 29.35 36.65
C PHE D 355 2.15 29.87 37.23
N HIS D 356 1.03 29.55 36.60
CA HIS D 356 -0.27 30.10 37.02
C HIS D 356 -1.12 29.07 37.74
N VAL D 357 -1.38 27.92 37.12
CA VAL D 357 -2.22 26.89 37.73
C VAL D 357 -1.40 25.93 38.58
N GLY D 358 -0.30 25.43 38.03
CA GLY D 358 0.55 24.51 38.76
C GLY D 358 -0.09 23.16 39.05
N LEU D 359 -0.83 22.61 38.09
CA LEU D 359 -1.46 21.31 38.23
C LEU D 359 -1.21 20.48 36.98
N PRO D 360 -1.17 19.15 37.12
CA PRO D 360 -0.99 18.30 35.94
C PRO D 360 -2.23 18.27 35.06
N ALA D 361 -2.14 18.88 33.87
CA ALA D 361 -3.27 18.94 32.95
C ALA D 361 -2.80 18.61 31.54
N LYS D 362 -3.70 18.01 30.78
CA LYS D 362 -3.46 17.67 29.38
C LYS D 362 -4.58 18.24 28.52
N SER D 363 -4.21 18.78 27.36
CA SER D 363 -5.15 19.45 26.47
C SER D 363 -5.15 18.75 25.11
N GLY D 364 -6.35 18.58 24.54
CA GLY D 364 -6.52 18.01 23.22
C GLY D 364 -7.05 19.03 22.23
N VAL D 365 -7.02 18.63 20.96
CA VAL D 365 -7.51 19.51 19.90
C VAL D 365 -9.03 19.46 19.77
N ALA D 366 -9.70 18.54 20.47
CA ALA D 366 -11.15 18.47 20.50
C ALA D 366 -11.75 19.29 21.64
N GLY D 367 -11.03 20.29 22.14
CA GLY D 367 -11.52 21.11 23.23
C GLY D 367 -11.69 20.39 24.54
N GLY D 368 -10.72 19.56 24.91
CA GLY D 368 -10.79 18.86 26.17
C GLY D 368 -9.60 19.12 27.08
N ILE D 369 -9.87 19.53 28.31
CA ILE D 369 -8.83 19.78 29.31
C ILE D 369 -9.05 18.76 30.43
N LEU D 370 -8.11 17.84 30.58
CA LEU D 370 -8.16 16.81 31.62
C LEU D 370 -7.12 17.19 32.67
N LEU D 371 -7.58 17.59 33.86
CA LEU D 371 -6.67 18.04 34.88
C LEU D 371 -6.82 17.19 36.14
N VAL D 372 -5.72 17.07 36.88
CA VAL D 372 -5.65 16.21 38.06
C VAL D 372 -5.16 17.05 39.23
N VAL D 373 -5.89 17.02 40.34
CA VAL D 373 -5.42 17.58 41.59
C VAL D 373 -5.02 16.41 42.47
N PRO D 374 -3.72 16.15 42.65
CA PRO D 374 -3.28 14.91 43.31
C PRO D 374 -3.81 14.81 44.73
N ASN D 375 -4.18 13.59 45.11
CA ASN D 375 -4.76 13.27 46.41
C ASN D 375 -6.05 14.03 46.69
N VAL D 376 -6.62 14.70 45.68
CA VAL D 376 -7.86 15.44 45.89
C VAL D 376 -8.93 14.95 44.94
N MET D 377 -8.72 15.10 43.63
CA MET D 377 -9.78 14.85 42.67
C MET D 377 -9.25 14.96 41.25
N GLY D 378 -10.13 14.72 40.28
CA GLY D 378 -9.81 14.90 38.88
C GLY D 378 -10.98 15.46 38.10
N MET D 379 -10.71 16.35 37.15
CA MET D 379 -11.77 17.04 36.44
C MET D 379 -11.52 17.03 34.93
N MET D 380 -12.62 17.16 34.20
CA MET D 380 -12.61 17.23 32.75
C MET D 380 -13.48 18.40 32.31
N CYS D 381 -12.92 19.26 31.45
CA CYS D 381 -13.63 20.42 30.92
C CYS D 381 -13.70 20.30 29.41
N TRP D 382 -14.89 20.52 28.84
CA TRP D 382 -15.09 20.38 27.41
C TRP D 382 -15.70 21.66 26.86
N SER D 383 -15.03 22.25 25.87
CA SER D 383 -15.50 23.41 25.11
C SER D 383 -14.83 23.41 23.74
N PRO D 384 -15.57 23.08 22.66
CA PRO D 384 -15.01 23.12 21.30
C PRO D 384 -14.21 24.40 21.02
N PRO D 385 -14.75 25.62 21.28
CA PRO D 385 -14.04 26.86 20.97
C PRO D 385 -12.56 26.76 21.37
N LEU D 386 -11.65 26.98 20.42
CA LEU D 386 -10.19 26.87 20.69
C LEU D 386 -9.51 28.22 20.41
N ASP D 387 -8.44 28.53 21.15
CA ASP D 387 -7.70 29.77 20.94
C ASP D 387 -6.66 29.56 19.84
N LYS D 388 -5.73 30.51 19.70
CA LYS D 388 -4.75 30.47 18.63
C LYS D 388 -3.65 29.44 18.85
N MET D 389 -3.57 28.84 20.04
CA MET D 389 -2.50 27.90 20.35
C MET D 389 -2.99 26.47 20.57
N GLY D 390 -4.28 26.21 20.42
CA GLY D 390 -4.82 24.88 20.54
C GLY D 390 -5.43 24.53 21.89
N ASN D 391 -5.83 25.51 22.68
CA ASN D 391 -6.45 25.28 23.98
C ASN D 391 -7.85 25.89 23.99
N SER D 392 -8.76 25.24 24.70
CA SER D 392 -10.11 25.77 24.81
C SER D 392 -10.12 27.01 25.68
N VAL D 393 -10.74 28.08 25.18
CA VAL D 393 -10.78 29.34 25.92
C VAL D 393 -11.56 29.17 27.22
N LYS D 394 -12.72 28.52 27.16
CA LYS D 394 -13.52 28.31 28.36
C LYS D 394 -12.78 27.44 29.36
N GLY D 395 -12.12 26.39 28.89
CA GLY D 395 -11.37 25.53 29.80
C GLY D 395 -10.22 26.25 30.48
N ILE D 396 -9.47 27.05 29.71
CA ILE D 396 -8.34 27.79 30.29
C ILE D 396 -8.85 28.82 31.30
N HIS D 397 -9.93 29.53 30.96
CA HIS D 397 -10.50 30.50 31.88
C HIS D 397 -10.99 29.82 33.16
N PHE D 398 -11.63 28.65 33.02
CA PHE D 398 -12.10 27.92 34.19
C PHE D 398 -10.95 27.47 35.07
N CYS D 399 -9.87 26.98 34.46
CA CYS D 399 -8.70 26.56 35.23
C CYS D 399 -8.09 27.72 35.99
N HIS D 400 -7.94 28.88 35.32
CA HIS D 400 -7.38 30.04 35.99
C HIS D 400 -8.27 30.51 37.14
N ASP D 401 -9.59 30.54 36.92
CA ASP D 401 -10.50 30.95 37.98
C ASP D 401 -10.46 29.97 39.15
N LEU D 402 -10.38 28.67 38.85
CA LEU D 402 -10.33 27.67 39.91
C LEU D 402 -9.06 27.80 40.73
N VAL D 403 -7.92 28.01 40.09
CA VAL D 403 -6.67 28.12 40.84
C VAL D 403 -6.64 29.44 41.61
N SER D 404 -7.29 30.49 41.09
CA SER D 404 -7.35 31.74 41.84
C SER D 404 -8.27 31.62 43.05
N LEU D 405 -9.37 30.88 42.92
CA LEU D 405 -10.34 30.78 44.01
C LEU D 405 -9.83 29.88 45.13
N CYS D 406 -9.57 28.61 44.82
CA CYS D 406 -9.08 27.65 45.80
C CYS D 406 -7.58 27.47 45.63
N ASN D 407 -6.88 27.34 46.76
CA ASN D 407 -5.42 27.23 46.70
C ASN D 407 -4.98 25.97 45.97
N PHE D 408 -5.51 24.81 46.39
CA PHE D 408 -5.14 23.51 45.83
C PHE D 408 -3.62 23.37 45.94
N HIS D 409 -2.92 22.92 44.89
CA HIS D 409 -1.47 22.80 44.88
C HIS D 409 -0.95 21.96 46.05
N VAL E 101 26.28 -32.14 -35.51
CA VAL E 101 24.88 -32.55 -35.53
C VAL E 101 24.31 -32.50 -36.95
N ILE E 102 24.31 -31.32 -37.57
CA ILE E 102 23.89 -31.16 -38.96
C ILE E 102 25.15 -30.97 -39.79
N PRO E 103 25.54 -31.94 -40.66
CA PRO E 103 26.70 -31.79 -41.52
C PRO E 103 26.32 -31.06 -42.82
N ASP E 104 25.32 -30.18 -42.75
CA ASP E 104 24.85 -29.45 -43.97
C ASP E 104 24.30 -28.08 -43.56
N PHE E 105 24.99 -27.38 -42.65
CA PHE E 105 24.56 -26.04 -42.21
C PHE E 105 24.66 -25.05 -43.37
N MET E 106 24.86 -25.56 -44.59
CA MET E 106 24.92 -24.69 -45.80
C MET E 106 23.59 -24.80 -46.54
N SER E 107 23.23 -26.02 -46.98
CA SER E 107 21.94 -26.21 -47.63
C SER E 107 20.79 -26.12 -46.62
N PHE E 108 21.03 -26.55 -45.38
CA PHE E 108 20.04 -26.37 -44.34
C PHE E 108 19.74 -24.89 -44.10
N THR E 109 20.78 -24.06 -44.10
CA THR E 109 20.56 -22.63 -43.97
C THR E 109 19.78 -22.08 -45.17
N SER E 110 19.99 -22.67 -46.35
CA SER E 110 19.20 -22.28 -47.52
C SER E 110 17.73 -22.64 -47.33
N HIS E 111 17.46 -23.82 -46.76
CA HIS E 111 16.08 -24.19 -46.48
C HIS E 111 15.45 -23.24 -45.46
N ILE E 112 16.21 -22.87 -44.43
CA ILE E 112 15.72 -21.90 -43.47
C ILE E 112 15.43 -20.57 -44.16
N ASP E 113 16.34 -20.13 -45.03
CA ASP E 113 16.20 -18.86 -45.71
C ASP E 113 15.09 -18.85 -46.76
N GLU E 114 14.62 -20.03 -47.20
CA GLU E 114 13.45 -20.04 -48.07
C GLU E 114 12.15 -20.15 -47.29
N LEU E 115 12.14 -20.89 -46.17
CA LEU E 115 10.97 -20.85 -45.30
C LEU E 115 10.76 -19.46 -44.72
N TYR E 116 11.85 -18.70 -44.52
CA TYR E 116 11.73 -17.33 -44.04
C TYR E 116 10.94 -16.47 -45.01
N GLU E 117 11.28 -16.53 -46.30
CA GLU E 117 10.54 -15.78 -47.30
C GLU E 117 9.12 -16.32 -47.46
N SER E 118 8.95 -17.63 -47.34
CA SER E 118 7.61 -18.20 -47.42
C SER E 118 6.70 -17.66 -46.31
N ALA E 119 7.23 -17.56 -45.09
CA ALA E 119 6.43 -17.05 -43.97
C ALA E 119 6.34 -15.54 -43.94
N LYS E 120 7.24 -14.83 -44.63
CA LYS E 120 7.21 -13.37 -44.59
C LYS E 120 5.96 -12.80 -45.25
N LYS E 121 5.45 -13.45 -46.30
CA LYS E 121 4.33 -12.92 -47.07
C LYS E 121 3.01 -13.23 -46.36
N GLN E 122 2.83 -12.59 -45.20
CA GLN E 122 1.61 -12.72 -44.43
C GLN E 122 1.18 -11.35 -43.90
N SER E 123 -0.12 -11.19 -43.73
CA SER E 123 -0.68 -9.97 -43.15
C SER E 123 -0.92 -10.12 -41.65
N GLY E 124 -1.64 -11.18 -41.26
CA GLY E 124 -1.82 -11.48 -39.85
C GLY E 124 -2.93 -10.66 -39.21
N GLY E 125 -2.79 -10.46 -37.90
CA GLY E 125 -3.80 -9.75 -37.13
C GLY E 125 -3.22 -8.63 -36.30
N LYS E 126 -3.64 -8.55 -35.03
CA LYS E 126 -3.21 -7.49 -34.15
C LYS E 126 -1.86 -7.81 -33.53
N VAL E 127 -1.36 -6.90 -32.71
CA VAL E 127 -0.04 -7.00 -32.09
C VAL E 127 -0.15 -7.35 -30.60
N ALA E 128 -0.91 -6.56 -29.85
CA ALA E 128 -1.06 -6.76 -28.41
C ALA E 128 -2.12 -5.81 -27.86
N ASP E 129 -1.79 -4.52 -27.80
CA ASP E 129 -2.66 -3.42 -27.39
C ASP E 129 -3.02 -3.44 -25.91
N TYR E 130 -2.61 -4.46 -25.16
CA TYR E 130 -2.91 -4.48 -23.72
C TYR E 130 -1.98 -3.55 -22.95
N ILE E 131 -0.74 -3.38 -23.38
CA ILE E 131 0.14 -2.36 -22.82
C ILE E 131 0.71 -1.52 -23.97
N PRO E 132 0.87 -0.21 -23.78
CA PRO E 132 1.44 0.62 -24.86
C PRO E 132 2.84 0.23 -25.28
N GLN E 133 3.61 -0.43 -24.41
CA GLN E 133 5.00 -0.72 -24.72
C GLN E 133 5.18 -1.89 -25.69
N LEU E 134 4.12 -2.64 -25.98
CA LEU E 134 4.19 -3.70 -26.98
C LEU E 134 3.37 -3.41 -28.23
N ALA E 135 2.36 -2.55 -28.14
CA ALA E 135 1.63 -2.12 -29.33
C ALA E 135 2.32 -0.92 -29.98
N LYS E 136 3.63 -1.04 -30.18
CA LYS E 136 4.43 0.00 -30.81
C LYS E 136 5.29 -0.59 -31.91
N PHE E 137 5.67 -1.86 -31.74
CA PHE E 137 6.56 -2.51 -32.69
C PHE E 137 5.89 -2.63 -34.05
N SER E 138 6.66 -2.36 -35.10
CA SER E 138 6.11 -2.37 -36.45
C SER E 138 5.70 -3.79 -36.85
N PRO E 139 4.53 -3.96 -37.46
CA PRO E 139 4.10 -5.30 -37.86
C PRO E 139 5.06 -6.02 -38.80
N ASP E 140 5.90 -5.29 -39.53
CA ASP E 140 6.76 -5.92 -40.54
C ASP E 140 8.01 -6.55 -39.96
N LEU E 141 8.23 -6.46 -38.65
CA LEU E 141 9.39 -7.11 -38.04
C LEU E 141 9.20 -8.62 -38.03
N TRP E 142 10.24 -9.34 -38.46
CA TRP E 142 10.16 -10.79 -38.59
C TRP E 142 11.57 -11.33 -38.62
N GLY E 143 11.93 -12.13 -37.61
CA GLY E 143 13.28 -12.63 -37.49
C GLY E 143 13.31 -14.06 -37.02
N VAL E 144 14.34 -14.79 -37.44
CA VAL E 144 14.53 -16.19 -37.08
C VAL E 144 15.99 -16.38 -36.66
N SER E 145 16.19 -17.09 -35.54
CA SER E 145 17.51 -17.42 -35.06
C SER E 145 17.58 -18.91 -34.74
N VAL E 146 18.68 -19.55 -35.09
CA VAL E 146 18.87 -20.99 -34.94
C VAL E 146 20.24 -21.23 -34.34
N CYS E 147 20.31 -22.08 -33.31
CA CYS E 147 21.58 -22.47 -32.72
C CYS E 147 21.55 -23.98 -32.53
N THR E 148 22.43 -24.69 -33.22
CA THR E 148 22.53 -26.13 -33.04
C THR E 148 23.26 -26.44 -31.74
N VAL E 149 23.13 -27.71 -31.30
CA VAL E 149 23.75 -28.12 -30.05
C VAL E 149 25.27 -28.17 -30.15
N ASP E 150 25.82 -28.13 -31.35
CA ASP E 150 27.26 -28.15 -31.55
C ASP E 150 27.88 -26.76 -31.61
N GLY E 151 27.08 -25.70 -31.47
CA GLY E 151 27.58 -24.35 -31.45
C GLY E 151 27.37 -23.56 -32.73
N GLN E 152 27.06 -24.22 -33.84
CA GLN E 152 26.83 -23.51 -35.09
C GLN E 152 25.58 -22.65 -34.99
N ARG E 153 25.67 -21.43 -35.52
CA ARG E 153 24.61 -20.44 -35.41
C ARG E 153 24.19 -19.94 -36.79
N HIS E 154 22.96 -19.46 -36.88
CA HIS E 154 22.49 -18.82 -38.10
C HIS E 154 21.26 -17.97 -37.80
N SER E 155 21.29 -16.71 -38.21
CA SER E 155 20.18 -15.79 -38.00
C SER E 155 19.83 -15.09 -39.30
N ILE E 156 18.54 -14.83 -39.49
CA ILE E 156 18.06 -14.13 -40.67
C ILE E 156 16.86 -13.28 -40.29
N GLY E 157 16.91 -12.00 -40.67
CA GLY E 157 15.83 -11.08 -40.37
C GLY E 157 16.18 -10.07 -39.31
N ASP E 158 15.18 -9.62 -38.55
CA ASP E 158 15.40 -8.65 -37.48
C ASP E 158 15.68 -9.41 -36.19
N THR E 159 16.90 -9.95 -36.09
CA THR E 159 17.32 -10.76 -34.96
C THR E 159 18.14 -9.97 -33.95
N LYS E 160 18.20 -8.64 -34.08
CA LYS E 160 18.95 -7.80 -33.16
C LYS E 160 18.09 -6.79 -32.43
N VAL E 161 16.76 -6.92 -32.50
CA VAL E 161 15.84 -6.01 -31.85
C VAL E 161 15.39 -6.64 -30.54
N PRO E 162 15.71 -6.07 -29.38
CA PRO E 162 15.31 -6.67 -28.11
C PRO E 162 13.80 -6.69 -27.94
N PHE E 163 13.32 -7.72 -27.23
CA PHE E 163 11.91 -7.85 -26.92
C PHE E 163 11.76 -8.61 -25.60
N CYS E 164 10.68 -8.33 -24.89
CA CYS E 164 10.48 -8.92 -23.57
C CYS E 164 10.08 -10.38 -23.65
N LEU E 165 10.54 -11.16 -22.67
CA LEU E 165 10.14 -12.56 -22.52
C LEU E 165 8.90 -12.60 -21.64
N GLN E 166 7.75 -12.28 -22.25
CA GLN E 166 6.51 -12.19 -21.49
C GLN E 166 6.11 -13.53 -20.88
N SER E 167 5.82 -14.51 -21.73
CA SER E 167 5.39 -15.81 -21.27
C SER E 167 6.37 -16.93 -21.64
N CYS E 168 7.50 -16.60 -22.25
CA CYS E 168 8.53 -17.58 -22.56
C CYS E 168 9.47 -17.82 -21.39
N VAL E 169 9.28 -17.13 -20.27
CA VAL E 169 10.14 -17.30 -19.10
C VAL E 169 9.62 -18.39 -18.16
N LYS E 170 8.39 -18.85 -18.34
CA LYS E 170 7.86 -19.90 -17.46
C LYS E 170 8.67 -21.19 -17.51
N PRO E 171 9.03 -21.75 -18.68
CA PRO E 171 9.91 -22.93 -18.66
C PRO E 171 11.24 -22.66 -17.98
N LEU E 172 11.81 -21.48 -18.17
CA LEU E 172 13.11 -21.18 -17.58
C LEU E 172 13.02 -21.07 -16.07
N LYS E 173 11.99 -20.39 -15.55
CA LYS E 173 11.85 -20.27 -14.11
C LYS E 173 11.52 -21.63 -13.48
N TYR E 174 10.73 -22.45 -14.18
CA TYR E 174 10.47 -23.80 -13.67
C TYR E 174 11.74 -24.63 -13.62
N ALA E 175 12.58 -24.53 -14.66
CA ALA E 175 13.85 -25.24 -14.65
C ALA E 175 14.75 -24.77 -13.51
N ILE E 176 14.78 -23.45 -13.28
CA ILE E 176 15.59 -22.91 -12.19
C ILE E 176 15.11 -23.45 -10.85
N ALA E 177 13.78 -23.44 -10.63
CA ALA E 177 13.24 -23.92 -9.37
C ALA E 177 13.51 -25.41 -9.17
N VAL E 178 13.34 -26.21 -10.22
CA VAL E 178 13.58 -27.65 -10.10
C VAL E 178 15.05 -27.93 -9.84
N ASN E 179 15.95 -27.20 -10.52
CA ASN E 179 17.37 -27.39 -10.30
C ASN E 179 17.76 -27.01 -8.86
N ASP E 180 17.19 -25.93 -8.34
CA ASP E 180 17.55 -25.49 -7.00
C ASP E 180 17.00 -26.43 -5.93
N LEU E 181 15.74 -26.86 -6.07
CA LEU E 181 15.07 -27.59 -5.01
C LEU E 181 14.97 -29.09 -5.30
N GLY E 182 14.39 -29.45 -6.44
CA GLY E 182 14.19 -30.85 -6.78
C GLY E 182 12.78 -31.12 -7.28
N THR E 183 12.60 -32.22 -8.00
CA THR E 183 11.31 -32.50 -8.62
C THR E 183 10.22 -32.72 -7.57
N GLU E 184 10.52 -33.50 -6.54
CA GLU E 184 9.49 -33.87 -5.58
C GLU E 184 9.08 -32.69 -4.70
N TYR E 185 10.00 -31.78 -4.40
CA TYR E 185 9.64 -30.60 -3.63
C TYR E 185 8.89 -29.58 -4.48
N VAL E 186 9.31 -29.41 -5.74
CA VAL E 186 8.64 -28.46 -6.62
C VAL E 186 7.21 -28.91 -6.92
N HIS E 187 7.02 -30.19 -7.21
CA HIS E 187 5.70 -30.70 -7.55
C HIS E 187 4.85 -31.01 -6.33
N ARG E 188 5.38 -30.80 -5.12
CA ARG E 188 4.56 -30.85 -3.92
C ARG E 188 3.53 -29.73 -3.90
N TYR E 189 3.76 -28.66 -4.67
CA TYR E 189 2.88 -27.50 -4.68
C TYR E 189 2.11 -27.32 -5.99
N VAL E 190 2.61 -27.85 -7.11
CA VAL E 190 1.95 -27.73 -8.39
C VAL E 190 1.84 -29.11 -9.03
N GLY E 191 0.85 -29.24 -9.91
CA GLY E 191 0.62 -30.48 -10.62
C GLY E 191 1.49 -30.59 -11.86
N LYS E 192 1.19 -31.62 -12.67
CA LYS E 192 1.93 -31.84 -13.90
C LYS E 192 1.02 -32.27 -15.03
N GLU E 193 -0.24 -31.85 -15.00
CA GLU E 193 -1.22 -32.25 -16.01
C GLU E 193 -1.91 -31.03 -16.58
N PRO E 194 -2.35 -31.09 -17.84
CA PRO E 194 -3.05 -29.96 -18.43
C PRO E 194 -4.41 -29.74 -17.78
N SER E 195 -4.84 -28.48 -17.78
CA SER E 195 -6.13 -28.11 -17.18
C SER E 195 -7.29 -28.20 -18.15
N GLY E 196 -7.03 -28.06 -19.45
CA GLY E 196 -8.07 -28.11 -20.45
C GLY E 196 -8.82 -26.80 -20.65
N LEU E 197 -8.42 -25.73 -19.97
CA LEU E 197 -9.07 -24.43 -20.12
C LEU E 197 -8.04 -23.34 -20.40
N ARG E 198 -8.47 -22.08 -20.36
CA ARG E 198 -7.56 -20.98 -20.63
C ARG E 198 -6.51 -20.86 -19.54
N PHE E 199 -5.42 -20.17 -19.88
CA PHE E 199 -4.30 -20.03 -18.96
C PHE E 199 -4.62 -19.15 -17.76
N ASN E 200 -5.61 -18.27 -17.87
CA ASN E 200 -5.96 -17.35 -16.80
C ASN E 200 -7.28 -17.71 -16.13
N LYS E 201 -7.58 -19.01 -16.03
CA LYS E 201 -8.79 -19.46 -15.38
C LYS E 201 -8.57 -19.52 -13.87
N LEU E 202 -9.60 -19.17 -13.11
CA LEU E 202 -9.53 -19.11 -11.66
C LEU E 202 -10.14 -20.39 -11.05
N PHE E 203 -9.37 -21.47 -11.14
CA PHE E 203 -9.79 -22.72 -10.52
C PHE E 203 -8.58 -23.62 -10.33
N LEU E 204 -8.66 -24.48 -9.33
CA LEU E 204 -7.60 -25.43 -9.00
C LEU E 204 -8.08 -26.85 -9.28
N ASN E 205 -7.15 -27.80 -9.16
CA ASN E 205 -7.45 -29.20 -9.45
C ASN E 205 -8.16 -29.83 -8.26
N GLU E 206 -8.30 -31.15 -8.28
CA GLU E 206 -8.99 -31.87 -7.21
C GLU E 206 -8.21 -31.83 -5.90
N ASP E 207 -6.91 -31.50 -5.94
CA ASP E 207 -6.08 -31.43 -4.75
C ASP E 207 -5.86 -29.99 -4.28
N ASP E 208 -6.63 -29.04 -4.80
CA ASP E 208 -6.50 -27.62 -4.46
C ASP E 208 -5.08 -27.11 -4.74
N LYS E 209 -4.53 -27.51 -5.88
CA LYS E 209 -3.22 -27.09 -6.34
C LYS E 209 -3.32 -26.63 -7.78
N PRO E 210 -2.42 -25.77 -8.23
CA PRO E 210 -2.40 -25.39 -9.65
C PRO E 210 -2.16 -26.60 -10.53
N HIS E 211 -2.80 -26.59 -11.71
CA HIS E 211 -2.77 -27.76 -12.57
C HIS E 211 -1.37 -28.06 -13.09
N ASN E 212 -0.63 -27.03 -13.50
CA ASN E 212 0.69 -27.21 -14.07
C ASN E 212 1.47 -25.90 -13.92
N PRO E 213 2.80 -25.94 -14.04
CA PRO E 213 3.59 -24.71 -13.89
C PRO E 213 3.51 -23.77 -15.08
N MET E 214 2.64 -24.05 -16.05
CA MET E 214 2.53 -23.23 -17.24
C MET E 214 1.37 -22.25 -17.20
N VAL E 215 0.32 -22.55 -16.43
CA VAL E 215 -0.78 -21.60 -16.26
C VAL E 215 -0.32 -20.49 -15.32
N ASN E 216 -1.10 -19.41 -15.23
CA ASN E 216 -0.69 -18.26 -14.43
C ASN E 216 -0.55 -18.62 -12.95
N ALA E 217 -1.49 -19.40 -12.43
CA ALA E 217 -1.43 -19.79 -11.02
C ALA E 217 -0.19 -20.65 -10.75
N GLY E 218 0.07 -21.62 -11.62
CA GLY E 218 1.27 -22.43 -11.47
C GLY E 218 2.54 -21.62 -11.59
N ALA E 219 2.57 -20.66 -12.53
CA ALA E 219 3.74 -19.80 -12.68
C ALA E 219 3.97 -18.96 -11.42
N ILE E 220 2.91 -18.41 -10.85
CA ILE E 220 3.05 -17.62 -9.63
C ILE E 220 3.57 -18.48 -8.48
N VAL E 221 3.01 -19.68 -8.33
CA VAL E 221 3.45 -20.56 -7.26
C VAL E 221 4.92 -20.94 -7.44
N VAL E 222 5.32 -21.27 -8.67
CA VAL E 222 6.71 -21.62 -8.94
C VAL E 222 7.63 -20.43 -8.66
N THR E 223 7.18 -19.22 -9.00
CA THR E 223 7.94 -18.02 -8.67
C THR E 223 8.11 -17.88 -7.17
N SER E 224 7.09 -18.25 -6.40
CA SER E 224 7.18 -18.19 -4.95
C SER E 224 8.20 -19.17 -4.38
N LEU E 225 8.64 -20.16 -5.16
CA LEU E 225 9.53 -21.21 -4.69
C LEU E 225 11.01 -20.88 -4.89
N ILE E 226 11.33 -19.77 -5.54
CA ILE E 226 12.70 -19.47 -5.94
C ILE E 226 13.35 -18.58 -4.89
N LYS E 227 14.44 -19.08 -4.29
CA LYS E 227 15.25 -18.32 -3.35
C LYS E 227 14.41 -17.79 -2.18
N GLN E 228 13.85 -18.72 -1.43
CA GLN E 228 12.94 -18.35 -0.34
C GLN E 228 13.69 -17.61 0.77
N GLY E 229 12.99 -16.67 1.39
CA GLY E 229 13.51 -15.95 2.53
C GLY E 229 14.44 -14.80 2.22
N VAL E 230 14.50 -14.36 0.97
CA VAL E 230 15.41 -13.30 0.56
C VAL E 230 14.59 -12.22 -0.14
N ASN E 231 15.16 -11.00 -0.18
CA ASN E 231 14.46 -9.88 -0.79
C ASN E 231 14.49 -10.00 -2.32
N ASN E 232 13.69 -9.15 -2.97
CA ASN E 232 13.51 -9.25 -4.42
C ASN E 232 14.77 -8.91 -5.19
N ALA E 233 15.62 -8.03 -4.64
CA ALA E 233 16.84 -7.65 -5.34
C ALA E 233 17.77 -8.84 -5.54
N GLU E 234 17.99 -9.62 -4.47
CA GLU E 234 18.85 -10.79 -4.57
C GLU E 234 18.23 -11.87 -5.45
N LYS E 235 16.90 -12.04 -5.38
CA LYS E 235 16.23 -12.99 -6.24
C LYS E 235 16.43 -12.62 -7.71
N PHE E 236 16.26 -11.33 -8.04
CA PHE E 236 16.44 -10.90 -9.41
C PHE E 236 17.89 -11.06 -9.86
N ASP E 237 18.84 -10.77 -8.97
CA ASP E 237 20.24 -10.96 -9.31
C ASP E 237 20.54 -12.42 -9.59
N TYR E 238 20.02 -13.33 -8.75
CA TYR E 238 20.24 -14.75 -8.95
C TYR E 238 19.65 -15.22 -10.27
N VAL E 239 18.42 -14.80 -10.57
CA VAL E 239 17.76 -15.22 -11.80
C VAL E 239 18.51 -14.67 -13.01
N MET E 240 18.99 -13.42 -12.92
CA MET E 240 19.70 -12.83 -14.06
C MET E 240 21.04 -13.51 -14.29
N GLN E 241 21.77 -13.85 -13.23
CA GLN E 241 23.00 -14.61 -13.41
C GLN E 241 22.73 -15.98 -14.01
N PHE E 242 21.65 -16.64 -13.56
CA PHE E 242 21.31 -17.94 -14.14
C PHE E 242 20.97 -17.80 -15.62
N LEU E 243 20.24 -16.76 -15.99
CA LEU E 243 19.89 -16.55 -17.40
C LEU E 243 21.13 -16.22 -18.24
N ASN E 244 22.04 -15.42 -17.70
CA ASN E 244 23.28 -15.11 -18.41
C ASN E 244 24.11 -16.37 -18.63
N LYS E 245 24.17 -17.24 -17.62
CA LYS E 245 24.82 -18.54 -17.82
C LYS E 245 24.09 -19.37 -18.86
N MET E 246 22.76 -19.30 -18.85
CA MET E 246 21.95 -20.08 -19.79
C MET E 246 22.19 -19.65 -21.22
N ALA E 247 22.29 -18.35 -21.47
CA ALA E 247 22.42 -17.79 -22.81
C ALA E 247 23.86 -17.66 -23.27
N GLY E 248 24.83 -18.11 -22.49
CA GLY E 248 26.22 -17.98 -22.89
C GLY E 248 26.72 -16.56 -22.95
N ASN E 249 26.36 -15.73 -21.97
CA ASN E 249 26.81 -14.34 -21.90
C ASN E 249 26.42 -13.54 -23.14
N GLU E 250 25.21 -13.77 -23.64
CA GLU E 250 24.66 -12.98 -24.72
C GLU E 250 23.88 -11.81 -24.13
N TYR E 251 23.09 -11.12 -24.95
CA TYR E 251 22.38 -9.93 -24.50
C TYR E 251 21.14 -10.34 -23.72
N VAL E 252 21.13 -10.05 -22.42
CA VAL E 252 19.95 -10.18 -21.58
C VAL E 252 19.83 -8.91 -20.75
N GLY E 253 18.65 -8.30 -20.76
CA GLY E 253 18.48 -7.05 -20.05
C GLY E 253 17.11 -6.88 -19.44
N PHE E 254 16.83 -5.71 -18.89
CA PHE E 254 15.56 -5.42 -18.25
C PHE E 254 14.89 -4.23 -18.94
N SER E 255 13.59 -4.35 -19.15
CA SER E 255 12.79 -3.31 -19.81
C SER E 255 11.88 -2.69 -18.77
N ASN E 256 12.33 -1.57 -18.18
CA ASN E 256 11.55 -0.94 -17.13
C ASN E 256 10.26 -0.32 -17.66
N ALA E 257 10.27 0.15 -18.90
CA ALA E 257 9.04 0.71 -19.48
C ALA E 257 7.94 -0.34 -19.57
N THR E 258 8.30 -1.57 -19.96
CA THR E 258 7.31 -2.65 -19.99
C THR E 258 6.91 -3.07 -18.57
N PHE E 259 7.87 -3.06 -17.64
CA PHE E 259 7.59 -3.51 -16.27
C PHE E 259 6.58 -2.60 -15.59
N GLN E 260 6.70 -1.28 -15.80
CA GLN E 260 5.77 -0.36 -15.15
C GLN E 260 4.36 -0.53 -15.69
N SER E 261 4.21 -0.68 -17.01
CA SER E 261 2.89 -0.85 -17.60
C SER E 261 2.28 -2.19 -17.20
N GLU E 262 3.09 -3.25 -17.19
CA GLU E 262 2.59 -4.57 -16.83
C GLU E 262 2.18 -4.63 -15.36
N ARG E 263 2.94 -3.96 -14.48
CA ARG E 263 2.67 -4.03 -13.05
C ARG E 263 1.34 -3.36 -12.69
N GLU E 264 0.95 -2.33 -13.42
CA GLU E 264 -0.26 -1.58 -13.11
C GLU E 264 -1.49 -2.08 -13.88
N SER E 265 -1.36 -3.17 -14.64
CA SER E 265 -2.46 -3.68 -15.43
C SER E 265 -2.72 -5.17 -15.21
N GLY E 266 -2.11 -5.77 -14.20
CA GLY E 266 -2.30 -7.18 -13.95
C GLY E 266 -3.39 -7.48 -12.93
N ASP E 267 -4.62 -7.05 -13.21
CA ASP E 267 -5.73 -7.29 -12.28
C ASP E 267 -6.02 -8.78 -12.15
N ARG E 268 -6.01 -9.50 -13.28
CA ARG E 268 -6.26 -10.94 -13.24
C ARG E 268 -5.19 -11.65 -12.43
N ASN E 269 -3.93 -11.23 -12.57
CA ASN E 269 -2.86 -11.84 -11.79
C ASN E 269 -3.03 -11.57 -10.30
N PHE E 270 -3.48 -10.37 -9.94
CA PHE E 270 -3.74 -10.07 -8.53
C PHE E 270 -4.89 -10.92 -7.99
N ALA E 271 -5.94 -11.10 -8.78
CA ALA E 271 -7.04 -11.96 -8.36
C ALA E 271 -6.56 -13.40 -8.17
N ILE E 272 -5.74 -13.89 -9.09
CA ILE E 272 -5.21 -15.25 -8.98
C ILE E 272 -4.32 -15.38 -7.74
N GLY E 273 -3.50 -14.37 -7.47
CA GLY E 273 -2.65 -14.41 -6.29
C GLY E 273 -3.45 -14.43 -5.00
N TYR E 274 -4.48 -13.60 -4.91
CA TYR E 274 -5.32 -13.61 -3.70
C TYR E 274 -6.08 -14.92 -3.56
N TYR E 275 -6.54 -15.49 -4.68
CA TYR E 275 -7.20 -16.78 -4.64
C TYR E 275 -6.26 -17.87 -4.14
N LEU E 276 -5.01 -17.86 -4.62
CA LEU E 276 -4.04 -18.84 -4.16
C LEU E 276 -3.71 -18.65 -2.69
N LYS E 277 -3.61 -17.39 -2.24
CA LYS E 277 -3.33 -17.13 -0.83
C LYS E 277 -4.47 -17.61 0.06
N GLU E 278 -5.71 -17.43 -0.37
CA GLU E 278 -6.85 -17.86 0.43
C GLU E 278 -6.93 -19.37 0.55
N LYS E 279 -6.46 -20.11 -0.46
CA LYS E 279 -6.53 -21.56 -0.47
C LYS E 279 -5.28 -22.21 0.13
N LYS E 280 -4.36 -21.42 0.66
CA LYS E 280 -3.12 -21.92 1.27
C LYS E 280 -2.29 -22.73 0.28
N CYS E 281 -2.02 -22.13 -0.88
CA CYS E 281 -1.22 -22.76 -1.91
C CYS E 281 0.23 -22.29 -1.92
N PHE E 282 0.62 -21.44 -0.98
CA PHE E 282 1.97 -20.90 -0.95
C PHE E 282 2.78 -21.51 0.18
N PRO E 283 4.11 -21.57 0.05
CA PRO E 283 4.95 -22.02 1.17
C PRO E 283 4.85 -21.07 2.35
N GLU E 284 5.06 -21.62 3.55
CA GLU E 284 4.93 -20.83 4.77
C GLU E 284 5.92 -19.68 4.77
N GLY E 285 5.43 -18.49 5.12
CA GLY E 285 6.27 -17.31 5.20
C GLY E 285 6.56 -16.67 3.87
N THR E 286 5.52 -16.35 3.11
CA THR E 286 5.66 -15.69 1.82
C THR E 286 4.73 -14.49 1.74
N ASP E 287 5.26 -13.38 1.23
CA ASP E 287 4.47 -12.18 1.01
C ASP E 287 3.95 -12.20 -0.42
N MET E 288 2.62 -12.27 -0.56
CA MET E 288 2.01 -12.45 -1.87
C MET E 288 2.29 -11.26 -2.79
N VAL E 289 2.22 -10.04 -2.25
CA VAL E 289 2.43 -8.85 -3.07
C VAL E 289 3.86 -8.83 -3.61
N GLY E 290 4.83 -9.15 -2.76
CA GLY E 290 6.21 -9.23 -3.23
C GLY E 290 6.41 -10.30 -4.29
N ILE E 291 5.72 -11.43 -4.12
CA ILE E 291 5.81 -12.50 -5.11
C ILE E 291 5.25 -12.03 -6.45
N LEU E 292 4.12 -11.33 -6.44
CA LEU E 292 3.56 -10.81 -7.68
C LEU E 292 4.48 -9.77 -8.32
N ASP E 293 5.08 -8.90 -7.49
CA ASP E 293 6.01 -7.93 -8.03
C ASP E 293 7.22 -8.60 -8.68
N PHE E 294 7.74 -9.65 -8.04
CA PHE E 294 8.85 -10.39 -8.63
C PHE E 294 8.44 -11.10 -9.91
N TYR E 295 7.20 -11.60 -9.95
CA TYR E 295 6.68 -12.21 -11.18
C TYR E 295 6.63 -11.20 -12.31
N PHE E 296 6.16 -9.99 -12.02
CA PHE E 296 6.12 -8.93 -13.03
C PHE E 296 7.53 -8.55 -13.48
N GLN E 297 8.48 -8.51 -12.54
CA GLN E 297 9.87 -8.23 -12.91
C GLN E 297 10.43 -9.32 -13.82
N LEU E 298 10.15 -10.58 -13.51
CA LEU E 298 10.64 -11.68 -14.33
C LEU E 298 10.05 -11.64 -15.73
N CYS E 299 8.76 -11.31 -15.84
CA CYS E 299 8.13 -11.27 -17.16
C CYS E 299 8.68 -10.15 -18.04
N SER E 300 9.37 -9.18 -17.45
CA SER E 300 9.87 -8.02 -18.20
C SER E 300 11.30 -8.16 -18.68
N ILE E 301 11.95 -9.30 -18.39
CA ILE E 301 13.32 -9.51 -18.87
C ILE E 301 13.29 -9.65 -20.39
N GLU E 302 14.14 -8.87 -21.06
CA GLU E 302 14.14 -8.81 -22.52
C GLU E 302 15.43 -9.41 -23.07
N VAL E 303 15.30 -10.07 -24.23
CA VAL E 303 16.41 -10.70 -24.92
C VAL E 303 16.25 -10.42 -26.42
N THR E 304 17.26 -10.81 -27.18
CA THR E 304 17.17 -10.83 -28.63
C THR E 304 16.92 -12.26 -29.10
N CYS E 305 16.79 -12.43 -30.42
CA CYS E 305 16.60 -13.77 -30.96
C CYS E 305 17.85 -14.63 -30.76
N GLU E 306 19.03 -14.01 -30.72
CA GLU E 306 20.26 -14.77 -30.56
C GLU E 306 20.34 -15.44 -29.19
N SER E 307 20.11 -14.66 -28.12
CA SER E 307 20.18 -15.22 -26.78
C SER E 307 19.08 -16.23 -26.53
N ALA E 308 17.88 -15.98 -27.03
CA ALA E 308 16.80 -16.94 -26.88
C ALA E 308 17.10 -18.23 -27.64
N SER E 309 17.71 -18.12 -28.82
CA SER E 309 18.12 -19.32 -29.55
C SER E 309 19.17 -20.10 -28.78
N VAL E 310 20.10 -19.39 -28.13
CA VAL E 310 21.11 -20.07 -27.32
C VAL E 310 20.46 -20.77 -26.12
N MET E 311 19.48 -20.13 -25.50
CA MET E 311 18.77 -20.76 -24.39
C MET E 311 18.04 -22.02 -24.84
N ALA E 312 17.36 -21.96 -25.99
CA ALA E 312 16.69 -23.14 -26.51
C ALA E 312 17.69 -24.24 -26.85
N ALA E 313 18.84 -23.86 -27.40
CA ALA E 313 19.87 -24.84 -27.74
C ALA E 313 20.44 -25.51 -26.49
N THR E 314 20.61 -24.74 -25.40
CA THR E 314 21.12 -25.34 -24.18
C THR E 314 20.06 -26.19 -23.49
N LEU E 315 18.78 -25.90 -23.71
CA LEU E 315 17.74 -26.83 -23.26
C LEU E 315 17.77 -28.11 -24.08
N ALA E 316 18.01 -28.00 -25.39
CA ALA E 316 18.09 -29.18 -26.24
C ALA E 316 19.30 -30.03 -25.88
N ASN E 317 20.42 -29.40 -25.53
CA ASN E 317 21.66 -30.13 -25.29
C ASN E 317 21.65 -30.89 -23.98
N GLY E 318 20.75 -30.56 -23.06
CA GLY E 318 20.69 -31.24 -21.79
C GLY E 318 21.42 -30.50 -20.68
N GLY E 319 21.26 -29.18 -20.64
CA GLY E 319 21.88 -28.36 -19.62
C GLY E 319 23.28 -27.90 -19.92
N PHE E 320 23.87 -28.30 -21.04
CA PHE E 320 25.21 -27.86 -21.43
C PHE E 320 25.09 -26.77 -22.47
N CYS E 321 25.72 -25.63 -22.22
CA CYS E 321 25.68 -24.52 -23.16
C CYS E 321 26.45 -24.88 -24.41
N PRO E 322 25.83 -24.82 -25.60
CA PRO E 322 26.56 -25.20 -26.82
C PRO E 322 27.78 -24.33 -27.09
N ILE E 323 27.74 -23.05 -26.72
CA ILE E 323 28.86 -22.16 -27.01
C ILE E 323 29.97 -22.35 -25.98
N THR E 324 29.68 -22.08 -24.72
CA THR E 324 30.71 -22.14 -23.69
C THR E 324 31.07 -23.58 -23.33
N GLY E 325 30.07 -24.45 -23.23
CA GLY E 325 30.30 -25.81 -22.77
C GLY E 325 30.18 -26.02 -21.29
N GLU E 326 29.59 -25.08 -20.56
CA GLU E 326 29.46 -25.16 -19.11
C GLU E 326 28.08 -25.71 -18.76
N ARG E 327 28.05 -26.70 -17.87
CA ARG E 327 26.79 -27.28 -17.43
C ARG E 327 26.04 -26.30 -16.54
N VAL E 328 24.84 -25.91 -16.97
CA VAL E 328 24.05 -24.94 -16.24
C VAL E 328 22.83 -25.57 -15.57
N LEU E 329 22.28 -26.66 -16.12
CA LEU E 329 21.09 -27.28 -15.58
C LEU E 329 21.31 -28.78 -15.43
N SER E 330 20.62 -29.36 -14.45
CA SER E 330 20.66 -30.80 -14.24
C SER E 330 19.79 -31.52 -15.27
N PRO E 331 20.13 -32.77 -15.60
CA PRO E 331 19.32 -33.51 -16.59
C PRO E 331 17.86 -33.66 -16.20
N GLU E 332 17.58 -33.85 -14.91
CA GLU E 332 16.19 -33.97 -14.47
C GLU E 332 15.42 -32.68 -14.73
N ALA E 333 16.04 -31.53 -14.48
CA ALA E 333 15.37 -30.26 -14.68
C ALA E 333 14.98 -30.04 -16.13
N VAL E 334 15.94 -30.27 -17.04
CA VAL E 334 15.66 -30.05 -18.46
C VAL E 334 14.67 -31.09 -18.98
N ARG E 335 14.75 -32.33 -18.49
CA ARG E 335 13.80 -33.35 -18.92
C ARG E 335 12.38 -32.99 -18.49
N ASN E 336 12.21 -32.56 -17.24
CA ASN E 336 10.89 -32.16 -16.77
C ASN E 336 10.39 -30.93 -17.51
N THR E 337 11.28 -29.97 -17.77
CA THR E 337 10.87 -28.78 -18.51
C THR E 337 10.40 -29.13 -19.91
N LEU E 338 11.12 -30.01 -20.60
CA LEU E 338 10.71 -30.42 -21.94
C LEU E 338 9.38 -31.17 -21.90
N SER E 339 9.19 -32.04 -20.91
CA SER E 339 7.93 -32.76 -20.79
C SER E 339 6.76 -31.79 -20.57
N LEU E 340 6.94 -30.82 -19.68
CA LEU E 340 5.88 -29.85 -19.42
C LEU E 340 5.60 -28.99 -20.65
N MET E 341 6.66 -28.58 -21.37
CA MET E 341 6.47 -27.77 -22.57
C MET E 341 5.72 -28.55 -23.64
N HIS E 342 6.05 -29.83 -23.81
CA HIS E 342 5.34 -30.64 -24.79
C HIS E 342 3.89 -30.87 -24.37
N SER E 343 3.64 -31.06 -23.09
CA SER E 343 2.29 -31.39 -22.63
C SER E 343 1.37 -30.18 -22.69
N CYS E 344 1.77 -29.07 -22.07
CA CYS E 344 0.88 -27.92 -21.93
C CYS E 344 1.63 -26.62 -22.20
N GLY E 345 2.44 -26.60 -23.25
CA GLY E 345 3.18 -25.38 -23.58
C GLY E 345 2.35 -24.33 -24.29
N MET E 346 1.33 -24.75 -25.03
CA MET E 346 0.48 -23.83 -25.79
C MET E 346 -0.92 -23.73 -25.20
N TYR E 347 -1.09 -24.12 -23.94
CA TYR E 347 -2.38 -24.04 -23.22
C TYR E 347 -3.36 -24.97 -23.92
N ASP E 348 -4.62 -24.55 -24.14
CA ASP E 348 -5.62 -25.42 -24.73
C ASP E 348 -5.29 -25.80 -26.17
N PHE E 349 -4.48 -25.01 -26.85
CA PHE E 349 -4.03 -25.33 -28.20
C PHE E 349 -2.94 -26.40 -28.22
N SER E 350 -2.34 -26.69 -27.05
CA SER E 350 -1.11 -27.49 -27.01
C SER E 350 -1.26 -28.80 -27.75
N GLY E 351 -2.31 -29.57 -27.44
CA GLY E 351 -2.50 -30.86 -28.09
C GLY E 351 -2.53 -30.74 -29.60
N GLN E 352 -3.27 -29.75 -30.11
CA GLN E 352 -3.33 -29.56 -31.55
C GLN E 352 -1.94 -29.30 -32.12
N PHE E 353 -1.14 -28.49 -31.41
CA PHE E 353 0.23 -28.26 -31.84
C PHE E 353 0.99 -29.58 -31.90
N ALA E 354 0.87 -30.40 -30.85
CA ALA E 354 1.53 -31.70 -30.84
C ALA E 354 0.99 -32.62 -31.92
N PHE E 355 -0.21 -32.34 -32.43
CA PHE E 355 -0.74 -33.14 -33.52
C PHE E 355 -0.09 -32.79 -34.85
N HIS E 356 0.40 -31.55 -35.00
CA HIS E 356 0.97 -31.10 -36.25
C HIS E 356 2.48 -30.97 -36.22
N VAL E 357 3.02 -30.23 -35.25
CA VAL E 357 4.47 -30.03 -35.16
C VAL E 357 5.11 -31.11 -34.31
N GLY E 358 4.57 -31.37 -33.14
CA GLY E 358 5.12 -32.38 -32.25
C GLY E 358 6.49 -32.05 -31.70
N LEU E 359 6.71 -30.79 -31.32
CA LEU E 359 7.97 -30.34 -30.76
C LEU E 359 7.69 -29.47 -29.54
N PRO E 360 8.60 -29.43 -28.57
CA PRO E 360 8.41 -28.54 -27.42
C PRO E 360 8.59 -27.08 -27.78
N ALA E 361 7.50 -26.32 -27.78
CA ALA E 361 7.52 -24.91 -28.12
C ALA E 361 6.74 -24.10 -27.10
N LYS E 362 7.21 -22.88 -26.85
CA LYS E 362 6.56 -21.95 -25.94
C LYS E 362 6.30 -20.63 -26.66
N SER E 363 5.13 -20.05 -26.43
CA SER E 363 4.69 -18.85 -27.12
C SER E 363 4.46 -17.72 -26.12
N GLY E 364 4.92 -16.52 -26.49
CA GLY E 364 4.72 -15.36 -25.66
C GLY E 364 3.79 -14.35 -26.30
N VAL E 365 3.25 -13.41 -25.50
CA VAL E 365 2.36 -12.40 -26.04
C VAL E 365 3.11 -11.30 -26.78
N ALA E 366 4.44 -11.28 -26.70
CA ALA E 366 5.26 -10.34 -27.45
C ALA E 366 5.64 -10.87 -28.82
N GLY E 367 4.88 -11.82 -29.35
CA GLY E 367 5.18 -12.39 -30.65
C GLY E 367 6.46 -13.20 -30.71
N GLY E 368 6.71 -14.02 -29.70
CA GLY E 368 7.90 -14.85 -29.69
C GLY E 368 7.60 -16.33 -29.55
N ILE E 369 8.19 -17.15 -30.40
CA ILE E 369 8.04 -18.60 -30.36
C ILE E 369 9.42 -19.19 -30.12
N LEU E 370 9.59 -19.86 -28.98
CA LEU E 370 10.83 -20.52 -28.59
C LEU E 370 10.61 -22.01 -28.72
N LEU E 371 11.24 -22.63 -29.72
CA LEU E 371 11.04 -24.06 -29.95
C LEU E 371 12.36 -24.80 -29.81
N VAL E 372 12.28 -26.03 -29.35
CA VAL E 372 13.43 -26.86 -29.06
C VAL E 372 13.30 -28.16 -29.83
N VAL E 373 14.33 -28.51 -30.60
CA VAL E 373 14.39 -29.83 -31.22
C VAL E 373 15.42 -30.62 -30.43
N PRO E 374 14.98 -31.56 -29.60
CA PRO E 374 15.91 -32.22 -28.66
C PRO E 374 17.04 -32.92 -29.39
N ASN E 375 18.25 -32.79 -28.82
CA ASN E 375 19.48 -33.33 -29.38
C ASN E 375 19.79 -32.80 -30.78
N VAL E 376 19.09 -31.77 -31.24
CA VAL E 376 19.32 -31.27 -32.59
C VAL E 376 19.63 -29.78 -32.56
N MET E 377 18.72 -28.95 -32.04
CA MET E 377 18.94 -27.51 -32.10
C MET E 377 17.92 -26.78 -31.22
N GLY E 378 18.03 -25.46 -31.22
CA GLY E 378 17.04 -24.59 -30.63
C GLY E 378 16.81 -23.35 -31.48
N MET E 379 15.54 -22.96 -31.65
CA MET E 379 15.19 -21.87 -32.55
C MET E 379 14.29 -20.87 -31.86
N MET E 380 14.40 -19.61 -32.29
CA MET E 380 13.56 -18.52 -31.83
C MET E 380 13.02 -17.77 -33.03
N CYS E 381 11.71 -17.57 -33.05
CA CYS E 381 11.03 -16.84 -34.13
C CYS E 381 10.29 -15.65 -33.54
N TRP E 382 10.55 -14.47 -34.07
CA TRP E 382 9.95 -13.23 -33.55
C TRP E 382 9.15 -12.55 -34.65
N SER E 383 7.87 -12.30 -34.38
CA SER E 383 6.96 -11.55 -35.22
C SER E 383 5.86 -10.93 -34.36
N PRO E 384 5.89 -9.62 -34.13
CA PRO E 384 4.98 -9.01 -33.15
C PRO E 384 3.51 -9.20 -33.48
N PRO E 385 3.14 -9.26 -34.76
CA PRO E 385 1.75 -9.62 -35.10
C PRO E 385 1.30 -10.89 -34.41
N LEU E 386 0.06 -10.89 -33.92
CA LEU E 386 -0.53 -12.05 -33.25
C LEU E 386 -1.89 -12.35 -33.87
N ASP E 387 -2.27 -13.62 -33.81
CA ASP E 387 -3.56 -14.06 -34.33
C ASP E 387 -4.63 -13.90 -33.25
N LYS E 388 -5.81 -14.47 -33.49
CA LYS E 388 -6.92 -14.33 -32.55
C LYS E 388 -6.71 -15.12 -31.27
N MET E 389 -5.88 -16.17 -31.30
CA MET E 389 -5.72 -17.05 -30.15
C MET E 389 -4.54 -16.65 -29.26
N GLY E 390 -3.61 -15.87 -29.78
CA GLY E 390 -2.49 -15.39 -29.00
C GLY E 390 -1.10 -15.82 -29.46
N ASN E 391 -0.96 -16.24 -30.72
CA ASN E 391 0.32 -16.68 -31.27
C ASN E 391 0.65 -15.87 -32.50
N SER E 392 1.95 -15.73 -32.77
CA SER E 392 2.38 -15.00 -33.96
C SER E 392 2.04 -15.81 -35.22
N VAL E 393 1.42 -15.13 -36.19
CA VAL E 393 1.02 -15.81 -37.42
C VAL E 393 2.25 -16.28 -38.19
N LYS E 394 3.25 -15.40 -38.30
CA LYS E 394 4.48 -15.78 -39.01
C LYS E 394 5.20 -16.92 -38.30
N GLY E 395 5.24 -16.87 -36.97
CA GLY E 395 5.90 -17.95 -36.24
C GLY E 395 5.20 -19.28 -36.40
N ILE E 396 3.88 -19.29 -36.31
CA ILE E 396 3.12 -20.53 -36.48
C ILE E 396 3.28 -21.07 -37.89
N HIS E 397 3.22 -20.19 -38.89
CA HIS E 397 3.41 -20.62 -40.27
C HIS E 397 4.81 -21.20 -40.47
N PHE E 398 5.82 -20.55 -39.89
CA PHE E 398 7.18 -21.07 -40.00
C PHE E 398 7.31 -22.43 -39.33
N CYS E 399 6.70 -22.61 -38.17
CA CYS E 399 6.75 -23.91 -37.50
C CYS E 399 6.10 -25.00 -38.34
N HIS E 400 4.93 -24.70 -38.90
CA HIS E 400 4.25 -25.69 -39.73
C HIS E 400 5.06 -26.02 -40.98
N ASP E 401 5.63 -25.02 -41.63
CA ASP E 401 6.43 -25.27 -42.83
C ASP E 401 7.69 -26.06 -42.48
N LEU E 402 8.32 -25.74 -41.35
CA LEU E 402 9.52 -26.47 -40.94
C LEU E 402 9.21 -27.94 -40.66
N VAL E 403 8.11 -28.21 -39.96
CA VAL E 403 7.77 -29.59 -39.66
C VAL E 403 7.28 -30.33 -40.90
N SER E 404 6.75 -29.62 -41.89
CA SER E 404 6.37 -30.27 -43.14
C SER E 404 7.59 -30.58 -44.01
N LEU E 405 8.58 -29.70 -44.01
CA LEU E 405 9.76 -29.90 -44.86
C LEU E 405 10.68 -30.97 -44.29
N CYS E 406 11.22 -30.74 -43.10
CA CYS E 406 12.08 -31.71 -42.44
C CYS E 406 11.24 -32.65 -41.59
N ASN E 407 11.77 -33.86 -41.37
CA ASN E 407 11.02 -34.87 -40.64
C ASN E 407 10.71 -34.42 -39.22
N PHE E 408 11.75 -34.28 -38.39
CA PHE E 408 11.65 -33.84 -36.98
C PHE E 408 10.50 -34.62 -36.32
N HIS E 409 9.59 -33.95 -35.62
CA HIS E 409 8.43 -34.58 -34.99
C HIS E 409 8.81 -35.76 -34.10
N PHE F 100 17.61 -55.56 -36.13
CA PHE F 100 18.94 -55.17 -35.69
C PHE F 100 18.90 -53.98 -34.74
N VAL F 101 17.69 -53.53 -34.40
CA VAL F 101 17.54 -52.38 -33.51
C VAL F 101 18.03 -52.73 -32.11
N ILE F 102 17.77 -53.96 -31.65
CA ILE F 102 18.26 -54.43 -30.36
C ILE F 102 18.97 -55.76 -30.60
N PRO F 103 20.25 -55.73 -30.99
CA PRO F 103 20.92 -56.98 -31.37
C PRO F 103 21.52 -57.75 -30.22
N ASP F 104 20.81 -57.84 -29.09
CA ASP F 104 21.20 -58.75 -28.02
C ASP F 104 20.12 -59.78 -27.72
N PHE F 105 18.91 -59.34 -27.38
CA PHE F 105 17.77 -60.20 -27.03
C PHE F 105 18.16 -61.32 -26.05
N MET F 106 19.23 -61.11 -25.28
CA MET F 106 19.60 -61.99 -24.19
C MET F 106 19.63 -61.26 -22.85
N SER F 107 20.35 -60.15 -22.77
CA SER F 107 20.27 -59.32 -21.57
C SER F 107 18.96 -58.56 -21.51
N PHE F 108 18.39 -58.21 -22.68
CA PHE F 108 17.10 -57.54 -22.71
C PHE F 108 16.03 -58.43 -22.09
N THR F 109 15.96 -59.69 -22.53
CA THR F 109 14.99 -60.61 -21.96
C THR F 109 15.27 -60.90 -20.50
N SER F 110 16.55 -60.92 -20.10
CA SER F 110 16.89 -61.11 -18.70
C SER F 110 16.34 -59.97 -17.84
N HIS F 111 16.51 -58.73 -18.31
CA HIS F 111 15.95 -57.59 -17.59
C HIS F 111 14.42 -57.64 -17.61
N ILE F 112 13.83 -58.12 -18.70
CA ILE F 112 12.38 -58.23 -18.78
C ILE F 112 11.87 -59.21 -17.72
N ASP F 113 12.53 -60.36 -17.58
CA ASP F 113 12.14 -61.32 -16.56
C ASP F 113 12.37 -60.77 -15.15
N GLU F 114 13.46 -60.02 -14.96
CA GLU F 114 13.71 -59.42 -13.66
C GLU F 114 12.59 -58.44 -13.28
N LEU F 115 12.18 -57.60 -14.23
CA LEU F 115 11.08 -56.68 -13.98
C LEU F 115 9.77 -57.43 -13.76
N TYR F 116 9.56 -58.52 -14.49
CA TYR F 116 8.40 -59.37 -14.30
C TYR F 116 8.31 -59.88 -12.87
N GLU F 117 9.41 -60.46 -12.38
CA GLU F 117 9.44 -60.98 -11.02
C GLU F 117 9.27 -59.85 -10.00
N SER F 118 9.90 -58.70 -10.24
CA SER F 118 9.79 -57.59 -9.30
C SER F 118 8.35 -57.09 -9.21
N ALA F 119 7.67 -56.97 -10.35
CA ALA F 119 6.29 -56.49 -10.36
C ALA F 119 5.29 -57.55 -9.91
N LYS F 120 5.68 -58.83 -9.93
CA LYS F 120 4.76 -59.89 -9.50
C LYS F 120 4.42 -59.80 -8.01
N LYS F 121 5.23 -59.09 -7.22
CA LYS F 121 5.02 -59.02 -5.78
C LYS F 121 3.87 -58.10 -5.38
N GLN F 122 3.31 -57.34 -6.32
CA GLN F 122 2.23 -56.42 -5.98
C GLN F 122 0.97 -57.17 -5.61
N SER F 123 0.28 -56.68 -4.58
CA SER F 123 -0.95 -57.32 -4.11
C SER F 123 -2.04 -57.26 -5.16
N GLY F 124 -2.47 -56.05 -5.52
CA GLY F 124 -3.51 -55.88 -6.50
C GLY F 124 -4.64 -54.97 -6.05
N GLY F 125 -5.86 -55.26 -6.51
CA GLY F 125 -6.99 -54.45 -6.14
C GLY F 125 -8.27 -55.00 -6.75
N LYS F 126 -9.35 -54.25 -6.55
CA LYS F 126 -10.64 -54.66 -7.10
C LYS F 126 -10.58 -54.68 -8.62
N VAL F 127 -11.20 -55.70 -9.21
CA VAL F 127 -11.12 -55.89 -10.66
C VAL F 127 -12.35 -55.28 -11.33
N ALA F 128 -13.53 -55.81 -11.04
CA ALA F 128 -14.77 -55.26 -11.59
C ALA F 128 -15.75 -54.86 -10.50
N ASP F 129 -16.12 -55.79 -9.61
CA ASP F 129 -17.05 -55.58 -8.51
C ASP F 129 -18.44 -55.11 -8.97
N TYR F 130 -18.74 -55.21 -10.27
CA TYR F 130 -20.06 -54.80 -10.74
C TYR F 130 -20.69 -55.84 -11.66
N ILE F 131 -19.87 -56.64 -12.33
CA ILE F 131 -20.39 -57.71 -13.19
C ILE F 131 -19.63 -59.00 -12.89
N PRO F 132 -20.26 -60.17 -13.07
CA PRO F 132 -19.54 -61.43 -12.83
C PRO F 132 -18.63 -61.84 -13.98
N GLN F 133 -18.80 -61.27 -15.18
CA GLN F 133 -17.97 -61.66 -16.32
C GLN F 133 -16.50 -61.30 -16.09
N LEU F 134 -16.24 -60.10 -15.57
CA LEU F 134 -14.88 -59.67 -15.30
C LEU F 134 -14.43 -59.95 -13.87
N ALA F 135 -15.33 -60.43 -13.01
CA ALA F 135 -14.99 -60.75 -11.63
C ALA F 135 -14.58 -62.20 -11.44
N LYS F 136 -14.66 -63.02 -12.49
CA LYS F 136 -14.29 -64.43 -12.38
C LYS F 136 -12.80 -64.66 -12.56
N PHE F 137 -12.04 -63.65 -12.99
CA PHE F 137 -10.61 -63.81 -13.20
C PHE F 137 -9.87 -63.68 -11.86
N SER F 138 -9.02 -64.65 -11.57
CA SER F 138 -8.26 -64.62 -10.33
C SER F 138 -7.17 -63.55 -10.40
N PRO F 139 -6.89 -62.87 -9.29
CA PRO F 139 -5.88 -61.80 -9.33
C PRO F 139 -4.47 -62.28 -9.64
N ASP F 140 -4.18 -63.57 -9.47
CA ASP F 140 -2.82 -64.06 -9.65
C ASP F 140 -2.35 -64.04 -11.10
N LEU F 141 -3.26 -63.84 -12.06
CA LEU F 141 -2.88 -63.81 -13.46
C LEU F 141 -2.09 -62.53 -13.76
N TRP F 142 -0.92 -62.70 -14.39
CA TRP F 142 -0.07 -61.55 -14.72
C TRP F 142 0.92 -61.99 -15.78
N GLY F 143 0.84 -61.38 -16.96
CA GLY F 143 1.68 -61.78 -18.07
C GLY F 143 2.17 -60.58 -18.87
N VAL F 144 3.29 -60.79 -19.55
CA VAL F 144 3.94 -59.76 -20.34
C VAL F 144 4.36 -60.35 -21.69
N SER F 145 4.13 -59.59 -22.76
CA SER F 145 4.53 -60.00 -24.10
C SER F 145 5.20 -58.84 -24.81
N VAL F 146 6.38 -59.10 -25.40
CA VAL F 146 7.18 -58.10 -26.08
C VAL F 146 7.44 -58.56 -27.50
N CYS F 147 7.25 -57.65 -28.46
CA CYS F 147 7.54 -57.94 -29.87
C CYS F 147 8.24 -56.75 -30.48
N THR F 148 9.45 -56.96 -30.99
CA THR F 148 10.20 -55.89 -31.61
C THR F 148 9.81 -55.73 -33.08
N VAL F 149 10.46 -54.80 -33.76
CA VAL F 149 10.12 -54.45 -35.14
C VAL F 149 10.88 -55.36 -36.11
N ASP F 150 11.61 -56.33 -35.58
CA ASP F 150 12.33 -57.28 -36.42
C ASP F 150 11.70 -58.66 -36.46
N GLY F 151 10.65 -58.89 -35.67
CA GLY F 151 10.08 -60.21 -35.52
C GLY F 151 10.48 -60.92 -34.25
N GLN F 152 11.42 -60.37 -33.49
CA GLN F 152 11.81 -60.95 -32.21
C GLN F 152 10.66 -60.90 -31.24
N ARG F 153 10.37 -62.03 -30.59
CA ARG F 153 9.24 -62.15 -29.68
C ARG F 153 9.71 -62.74 -28.36
N HIS F 154 9.03 -62.35 -27.28
CA HIS F 154 9.32 -62.92 -25.97
C HIS F 154 8.09 -62.78 -25.09
N SER F 155 7.61 -63.89 -24.54
CA SER F 155 6.44 -63.90 -23.68
C SER F 155 6.81 -64.52 -22.34
N ILE F 156 6.44 -63.84 -21.26
CA ILE F 156 6.69 -64.33 -19.91
C ILE F 156 5.40 -64.27 -19.12
N GLY F 157 5.26 -65.16 -18.14
CA GLY F 157 4.02 -65.26 -17.40
C GLY F 157 3.01 -66.14 -18.12
N ASP F 158 1.73 -65.80 -17.96
CA ASP F 158 0.63 -66.52 -18.60
C ASP F 158 0.10 -65.64 -19.74
N THR F 159 0.69 -65.81 -20.92
CA THR F 159 0.32 -65.04 -22.09
C THR F 159 -0.64 -65.78 -23.02
N LYS F 160 -1.12 -66.95 -22.62
CA LYS F 160 -2.01 -67.76 -23.45
C LYS F 160 -3.46 -67.68 -23.02
N VAL F 161 -3.81 -66.75 -22.13
CA VAL F 161 -5.16 -66.62 -21.62
C VAL F 161 -5.82 -65.44 -22.34
N PRO F 162 -6.82 -65.68 -23.19
CA PRO F 162 -7.44 -64.57 -23.91
C PRO F 162 -8.17 -63.61 -22.98
N PHE F 163 -8.21 -62.34 -23.37
CA PHE F 163 -8.93 -61.32 -22.63
C PHE F 163 -9.44 -60.28 -23.62
N CYS F 164 -10.55 -59.64 -23.26
CA CYS F 164 -11.20 -58.69 -24.14
C CYS F 164 -10.45 -57.36 -24.18
N LEU F 165 -10.58 -56.65 -25.31
CA LEU F 165 -9.98 -55.34 -25.51
C LEU F 165 -11.03 -54.29 -25.19
N GLN F 166 -11.15 -53.94 -23.90
CA GLN F 166 -12.15 -52.97 -23.49
C GLN F 166 -11.88 -51.59 -24.08
N SER F 167 -10.77 -50.98 -23.70
CA SER F 167 -10.43 -49.64 -24.16
C SER F 167 -9.16 -49.60 -25.00
N CYS F 168 -8.54 -50.75 -25.27
CA CYS F 168 -7.36 -50.80 -26.13
C CYS F 168 -7.72 -50.85 -27.60
N VAL F 169 -9.00 -50.84 -27.94
CA VAL F 169 -9.44 -50.88 -29.34
C VAL F 169 -9.69 -49.49 -29.90
N LYS F 170 -9.78 -48.46 -29.06
CA LYS F 170 -10.00 -47.10 -29.55
C LYS F 170 -8.89 -46.62 -30.48
N PRO F 171 -7.59 -46.75 -30.13
CA PRO F 171 -6.57 -46.38 -31.11
C PRO F 171 -6.66 -47.17 -32.40
N LEU F 172 -7.01 -48.46 -32.32
CA LEU F 172 -7.11 -49.28 -33.52
C LEU F 172 -8.26 -48.83 -34.41
N LYS F 173 -9.42 -48.56 -33.82
CA LYS F 173 -10.56 -48.10 -34.62
C LYS F 173 -10.30 -46.72 -35.19
N TYR F 174 -9.61 -45.85 -34.44
CA TYR F 174 -9.27 -44.55 -34.98
C TYR F 174 -8.30 -44.67 -36.15
N ALA F 175 -7.32 -45.56 -36.04
CA ALA F 175 -6.39 -45.78 -37.14
C ALA F 175 -7.10 -46.32 -38.37
N ILE F 176 -8.03 -47.26 -38.16
CA ILE F 176 -8.79 -47.79 -39.29
C ILE F 176 -9.60 -46.70 -39.95
N ALA F 177 -10.27 -45.86 -39.15
CA ALA F 177 -11.07 -44.77 -39.71
C ALA F 177 -10.21 -43.78 -40.49
N VAL F 178 -9.04 -43.42 -39.94
CA VAL F 178 -8.16 -42.48 -40.62
C VAL F 178 -7.65 -43.08 -41.94
N ASN F 179 -7.26 -44.36 -41.90
CA ASN F 179 -6.76 -45.01 -43.11
C ASN F 179 -7.85 -45.09 -44.19
N ASP F 180 -9.08 -45.37 -43.78
CA ASP F 180 -10.16 -45.52 -44.76
C ASP F 180 -10.60 -44.17 -45.32
N LEU F 181 -10.72 -43.15 -44.46
CA LEU F 181 -11.35 -41.90 -44.84
C LEU F 181 -10.35 -40.78 -45.11
N GLY F 182 -9.47 -40.50 -44.16
CA GLY F 182 -8.50 -39.43 -44.30
C GLY F 182 -8.57 -38.54 -43.07
N THR F 183 -7.44 -37.92 -42.74
CA THR F 183 -7.34 -37.14 -41.50
C THR F 183 -8.31 -35.96 -41.51
N GLU F 184 -8.39 -35.24 -42.64
CA GLU F 184 -9.25 -34.07 -42.71
C GLU F 184 -10.71 -34.43 -42.49
N TYR F 185 -11.15 -35.55 -43.07
CA TYR F 185 -12.55 -35.94 -42.92
C TYR F 185 -12.84 -36.49 -41.53
N VAL F 186 -11.93 -37.30 -40.99
CA VAL F 186 -12.19 -37.93 -39.70
C VAL F 186 -12.14 -36.90 -38.58
N HIS F 187 -11.31 -35.86 -38.71
CA HIS F 187 -11.23 -34.82 -37.70
C HIS F 187 -12.22 -33.69 -37.94
N ARG F 188 -13.07 -33.81 -38.96
CA ARG F 188 -14.16 -32.86 -39.14
C ARG F 188 -15.25 -33.04 -38.09
N TYR F 189 -15.35 -34.22 -37.49
CA TYR F 189 -16.39 -34.51 -36.51
C TYR F 189 -15.89 -34.62 -35.08
N VAL F 190 -14.59 -34.86 -34.87
CA VAL F 190 -14.02 -34.96 -33.54
C VAL F 190 -12.80 -34.04 -33.45
N GLY F 191 -12.48 -33.61 -32.23
CA GLY F 191 -11.34 -32.75 -31.99
C GLY F 191 -10.06 -33.54 -31.78
N LYS F 192 -9.04 -32.83 -31.30
CA LYS F 192 -7.76 -33.47 -31.03
C LYS F 192 -7.11 -32.98 -29.74
N GLU F 193 -7.80 -32.16 -28.95
CA GLU F 193 -7.21 -31.69 -27.70
C GLU F 193 -7.78 -32.46 -26.51
N PRO F 194 -6.97 -32.68 -25.48
CA PRO F 194 -7.48 -33.37 -24.28
C PRO F 194 -8.56 -32.53 -23.59
N SER F 195 -9.56 -33.22 -23.07
CA SER F 195 -10.67 -32.55 -22.40
C SER F 195 -10.30 -32.05 -21.01
N GLY F 196 -9.41 -32.75 -20.32
CA GLY F 196 -9.05 -32.40 -18.96
C GLY F 196 -9.97 -32.95 -17.89
N LEU F 197 -11.00 -33.72 -18.27
CA LEU F 197 -11.94 -34.30 -17.32
C LEU F 197 -12.04 -35.81 -17.53
N ARG F 198 -12.99 -36.45 -16.88
CA ARG F 198 -13.12 -37.89 -16.99
C ARG F 198 -13.56 -38.30 -18.40
N PHE F 199 -13.31 -39.57 -18.73
CA PHE F 199 -13.59 -40.07 -20.06
C PHE F 199 -15.08 -40.20 -20.33
N ASN F 200 -15.93 -40.22 -19.30
CA ASN F 200 -17.36 -40.44 -19.46
C ASN F 200 -18.18 -39.21 -19.16
N LYS F 201 -17.56 -38.03 -19.14
CA LYS F 201 -18.29 -36.80 -18.89
C LYS F 201 -19.14 -36.42 -20.10
N LEU F 202 -20.29 -35.82 -19.83
CA LEU F 202 -21.25 -35.46 -20.88
C LEU F 202 -21.12 -33.98 -21.20
N PHE F 203 -20.14 -33.65 -22.02
CA PHE F 203 -19.95 -32.28 -22.48
C PHE F 203 -19.06 -32.28 -23.72
N LEU F 204 -19.19 -31.22 -24.52
CA LEU F 204 -18.45 -31.06 -25.76
C LEU F 204 -17.68 -29.75 -25.72
N ASN F 205 -16.81 -29.57 -26.72
CA ASN F 205 -15.95 -28.39 -26.77
C ASN F 205 -16.72 -27.20 -27.33
N GLU F 206 -16.00 -26.13 -27.67
CA GLU F 206 -16.63 -24.92 -28.16
C GLU F 206 -17.24 -25.10 -29.55
N ASP F 207 -16.84 -26.14 -30.28
CA ASP F 207 -17.38 -26.41 -31.61
C ASP F 207 -18.47 -27.46 -31.59
N ASP F 208 -18.96 -27.84 -30.40
CA ASP F 208 -19.97 -28.88 -30.25
C ASP F 208 -19.53 -30.19 -30.90
N LYS F 209 -18.28 -30.56 -30.64
CA LYS F 209 -17.71 -31.81 -31.11
C LYS F 209 -17.02 -32.51 -29.95
N PRO F 210 -16.89 -33.83 -30.01
CA PRO F 210 -16.12 -34.54 -28.97
C PRO F 210 -14.68 -34.03 -28.93
N HIS F 211 -14.12 -33.99 -27.72
CA HIS F 211 -12.80 -33.39 -27.54
C HIS F 211 -11.72 -34.17 -28.27
N ASN F 212 -11.78 -35.50 -28.22
CA ASN F 212 -10.77 -36.34 -28.86
C ASN F 212 -11.38 -37.72 -29.11
N PRO F 213 -10.80 -38.51 -30.00
CA PRO F 213 -11.33 -39.86 -30.25
C PRO F 213 -11.13 -40.83 -29.09
N MET F 214 -10.40 -40.46 -28.05
CA MET F 214 -10.15 -41.36 -26.93
C MET F 214 -11.26 -41.37 -25.90
N VAL F 215 -12.03 -40.28 -25.78
CA VAL F 215 -13.15 -40.24 -24.85
C VAL F 215 -14.30 -41.05 -25.41
N ASN F 216 -15.32 -41.31 -24.59
CA ASN F 216 -16.42 -42.16 -25.02
C ASN F 216 -17.18 -41.56 -26.19
N ALA F 217 -17.45 -40.26 -26.14
CA ALA F 217 -18.17 -39.62 -27.24
C ALA F 217 -17.36 -39.64 -28.53
N GLY F 218 -16.06 -39.36 -28.43
CA GLY F 218 -15.20 -39.45 -29.59
C GLY F 218 -15.14 -40.86 -30.16
N ALA F 219 -15.07 -41.85 -29.27
CA ALA F 219 -15.06 -43.24 -29.73
C ALA F 219 -16.35 -43.60 -30.45
N ILE F 220 -17.49 -43.15 -29.92
CA ILE F 220 -18.77 -43.44 -30.56
C ILE F 220 -18.84 -42.78 -31.94
N VAL F 221 -18.38 -41.53 -32.05
CA VAL F 221 -18.42 -40.85 -33.34
C VAL F 221 -17.49 -41.55 -34.33
N VAL F 222 -16.29 -41.93 -33.89
CA VAL F 222 -15.35 -42.61 -34.78
C VAL F 222 -15.92 -43.94 -35.24
N THR F 223 -16.58 -44.65 -34.33
CA THR F 223 -17.26 -45.89 -34.72
C THR F 223 -18.34 -45.62 -35.77
N SER F 224 -19.08 -44.52 -35.61
CA SER F 224 -20.08 -44.16 -36.61
C SER F 224 -19.46 -43.86 -37.96
N LEU F 225 -18.25 -43.28 -37.97
CA LEU F 225 -17.63 -42.87 -39.22
C LEU F 225 -17.23 -44.04 -40.11
N ILE F 226 -17.16 -45.26 -39.57
CA ILE F 226 -16.61 -46.40 -40.30
C ILE F 226 -17.71 -47.04 -41.14
N LYS F 227 -17.49 -47.06 -42.46
CA LYS F 227 -18.33 -47.79 -43.41
C LYS F 227 -19.79 -47.39 -43.30
N GLN F 228 -20.05 -46.13 -43.64
CA GLN F 228 -21.41 -45.59 -43.56
C GLN F 228 -22.34 -46.32 -44.51
N GLY F 229 -23.59 -46.51 -44.07
CA GLY F 229 -24.61 -47.12 -44.91
C GLY F 229 -24.38 -48.58 -45.24
N VAL F 230 -23.86 -49.36 -44.30
CA VAL F 230 -23.60 -50.78 -44.49
C VAL F 230 -24.15 -51.53 -43.28
N ASN F 231 -24.47 -52.80 -43.48
CA ASN F 231 -24.95 -53.65 -42.39
C ASN F 231 -23.86 -53.85 -41.34
N ASN F 232 -24.31 -54.08 -40.10
CA ASN F 232 -23.36 -54.25 -39.00
C ASN F 232 -22.51 -55.50 -39.16
N ALA F 233 -23.06 -56.56 -39.75
CA ALA F 233 -22.29 -57.78 -39.95
C ALA F 233 -21.09 -57.53 -40.85
N GLU F 234 -21.29 -56.79 -41.95
CA GLU F 234 -20.18 -56.49 -42.85
C GLU F 234 -19.14 -55.60 -42.16
N LYS F 235 -19.58 -54.63 -41.36
CA LYS F 235 -18.64 -53.80 -40.62
C LYS F 235 -17.80 -54.64 -39.67
N PHE F 236 -18.45 -55.56 -38.94
CA PHE F 236 -17.72 -56.41 -38.01
C PHE F 236 -16.73 -57.32 -38.73
N ASP F 237 -17.14 -57.88 -39.88
CA ASP F 237 -16.24 -58.72 -40.65
C ASP F 237 -15.03 -57.92 -41.14
N TYR F 238 -15.28 -56.69 -41.61
CA TYR F 238 -14.19 -55.85 -42.08
C TYR F 238 -13.21 -55.54 -40.95
N VAL F 239 -13.74 -55.17 -39.78
CA VAL F 239 -12.86 -54.84 -38.66
C VAL F 239 -12.10 -56.07 -38.20
N MET F 240 -12.76 -57.23 -38.17
CA MET F 240 -12.08 -58.46 -37.74
C MET F 240 -10.97 -58.85 -38.70
N GLN F 241 -11.21 -58.73 -40.01
CA GLN F 241 -10.16 -59.07 -40.96
C GLN F 241 -9.02 -58.06 -40.90
N PHE F 242 -9.33 -56.78 -40.65
CA PHE F 242 -8.28 -55.79 -40.48
C PHE F 242 -7.43 -56.09 -39.26
N LEU F 243 -8.07 -56.49 -38.15
CA LEU F 243 -7.32 -56.84 -36.95
C LEU F 243 -6.48 -58.08 -37.15
N ASN F 244 -7.03 -59.08 -37.87
CA ASN F 244 -6.26 -60.28 -38.15
C ASN F 244 -5.03 -59.96 -39.01
N LYS F 245 -5.19 -59.11 -40.02
CA LYS F 245 -4.06 -58.72 -40.85
C LYS F 245 -3.05 -57.90 -40.05
N MET F 246 -3.52 -57.04 -39.15
CA MET F 246 -2.61 -56.22 -38.35
C MET F 246 -1.83 -57.06 -37.35
N ALA F 247 -2.46 -58.10 -36.81
CA ALA F 247 -1.83 -58.96 -35.80
C ALA F 247 -1.03 -60.09 -36.41
N GLY F 248 -0.90 -60.14 -37.74
CA GLY F 248 -0.18 -61.23 -38.38
C GLY F 248 -0.86 -62.57 -38.26
N ASN F 249 -2.18 -62.61 -38.43
CA ASN F 249 -2.95 -63.85 -38.39
C ASN F 249 -2.78 -64.59 -37.07
N GLU F 250 -2.80 -63.84 -35.97
CA GLU F 250 -2.76 -64.42 -34.64
C GLU F 250 -4.19 -64.66 -34.14
N TYR F 251 -4.34 -64.96 -32.86
CA TYR F 251 -5.64 -65.29 -32.30
C TYR F 251 -6.41 -64.01 -31.99
N VAL F 252 -7.50 -63.77 -32.73
CA VAL F 252 -8.42 -62.68 -32.45
C VAL F 252 -9.84 -63.27 -32.49
N GLY F 253 -10.56 -63.15 -31.39
CA GLY F 253 -11.88 -63.76 -31.31
C GLY F 253 -12.94 -62.89 -30.67
N PHE F 254 -14.13 -63.46 -30.47
CA PHE F 254 -15.26 -62.75 -29.92
C PHE F 254 -15.69 -63.39 -28.60
N SER F 255 -16.17 -62.56 -27.68
CA SER F 255 -16.66 -63.00 -26.38
C SER F 255 -18.13 -62.62 -26.28
N ASN F 256 -19.02 -63.59 -26.50
CA ASN F 256 -20.44 -63.30 -26.52
C ASN F 256 -20.95 -62.89 -25.13
N ALA F 257 -20.48 -63.57 -24.09
CA ALA F 257 -20.95 -63.24 -22.74
C ALA F 257 -20.58 -61.82 -22.35
N THR F 258 -19.34 -61.42 -22.65
CA THR F 258 -18.91 -60.05 -22.35
C THR F 258 -19.74 -59.04 -23.15
N PHE F 259 -19.99 -59.32 -24.42
CA PHE F 259 -20.79 -58.42 -25.25
C PHE F 259 -22.19 -58.26 -24.67
N GLN F 260 -22.81 -59.37 -24.26
CA GLN F 260 -24.14 -59.29 -23.66
C GLN F 260 -24.11 -58.48 -22.37
N SER F 261 -23.10 -58.71 -21.53
CA SER F 261 -23.02 -57.97 -20.28
C SER F 261 -22.90 -56.47 -20.52
N GLU F 262 -22.03 -56.08 -21.46
CA GLU F 262 -21.87 -54.66 -21.76
C GLU F 262 -23.14 -54.07 -22.36
N ARG F 263 -23.80 -54.81 -23.25
CA ARG F 263 -24.99 -54.25 -23.90
C ARG F 263 -26.16 -54.14 -22.92
N GLU F 264 -26.20 -54.98 -21.89
CA GLU F 264 -27.25 -54.88 -20.89
C GLU F 264 -26.86 -54.07 -19.66
N SER F 265 -25.62 -53.59 -19.58
CA SER F 265 -25.19 -52.80 -18.42
C SER F 265 -24.74 -51.39 -18.74
N GLY F 266 -24.38 -51.08 -19.98
CA GLY F 266 -23.81 -49.78 -20.31
C GLY F 266 -24.79 -48.72 -20.75
N ASP F 267 -25.59 -48.20 -19.82
CA ASP F 267 -26.55 -47.16 -20.16
C ASP F 267 -25.93 -45.76 -20.21
N ARG F 268 -24.74 -45.57 -19.62
CA ARG F 268 -24.05 -44.30 -19.76
C ARG F 268 -23.69 -44.03 -21.21
N ASN F 269 -23.28 -45.07 -21.94
CA ASN F 269 -23.02 -44.91 -23.36
C ASN F 269 -24.29 -44.60 -24.13
N PHE F 270 -25.44 -45.13 -23.70
CA PHE F 270 -26.70 -44.76 -24.32
C PHE F 270 -27.02 -43.29 -24.10
N ALA F 271 -26.79 -42.80 -22.88
CA ALA F 271 -27.00 -41.38 -22.61
C ALA F 271 -26.08 -40.52 -23.47
N ILE F 272 -24.81 -40.92 -23.60
CA ILE F 272 -23.86 -40.17 -24.41
C ILE F 272 -24.29 -40.19 -25.87
N GLY F 273 -24.75 -41.33 -26.37
CA GLY F 273 -25.19 -41.41 -27.74
C GLY F 273 -26.40 -40.55 -28.03
N TYR F 274 -27.38 -40.55 -27.12
CA TYR F 274 -28.54 -39.69 -27.30
C TYR F 274 -28.16 -38.22 -27.23
N TYR F 275 -27.24 -37.87 -26.34
CA TYR F 275 -26.77 -36.49 -26.26
C TYR F 275 -26.08 -36.07 -27.54
N LEU F 276 -25.26 -36.96 -28.12
CA LEU F 276 -24.60 -36.66 -29.39
C LEU F 276 -25.62 -36.51 -30.51
N LYS F 277 -26.65 -37.38 -30.53
CA LYS F 277 -27.67 -37.29 -31.57
C LYS F 277 -28.45 -35.99 -31.46
N GLU F 278 -28.69 -35.51 -30.23
CA GLU F 278 -29.40 -34.25 -30.07
C GLU F 278 -28.60 -33.08 -30.63
N LYS F 279 -27.30 -33.06 -30.42
CA LYS F 279 -26.44 -32.00 -30.91
C LYS F 279 -26.07 -32.16 -32.39
N LYS F 280 -26.49 -33.26 -33.02
CA LYS F 280 -26.22 -33.52 -34.44
C LYS F 280 -24.71 -33.62 -34.70
N CYS F 281 -24.05 -34.48 -33.93
CA CYS F 281 -22.63 -34.73 -34.10
C CYS F 281 -22.34 -35.94 -34.98
N PHE F 282 -23.37 -36.62 -35.47
CA PHE F 282 -23.25 -37.81 -36.29
C PHE F 282 -23.32 -37.46 -37.77
N PRO F 283 -22.72 -38.29 -38.64
CA PRO F 283 -22.87 -38.08 -40.07
C PRO F 283 -24.32 -38.31 -40.51
N GLU F 284 -24.66 -37.72 -41.65
CA GLU F 284 -26.02 -37.84 -42.17
C GLU F 284 -26.33 -39.27 -42.53
N GLY F 285 -27.52 -39.74 -42.15
CA GLY F 285 -27.96 -41.08 -42.47
C GLY F 285 -27.33 -42.17 -41.64
N THR F 286 -27.37 -42.03 -40.31
CA THR F 286 -26.86 -43.02 -39.40
C THR F 286 -27.90 -43.32 -38.33
N ASP F 287 -27.86 -44.55 -37.81
CA ASP F 287 -28.76 -45.00 -36.75
C ASP F 287 -27.97 -45.11 -35.45
N MET F 288 -28.37 -44.34 -34.44
CA MET F 288 -27.63 -44.29 -33.18
C MET F 288 -27.63 -45.63 -32.47
N VAL F 289 -28.77 -46.34 -32.47
CA VAL F 289 -28.84 -47.62 -31.77
C VAL F 289 -27.90 -48.63 -32.41
N GLY F 290 -27.90 -48.70 -33.74
CA GLY F 290 -26.98 -49.60 -34.42
C GLY F 290 -25.52 -49.22 -34.18
N ILE F 291 -25.24 -47.93 -34.10
CA ILE F 291 -23.88 -47.48 -33.83
C ILE F 291 -23.44 -47.94 -32.44
N LEU F 292 -24.30 -47.81 -31.44
CA LEU F 292 -23.94 -48.27 -30.10
C LEU F 292 -23.81 -49.79 -30.05
N ASP F 293 -24.66 -50.51 -30.79
CA ASP F 293 -24.52 -51.96 -30.84
C ASP F 293 -23.18 -52.36 -31.44
N PHE F 294 -22.77 -51.69 -32.52
CA PHE F 294 -21.47 -51.98 -33.13
C PHE F 294 -20.33 -51.61 -32.20
N TYR F 295 -20.48 -50.52 -31.45
CA TYR F 295 -19.46 -50.13 -30.49
C TYR F 295 -19.31 -51.19 -29.40
N PHE F 296 -20.44 -51.70 -28.89
CA PHE F 296 -20.39 -52.75 -27.87
C PHE F 296 -19.78 -54.02 -28.44
N GLN F 297 -20.07 -54.34 -29.71
CA GLN F 297 -19.45 -55.50 -30.34
C GLN F 297 -17.95 -55.32 -30.46
N LEU F 298 -17.49 -54.12 -30.84
CA LEU F 298 -16.06 -53.88 -30.97
C LEU F 298 -15.36 -53.97 -29.62
N CYS F 299 -15.98 -53.44 -28.57
CA CYS F 299 -15.34 -53.47 -27.26
C CYS F 299 -15.17 -54.88 -26.70
N SER F 300 -15.90 -55.86 -27.23
CA SER F 300 -15.88 -57.22 -26.71
C SER F 300 -14.92 -58.13 -27.47
N ILE F 301 -14.16 -57.61 -28.42
CA ILE F 301 -13.17 -58.42 -29.14
C ILE F 301 -12.06 -58.82 -28.17
N GLU F 302 -11.68 -60.09 -28.20
CA GLU F 302 -10.67 -60.62 -27.29
C GLU F 302 -9.44 -61.06 -28.05
N VAL F 303 -8.27 -60.86 -27.43
CA VAL F 303 -6.98 -61.26 -27.98
C VAL F 303 -6.15 -61.84 -26.85
N THR F 304 -5.00 -62.40 -27.22
CA THR F 304 -4.01 -62.86 -26.24
C THR F 304 -2.94 -61.79 -26.06
N CYS F 305 -1.95 -62.09 -25.21
CA CYS F 305 -0.88 -61.12 -24.97
C CYS F 305 0.08 -61.06 -26.14
N GLU F 306 0.41 -62.19 -26.75
CA GLU F 306 1.31 -62.18 -27.90
C GLU F 306 0.68 -61.49 -29.09
N SER F 307 -0.61 -61.74 -29.34
CA SER F 307 -1.29 -61.08 -30.45
C SER F 307 -1.35 -59.57 -30.24
N ALA F 308 -1.62 -59.14 -29.01
CA ALA F 308 -1.65 -57.71 -28.72
C ALA F 308 -0.25 -57.10 -28.82
N SER F 309 0.77 -57.85 -28.44
CA SER F 309 2.14 -57.36 -28.59
C SER F 309 2.49 -57.16 -30.07
N VAL F 310 2.10 -58.10 -30.92
CA VAL F 310 2.32 -57.94 -32.35
C VAL F 310 1.49 -56.77 -32.89
N MET F 311 0.28 -56.58 -32.37
CA MET F 311 -0.56 -55.48 -32.80
C MET F 311 0.08 -54.13 -32.47
N ALA F 312 0.67 -54.01 -31.28
CA ALA F 312 1.37 -52.78 -30.92
C ALA F 312 2.67 -52.62 -31.71
N ALA F 313 3.36 -53.72 -31.97
CA ALA F 313 4.58 -53.65 -32.77
C ALA F 313 4.30 -53.21 -34.20
N THR F 314 3.11 -53.51 -34.72
CA THR F 314 2.73 -53.01 -36.04
C THR F 314 2.69 -51.49 -36.05
N LEU F 315 2.10 -50.89 -35.01
CA LEU F 315 2.11 -49.43 -34.91
C LEU F 315 3.53 -48.89 -34.69
N ALA F 316 4.34 -49.62 -33.91
CA ALA F 316 5.70 -49.19 -33.67
C ALA F 316 6.51 -49.16 -34.97
N ASN F 317 6.33 -50.16 -35.82
CA ASN F 317 7.10 -50.26 -37.06
C ASN F 317 6.70 -49.22 -38.08
N GLY F 318 5.47 -48.69 -37.98
CA GLY F 318 5.03 -47.67 -38.92
C GLY F 318 4.07 -48.18 -39.97
N GLY F 319 3.17 -49.07 -39.58
CA GLY F 319 2.18 -49.63 -40.48
C GLY F 319 2.58 -50.90 -41.18
N PHE F 320 3.83 -51.33 -41.06
CA PHE F 320 4.31 -52.56 -41.66
C PHE F 320 4.37 -53.64 -40.60
N CYS F 321 3.70 -54.76 -40.84
CA CYS F 321 3.65 -55.84 -39.85
C CYS F 321 5.04 -56.42 -39.65
N PRO F 322 5.52 -56.53 -38.41
CA PRO F 322 6.86 -57.09 -38.19
C PRO F 322 7.00 -58.56 -38.58
N ILE F 323 5.90 -59.30 -38.70
CA ILE F 323 5.96 -60.72 -39.00
C ILE F 323 5.86 -60.94 -40.51
N THR F 324 4.74 -60.51 -41.10
CA THR F 324 4.52 -60.77 -42.52
C THR F 324 5.19 -59.71 -43.41
N GLY F 325 5.34 -58.49 -42.92
CA GLY F 325 5.91 -57.42 -43.71
C GLY F 325 4.94 -56.70 -44.62
N GLU F 326 3.66 -57.04 -44.59
CA GLU F 326 2.68 -56.41 -45.45
C GLU F 326 2.23 -55.07 -44.87
N ARG F 327 2.09 -54.08 -45.75
CA ARG F 327 1.64 -52.75 -45.34
C ARG F 327 0.15 -52.79 -45.03
N VAL F 328 -0.22 -52.45 -43.80
CA VAL F 328 -1.61 -52.49 -43.37
C VAL F 328 -2.17 -51.12 -43.04
N LEU F 329 -1.34 -50.13 -42.75
CA LEU F 329 -1.80 -48.80 -42.40
C LEU F 329 -0.93 -47.75 -43.08
N SER F 330 -1.54 -46.63 -43.45
CA SER F 330 -0.79 -45.52 -43.99
C SER F 330 0.05 -44.86 -42.89
N PRO F 331 1.19 -44.28 -43.24
CA PRO F 331 2.02 -43.62 -42.21
C PRO F 331 1.31 -42.50 -41.48
N GLU F 332 0.43 -41.76 -42.16
CA GLU F 332 -0.28 -40.67 -41.49
C GLU F 332 -1.21 -41.21 -40.41
N ALA F 333 -1.88 -42.33 -40.68
CA ALA F 333 -2.76 -42.92 -39.68
C ALA F 333 -1.98 -43.34 -38.44
N VAL F 334 -0.84 -43.99 -38.63
CA VAL F 334 -0.01 -44.42 -37.51
C VAL F 334 0.49 -43.21 -36.72
N ARG F 335 0.94 -42.17 -37.43
CA ARG F 335 1.44 -40.97 -36.75
C ARG F 335 0.35 -40.30 -35.93
N ASN F 336 -0.86 -40.16 -36.50
CA ASN F 336 -1.96 -39.55 -35.77
C ASN F 336 -2.36 -40.39 -34.57
N THR F 337 -2.38 -41.72 -34.74
CA THR F 337 -2.74 -42.60 -33.62
C THR F 337 -1.73 -42.46 -32.49
N LEU F 338 -0.43 -42.45 -32.82
CA LEU F 338 0.59 -42.30 -31.79
C LEU F 338 0.48 -40.94 -31.09
N SER F 339 0.22 -39.88 -31.86
CA SER F 339 0.08 -38.56 -31.27
C SER F 339 -1.11 -38.52 -30.30
N LEU F 340 -2.24 -39.09 -30.71
CA LEU F 340 -3.41 -39.10 -29.84
C LEU F 340 -3.16 -39.93 -28.58
N MET F 341 -2.50 -41.09 -28.74
CA MET F 341 -2.21 -41.92 -27.58
C MET F 341 -1.27 -41.22 -26.61
N HIS F 342 -0.27 -40.50 -27.14
CA HIS F 342 0.64 -39.77 -26.26
C HIS F 342 -0.06 -38.59 -25.59
N SER F 343 -0.99 -37.94 -26.29
CA SER F 343 -1.66 -36.77 -25.72
C SER F 343 -2.66 -37.17 -24.65
N CYS F 344 -3.62 -38.03 -25.00
CA CYS F 344 -4.73 -38.37 -24.11
C CYS F 344 -4.98 -39.86 -24.08
N GLY F 345 -3.90 -40.65 -23.99
CA GLY F 345 -4.06 -42.09 -23.90
C GLY F 345 -4.66 -42.53 -22.59
N MET F 346 -4.22 -41.95 -21.48
CA MET F 346 -4.70 -42.30 -20.14
C MET F 346 -5.65 -41.24 -19.58
N TYR F 347 -6.27 -40.45 -20.45
CA TYR F 347 -7.26 -39.44 -20.05
C TYR F 347 -6.62 -38.37 -19.19
N ASP F 348 -7.28 -37.96 -18.10
CA ASP F 348 -6.77 -36.88 -17.28
C ASP F 348 -5.42 -37.23 -16.67
N PHE F 349 -5.22 -38.50 -16.30
CA PHE F 349 -3.95 -38.94 -15.77
C PHE F 349 -2.85 -38.96 -16.83
N SER F 350 -3.22 -38.92 -18.12
CA SER F 350 -2.27 -39.16 -19.19
C SER F 350 -1.05 -38.26 -19.09
N GLY F 351 -1.27 -36.97 -18.86
CA GLY F 351 -0.15 -36.05 -18.75
C GLY F 351 0.85 -36.47 -17.70
N GLN F 352 0.35 -36.83 -16.51
CA GLN F 352 1.24 -37.31 -15.45
C GLN F 352 2.00 -38.55 -15.90
N PHE F 353 1.32 -39.44 -16.63
CA PHE F 353 2.01 -40.59 -17.21
C PHE F 353 3.15 -40.14 -18.10
N ALA F 354 2.89 -39.16 -18.97
CA ALA F 354 3.94 -38.65 -19.85
C ALA F 354 5.07 -38.01 -19.06
N PHE F 355 4.81 -37.61 -17.82
CA PHE F 355 5.87 -37.03 -17.00
C PHE F 355 6.79 -38.11 -16.44
N HIS F 356 6.29 -39.34 -16.27
CA HIS F 356 7.06 -40.41 -15.64
C HIS F 356 7.53 -41.46 -16.64
N VAL F 357 6.66 -41.94 -17.51
CA VAL F 357 7.02 -42.95 -18.50
C VAL F 357 7.34 -42.31 -19.85
N GLY F 358 6.48 -41.42 -20.32
CA GLY F 358 6.72 -40.76 -21.59
C GLY F 358 6.67 -41.66 -22.81
N LEU F 359 5.72 -42.58 -22.85
CA LEU F 359 5.54 -43.48 -23.98
C LEU F 359 4.07 -43.56 -24.35
N PRO F 360 3.74 -43.80 -25.62
CA PRO F 360 2.34 -43.97 -26.01
C PRO F 360 1.77 -45.29 -25.50
N ALA F 361 0.86 -45.22 -24.54
CA ALA F 361 0.27 -46.41 -23.96
C ALA F 361 -1.23 -46.22 -23.79
N LYS F 362 -1.96 -47.33 -23.85
CA LYS F 362 -3.40 -47.34 -23.66
C LYS F 362 -3.77 -48.39 -22.62
N SER F 363 -4.71 -48.04 -21.75
CA SER F 363 -5.14 -48.87 -20.64
C SER F 363 -6.59 -49.30 -20.84
N GLY F 364 -6.88 -50.55 -20.49
CA GLY F 364 -8.21 -51.08 -20.62
C GLY F 364 -8.84 -51.47 -19.29
N VAL F 365 -10.16 -51.67 -19.28
CA VAL F 365 -10.85 -52.09 -18.06
C VAL F 365 -10.44 -53.51 -17.68
N ALA F 366 -10.13 -54.35 -18.67
CA ALA F 366 -9.77 -55.74 -18.43
C ALA F 366 -8.35 -55.90 -17.91
N GLY F 367 -7.73 -54.83 -17.42
CA GLY F 367 -6.37 -54.90 -16.93
C GLY F 367 -5.32 -55.15 -17.98
N GLY F 368 -5.41 -54.48 -19.12
CA GLY F 368 -4.43 -54.62 -20.16
C GLY F 368 -3.79 -53.30 -20.55
N ILE F 369 -2.46 -53.22 -20.45
CA ILE F 369 -1.70 -52.04 -20.82
C ILE F 369 -0.97 -52.35 -22.11
N LEU F 370 -1.30 -51.63 -23.18
CA LEU F 370 -0.68 -51.79 -24.48
C LEU F 370 0.19 -50.57 -24.74
N LEU F 371 1.51 -50.76 -24.74
CA LEU F 371 2.43 -49.64 -24.89
C LEU F 371 3.30 -49.84 -26.13
N VAL F 372 3.69 -48.73 -26.73
CA VAL F 372 4.44 -48.73 -27.99
C VAL F 372 5.69 -47.88 -27.80
N VAL F 373 6.85 -48.47 -28.04
CA VAL F 373 8.12 -47.74 -28.11
C VAL F 373 8.42 -47.50 -29.59
N PRO F 374 8.28 -46.28 -30.10
CA PRO F 374 8.37 -46.05 -31.55
C PRO F 374 9.73 -46.47 -32.10
N ASN F 375 9.69 -47.06 -33.29
CA ASN F 375 10.87 -47.55 -34.01
C ASN F 375 11.62 -48.62 -33.23
N VAL F 376 11.07 -49.12 -32.14
CA VAL F 376 11.75 -50.12 -31.32
C VAL F 376 10.88 -51.37 -31.20
N MET F 377 9.70 -51.23 -30.58
CA MET F 377 8.95 -52.42 -30.18
C MET F 377 7.57 -52.12 -29.60
N GLY F 378 6.83 -53.17 -29.27
CA GLY F 378 5.54 -53.02 -28.63
C GLY F 378 5.37 -54.07 -27.55
N MET F 379 4.64 -53.69 -26.50
CA MET F 379 4.43 -54.55 -25.34
C MET F 379 2.97 -54.58 -24.96
N MET F 380 2.53 -55.74 -24.46
CA MET F 380 1.23 -55.88 -23.83
C MET F 380 1.41 -56.53 -22.46
N CYS F 381 0.87 -55.90 -21.44
CA CYS F 381 0.94 -56.39 -20.06
C CYS F 381 -0.47 -56.61 -19.55
N TRP F 382 -0.78 -57.84 -19.16
CA TRP F 382 -2.12 -58.19 -18.69
C TRP F 382 -2.06 -58.50 -17.20
N SER F 383 -2.94 -57.83 -16.44
CA SER F 383 -3.06 -58.03 -14.99
C SER F 383 -4.48 -57.63 -14.59
N PRO F 384 -5.34 -58.61 -14.30
CA PRO F 384 -6.75 -58.31 -14.04
C PRO F 384 -6.96 -57.33 -12.89
N PRO F 385 -6.20 -57.42 -11.79
CA PRO F 385 -6.40 -56.47 -10.69
C PRO F 385 -6.19 -55.03 -11.14
N LEU F 386 -7.00 -54.13 -10.60
CA LEU F 386 -7.01 -52.74 -11.00
C LEU F 386 -6.86 -51.84 -9.78
N ASP F 387 -6.39 -50.62 -10.04
CA ASP F 387 -6.28 -49.61 -8.99
C ASP F 387 -7.55 -48.77 -8.96
N LYS F 388 -7.50 -47.64 -8.24
CA LYS F 388 -8.69 -46.83 -8.04
C LYS F 388 -9.16 -46.15 -9.32
N MET F 389 -8.22 -45.77 -10.20
CA MET F 389 -8.56 -45.00 -11.39
C MET F 389 -8.71 -45.87 -12.63
N GLY F 390 -8.73 -47.18 -12.49
CA GLY F 390 -9.02 -48.06 -13.60
C GLY F 390 -7.81 -48.56 -14.37
N ASN F 391 -6.65 -48.63 -13.73
CA ASN F 391 -5.44 -49.15 -14.35
C ASN F 391 -4.86 -50.27 -13.51
N SER F 392 -4.28 -51.26 -14.17
CA SER F 392 -3.68 -52.38 -13.45
C SER F 392 -2.45 -51.91 -12.69
N VAL F 393 -2.38 -52.28 -11.40
CA VAL F 393 -1.25 -51.85 -10.58
C VAL F 393 0.04 -52.51 -11.05
N LYS F 394 -0.04 -53.78 -11.46
CA LYS F 394 1.15 -54.49 -11.92
C LYS F 394 1.65 -53.91 -13.24
N GLY F 395 0.74 -53.58 -14.15
CA GLY F 395 1.15 -52.98 -15.40
C GLY F 395 1.80 -51.62 -15.22
N ILE F 396 1.22 -50.79 -14.36
CA ILE F 396 1.79 -49.47 -14.08
C ILE F 396 3.16 -49.61 -13.44
N HIS F 397 3.29 -50.52 -12.47
CA HIS F 397 4.58 -50.75 -11.82
C HIS F 397 5.61 -51.24 -12.82
N PHE F 398 5.22 -52.14 -13.72
CA PHE F 398 6.14 -52.64 -14.72
C PHE F 398 6.59 -51.54 -15.66
N CYS F 399 5.66 -50.69 -16.10
CA CYS F 399 6.03 -49.59 -16.99
C CYS F 399 6.98 -48.62 -16.31
N HIS F 400 6.71 -48.28 -15.05
CA HIS F 400 7.60 -47.37 -14.32
C HIS F 400 8.98 -47.97 -14.13
N ASP F 401 9.03 -49.26 -13.77
CA ASP F 401 10.33 -49.91 -13.59
C ASP F 401 11.09 -49.99 -14.91
N LEU F 402 10.39 -50.26 -16.01
CA LEU F 402 11.05 -50.31 -17.31
C LEU F 402 11.62 -48.96 -17.70
N VAL F 403 10.84 -47.88 -17.52
CA VAL F 403 11.33 -46.57 -17.92
C VAL F 403 12.44 -46.10 -16.97
N SER F 404 12.46 -46.60 -15.73
CA SER F 404 13.57 -46.30 -14.84
C SER F 404 14.81 -47.11 -15.19
N LEU F 405 14.65 -48.30 -15.77
CA LEU F 405 15.78 -49.15 -16.09
C LEU F 405 16.45 -48.72 -17.40
N CYS F 406 15.70 -48.78 -18.51
CA CYS F 406 16.20 -48.37 -19.80
C CYS F 406 15.94 -46.88 -20.02
N ASN F 407 16.70 -46.29 -20.93
CA ASN F 407 16.57 -44.86 -21.20
C ASN F 407 15.19 -44.51 -21.72
N PHE F 408 14.86 -44.99 -22.92
CA PHE F 408 13.58 -44.76 -23.56
C PHE F 408 13.12 -43.31 -23.44
N HIS F 409 11.86 -43.12 -23.06
CA HIS F 409 11.29 -41.80 -22.83
C HIS F 409 11.42 -40.89 -24.05
N PHE G 100 -55.36 -2.54 15.70
CA PHE G 100 -53.97 -2.97 15.80
C PHE G 100 -53.77 -4.32 15.11
N VAL G 101 -52.53 -4.60 14.72
CA VAL G 101 -52.25 -5.85 14.01
C VAL G 101 -52.45 -7.05 14.92
N ILE G 102 -52.10 -6.92 16.19
CA ILE G 102 -52.34 -7.94 17.20
C ILE G 102 -53.28 -7.37 18.24
N PRO G 103 -54.57 -7.67 18.15
CA PRO G 103 -55.53 -7.08 19.10
C PRO G 103 -55.27 -7.43 20.55
N ASP G 104 -54.75 -8.63 20.82
CA ASP G 104 -54.49 -9.05 22.20
C ASP G 104 -53.05 -8.76 22.62
N PHE G 105 -52.08 -9.35 21.91
CA PHE G 105 -50.66 -9.22 22.22
C PHE G 105 -50.35 -9.68 23.65
N MET G 106 -51.15 -10.61 24.15
CA MET G 106 -50.86 -11.30 25.41
C MET G 106 -50.71 -12.80 25.20
N SER G 107 -51.64 -13.42 24.47
CA SER G 107 -51.46 -14.81 24.08
C SER G 107 -50.29 -14.95 23.11
N PHE G 108 -50.12 -13.99 22.21
CA PHE G 108 -49.02 -14.04 21.27
C PHE G 108 -47.67 -14.00 21.98
N THR G 109 -47.56 -13.17 23.03
CA THR G 109 -46.33 -13.12 23.81
C THR G 109 -46.07 -14.46 24.50
N SER G 110 -47.13 -15.09 25.01
CA SER G 110 -46.97 -16.42 25.63
C SER G 110 -46.50 -17.45 24.62
N HIS G 111 -47.05 -17.42 23.40
CA HIS G 111 -46.59 -18.32 22.35
C HIS G 111 -45.13 -18.07 22.01
N ILE G 112 -44.73 -16.80 21.90
CA ILE G 112 -43.34 -16.49 21.60
C ILE G 112 -42.43 -16.96 22.71
N ASP G 113 -42.85 -16.80 23.97
CA ASP G 113 -42.05 -17.24 25.10
C ASP G 113 -41.90 -18.76 25.12
N GLU G 114 -42.98 -19.49 24.84
CA GLU G 114 -42.87 -20.95 24.83
C GLU G 114 -42.02 -21.43 23.65
N LEU G 115 -42.09 -20.74 22.52
CA LEU G 115 -41.21 -21.06 21.40
C LEU G 115 -39.75 -20.81 21.78
N TYR G 116 -39.49 -19.72 22.48
CA TYR G 116 -38.14 -19.43 22.96
C TYR G 116 -37.64 -20.53 23.89
N GLU G 117 -38.49 -20.95 24.83
CA GLU G 117 -38.10 -22.02 25.75
C GLU G 117 -37.85 -23.33 25.01
N SER G 118 -38.69 -23.64 24.03
CA SER G 118 -38.50 -24.86 23.25
C SER G 118 -37.19 -24.82 22.46
N ALA G 119 -36.89 -23.67 21.85
CA ALA G 119 -35.67 -23.56 21.06
C ALA G 119 -34.42 -23.49 21.92
N LYS G 120 -34.54 -23.09 23.18
CA LYS G 120 -33.37 -23.00 24.06
C LYS G 120 -32.74 -24.36 24.31
N LYS G 121 -33.50 -25.44 24.18
CA LYS G 121 -32.99 -26.78 24.52
C LYS G 121 -31.97 -27.30 23.53
N GLN G 122 -31.78 -26.64 22.38
CA GLN G 122 -30.79 -27.08 21.41
C GLN G 122 -29.38 -26.92 21.96
N SER G 123 -28.50 -27.85 21.57
CA SER G 123 -27.12 -27.81 22.05
C SER G 123 -26.31 -26.75 21.30
N GLY G 124 -26.19 -26.89 19.99
CA GLY G 124 -25.47 -25.91 19.19
C GLY G 124 -24.35 -26.50 18.37
N GLY G 125 -23.45 -25.65 17.89
CA GLY G 125 -22.29 -26.08 17.11
C GLY G 125 -21.16 -25.11 17.27
N LYS G 126 -20.39 -24.91 16.20
CA LYS G 126 -19.29 -23.96 16.22
C LYS G 126 -19.81 -22.54 16.03
N VAL G 127 -18.96 -21.56 16.34
CA VAL G 127 -19.41 -20.17 16.31
C VAL G 127 -18.74 -19.39 15.19
N ALA G 128 -17.42 -19.20 15.27
CA ALA G 128 -16.70 -18.46 14.24
C ALA G 128 -15.56 -19.28 13.62
N ASP G 129 -14.63 -19.76 14.44
CA ASP G 129 -13.50 -20.57 13.99
C ASP G 129 -12.56 -19.83 13.04
N TYR G 130 -12.80 -18.55 12.79
CA TYR G 130 -11.95 -17.83 11.84
C TYR G 130 -11.41 -16.52 12.39
N ILE G 131 -12.15 -15.85 13.27
CA ILE G 131 -11.64 -14.65 13.92
C ILE G 131 -11.89 -14.74 15.43
N PRO G 132 -10.98 -14.22 16.26
CA PRO G 132 -11.17 -14.32 17.71
C PRO G 132 -12.29 -13.44 18.25
N GLN G 133 -12.70 -12.40 17.52
CA GLN G 133 -13.73 -11.49 18.03
C GLN G 133 -15.09 -12.18 18.10
N LEU G 134 -15.44 -12.94 17.07
CA LEU G 134 -16.72 -13.65 17.05
C LEU G 134 -16.63 -15.05 17.65
N ALA G 135 -15.43 -15.54 17.94
CA ALA G 135 -15.25 -16.88 18.51
C ALA G 135 -15.21 -16.87 20.03
N LYS G 136 -15.26 -15.70 20.67
CA LYS G 136 -15.22 -15.61 22.11
C LYS G 136 -16.61 -15.59 22.75
N PHE G 137 -17.67 -15.56 21.93
CA PHE G 137 -19.03 -15.54 22.47
C PHE G 137 -19.42 -16.93 22.97
N SER G 138 -19.94 -16.98 24.19
CA SER G 138 -20.33 -18.26 24.78
C SER G 138 -21.59 -18.79 24.09
N PRO G 139 -21.70 -20.11 23.92
CA PRO G 139 -22.88 -20.66 23.24
C PRO G 139 -24.19 -20.44 23.97
N ASP G 140 -24.16 -20.14 25.27
CA ASP G 140 -25.40 -20.02 26.04
C ASP G 140 -26.21 -18.79 25.68
N LEU G 141 -25.65 -17.85 24.92
CA LEU G 141 -26.38 -16.64 24.56
C LEU G 141 -27.47 -16.97 23.55
N TRP G 142 -28.69 -16.52 23.82
CA TRP G 142 -29.82 -16.80 22.96
C TRP G 142 -30.93 -15.80 23.27
N GLY G 143 -31.26 -14.94 22.31
CA GLY G 143 -32.21 -13.88 22.55
C GLY G 143 -33.12 -13.66 21.36
N VAL G 144 -34.32 -13.15 21.65
CA VAL G 144 -35.35 -12.89 20.64
C VAL G 144 -35.94 -11.51 20.88
N SER G 145 -36.11 -10.74 19.81
CA SER G 145 -36.76 -9.44 19.87
C SER G 145 -37.82 -9.35 18.80
N VAL G 146 -38.97 -8.79 19.17
CA VAL G 146 -40.13 -8.69 18.30
C VAL G 146 -40.65 -7.26 18.34
N CYS G 147 -40.92 -6.69 17.17
CA CYS G 147 -41.52 -5.36 17.08
C CYS G 147 -42.58 -5.36 15.99
N THR G 148 -43.82 -5.12 16.38
CA THR G 148 -44.88 -5.03 15.39
C THR G 148 -44.87 -3.67 14.70
N VAL G 149 -45.58 -3.59 13.58
CA VAL G 149 -45.59 -2.37 12.78
C VAL G 149 -46.31 -1.22 13.46
N ASP G 150 -47.00 -1.48 14.57
CA ASP G 150 -47.70 -0.45 15.32
C ASP G 150 -46.90 0.07 16.50
N GLY G 151 -45.66 -0.37 16.67
CA GLY G 151 -44.80 0.08 17.75
C GLY G 151 -44.72 -0.86 18.93
N GLN G 152 -45.55 -1.91 18.96
CA GLN G 152 -45.54 -2.84 20.08
C GLN G 152 -44.24 -3.64 20.10
N ARG G 153 -43.67 -3.81 21.29
CA ARG G 153 -42.36 -4.42 21.44
C ARG G 153 -42.40 -5.56 22.44
N HIS G 154 -41.48 -6.50 22.27
CA HIS G 154 -41.33 -7.61 23.23
C HIS G 154 -39.94 -8.22 23.09
N SER G 155 -39.21 -8.29 24.19
CA SER G 155 -37.85 -8.84 24.20
C SER G 155 -37.77 -9.98 25.21
N ILE G 156 -37.17 -11.10 24.78
CA ILE G 156 -37.00 -12.27 25.63
C ILE G 156 -35.55 -12.73 25.56
N GLY G 157 -34.98 -13.06 26.71
CA GLY G 157 -33.60 -13.49 26.77
C GLY G 157 -32.64 -12.33 26.96
N ASP G 158 -31.40 -12.58 26.55
CA ASP G 158 -30.34 -11.56 26.63
C ASP G 158 -30.27 -10.86 25.29
N THR G 159 -31.10 -9.84 25.13
CA THR G 159 -31.18 -9.06 23.90
C THR G 159 -30.45 -7.73 23.98
N LYS G 160 -29.73 -7.48 25.08
CA LYS G 160 -29.01 -6.23 25.27
C LYS G 160 -27.52 -6.36 24.96
N VAL G 161 -27.09 -7.48 24.40
CA VAL G 161 -25.68 -7.71 24.10
C VAL G 161 -25.44 -7.32 22.64
N PRO G 162 -24.61 -6.32 22.37
CA PRO G 162 -24.36 -5.91 20.97
C PRO G 162 -23.64 -7.00 20.19
N PHE G 163 -23.91 -7.02 18.89
CA PHE G 163 -23.25 -7.94 17.97
C PHE G 163 -23.21 -7.32 16.59
N CYS G 164 -22.20 -7.71 15.80
CA CYS G 164 -21.98 -7.10 14.50
C CYS G 164 -23.01 -7.59 13.48
N LEU G 165 -23.38 -6.69 12.56
CA LEU G 165 -24.24 -7.04 11.43
C LEU G 165 -23.34 -7.49 10.29
N GLN G 166 -22.90 -8.75 10.38
CA GLN G 166 -21.95 -9.29 9.42
C GLN G 166 -22.52 -9.34 8.01
N SER G 167 -23.56 -10.16 7.80
CA SER G 167 -24.19 -10.30 6.50
C SER G 167 -25.63 -9.85 6.49
N CYS G 168 -26.14 -9.33 7.60
CA CYS G 168 -27.49 -8.78 7.65
C CYS G 168 -27.55 -7.34 7.16
N VAL G 169 -26.40 -6.75 6.80
CA VAL G 169 -26.37 -5.38 6.31
C VAL G 169 -26.56 -5.29 4.79
N LYS G 170 -26.51 -6.42 4.09
CA LYS G 170 -26.70 -6.38 2.64
C LYS G 170 -28.08 -5.88 2.23
N PRO G 171 -29.20 -6.37 2.80
CA PRO G 171 -30.50 -5.79 2.44
C PRO G 171 -30.58 -4.30 2.75
N LEU G 172 -30.01 -3.87 3.86
CA LEU G 172 -30.09 -2.46 4.24
C LEU G 172 -29.29 -1.59 3.28
N LYS G 173 -28.08 -2.02 2.90
CA LYS G 173 -27.29 -1.24 1.96
C LYS G 173 -27.92 -1.23 0.57
N TYR G 174 -28.54 -2.34 0.17
CA TYR G 174 -29.25 -2.35 -1.10
C TYR G 174 -30.43 -1.39 -1.08
N ALA G 175 -31.17 -1.37 0.03
CA ALA G 175 -32.28 -0.43 0.15
C ALA G 175 -31.80 1.01 0.10
N ILE G 176 -30.68 1.30 0.78
CA ILE G 176 -30.13 2.66 0.75
C ILE G 176 -29.74 3.04 -0.68
N ALA G 177 -29.07 2.13 -1.38
CA ALA G 177 -28.63 2.43 -2.75
C ALA G 177 -29.82 2.64 -3.67
N VAL G 178 -30.85 1.80 -3.56
CA VAL G 178 -32.01 1.95 -4.42
C VAL G 178 -32.76 3.24 -4.11
N ASN G 179 -32.89 3.58 -2.83
CA ASN G 179 -33.56 4.82 -2.46
C ASN G 179 -32.80 6.04 -2.99
N ASP G 180 -31.46 6.01 -2.90
CA ASP G 180 -30.69 7.16 -3.36
C ASP G 180 -30.69 7.28 -4.87
N LEU G 181 -30.54 6.16 -5.58
CA LEU G 181 -30.28 6.16 -7.01
C LEU G 181 -31.52 5.81 -7.83
N GLY G 182 -32.15 4.67 -7.55
CA GLY G 182 -33.28 4.22 -8.32
C GLY G 182 -33.11 2.79 -8.79
N THR G 183 -34.22 2.10 -9.05
CA THR G 183 -34.13 0.68 -9.42
C THR G 183 -33.39 0.48 -10.73
N GLU G 184 -33.70 1.32 -11.74
CA GLU G 184 -33.12 1.11 -13.07
C GLU G 184 -31.63 1.38 -13.08
N TYR G 185 -31.15 2.34 -12.29
CA TYR G 185 -29.72 2.61 -12.24
C TYR G 185 -28.99 1.59 -11.37
N VAL G 186 -29.61 1.15 -10.28
CA VAL G 186 -28.98 0.17 -9.40
C VAL G 186 -28.84 -1.17 -10.11
N HIS G 187 -29.88 -1.62 -10.80
CA HIS G 187 -29.85 -2.92 -11.47
C HIS G 187 -29.18 -2.86 -12.83
N ARG G 188 -28.70 -1.69 -13.25
CA ARG G 188 -27.86 -1.60 -14.43
C ARG G 188 -26.51 -2.28 -14.20
N TYR G 189 -26.12 -2.50 -12.95
CA TYR G 189 -24.84 -3.09 -12.61
C TYR G 189 -24.94 -4.48 -11.99
N VAL G 190 -26.07 -4.82 -11.36
CA VAL G 190 -26.26 -6.12 -10.73
C VAL G 190 -27.57 -6.72 -11.22
N GLY G 191 -27.64 -8.05 -11.17
CA GLY G 191 -28.82 -8.77 -11.58
C GLY G 191 -29.84 -8.88 -10.46
N LYS G 192 -30.85 -9.71 -10.69
CA LYS G 192 -31.90 -9.92 -9.71
C LYS G 192 -32.33 -11.38 -9.64
N GLU G 193 -31.41 -12.30 -9.95
CA GLU G 193 -31.72 -13.71 -10.01
C GLU G 193 -30.73 -14.50 -9.16
N PRO G 194 -31.17 -15.62 -8.58
CA PRO G 194 -30.25 -16.44 -7.78
C PRO G 194 -29.16 -17.06 -8.63
N SER G 195 -27.95 -17.16 -8.06
CA SER G 195 -26.84 -17.76 -8.77
C SER G 195 -26.91 -19.28 -8.78
N GLY G 196 -27.49 -19.88 -7.74
CA GLY G 196 -27.56 -21.33 -7.64
C GLY G 196 -26.32 -21.98 -7.07
N LEU G 197 -25.30 -21.21 -6.70
CA LEU G 197 -24.06 -21.76 -6.16
C LEU G 197 -23.72 -21.10 -4.82
N ARG G 198 -22.52 -21.37 -4.32
CA ARG G 198 -22.09 -20.79 -3.05
C ARG G 198 -21.97 -19.27 -3.18
N PHE G 199 -22.14 -18.59 -2.04
CA PHE G 199 -22.20 -17.13 -2.05
C PHE G 199 -20.85 -16.50 -2.42
N ASN G 200 -19.75 -17.17 -2.10
CA ASN G 200 -18.41 -16.65 -2.37
C ASN G 200 -17.78 -17.25 -3.61
N LYS G 201 -18.60 -17.57 -4.62
CA LYS G 201 -18.09 -18.12 -5.88
C LYS G 201 -17.61 -17.00 -6.79
N LEU G 202 -16.55 -17.29 -7.55
CA LEU G 202 -15.94 -16.32 -8.45
C LEU G 202 -16.44 -16.57 -9.87
N PHE G 203 -17.63 -16.07 -10.16
CA PHE G 203 -18.18 -16.16 -11.51
C PHE G 203 -19.33 -15.17 -11.65
N LEU G 204 -19.51 -14.67 -12.87
CA LEU G 204 -20.56 -13.72 -13.19
C LEU G 204 -21.58 -14.39 -14.10
N ASN G 205 -22.69 -13.68 -14.32
CA ASN G 205 -23.79 -14.22 -15.12
C ASN G 205 -23.45 -14.10 -16.61
N GLU G 206 -24.45 -14.35 -17.46
CA GLU G 206 -24.23 -14.29 -18.91
C GLU G 206 -23.95 -12.87 -19.39
N ASP G 207 -24.27 -11.86 -18.60
CA ASP G 207 -24.03 -10.47 -18.96
C ASP G 207 -22.79 -9.89 -18.29
N ASP G 208 -21.95 -10.74 -17.70
CA ASP G 208 -20.74 -10.30 -16.99
C ASP G 208 -21.08 -9.33 -15.87
N LYS G 209 -22.13 -9.62 -15.13
CA LYS G 209 -22.57 -8.84 -13.98
C LYS G 209 -22.82 -9.77 -12.80
N PRO G 210 -22.73 -9.26 -11.58
CA PRO G 210 -23.06 -10.09 -10.41
C PRO G 210 -24.50 -10.56 -10.48
N HIS G 211 -24.74 -11.78 -9.99
CA HIS G 211 -26.06 -12.40 -10.13
C HIS G 211 -27.13 -11.64 -9.35
N ASN G 212 -26.83 -11.22 -8.13
CA ASN G 212 -27.80 -10.55 -7.28
C ASN G 212 -27.06 -9.74 -6.23
N PRO G 213 -27.71 -8.77 -5.60
CA PRO G 213 -27.03 -7.95 -4.59
C PRO G 213 -26.80 -8.66 -3.27
N MET G 214 -27.07 -9.96 -3.20
CA MET G 214 -26.90 -10.71 -1.96
C MET G 214 -25.60 -11.51 -1.91
N VAL G 215 -25.03 -11.89 -3.05
CA VAL G 215 -23.73 -12.55 -3.07
C VAL G 215 -22.66 -11.50 -2.80
N ASN G 216 -21.42 -11.96 -2.55
CA ASN G 216 -20.36 -11.04 -2.18
C ASN G 216 -20.06 -10.05 -3.30
N ALA G 217 -20.02 -10.52 -4.55
CA ALA G 217 -19.75 -9.62 -5.66
C ALA G 217 -20.84 -8.57 -5.81
N GLY G 218 -22.10 -8.99 -5.70
CA GLY G 218 -23.20 -8.03 -5.77
C GLY G 218 -23.15 -7.02 -4.62
N ALA G 219 -22.81 -7.49 -3.42
CA ALA G 219 -22.69 -6.57 -2.29
C ALA G 219 -21.57 -5.57 -2.49
N ILE G 220 -20.44 -6.01 -3.04
CA ILE G 220 -19.33 -5.10 -3.30
C ILE G 220 -19.72 -4.06 -4.33
N VAL G 221 -20.40 -4.48 -5.40
CA VAL G 221 -20.84 -3.52 -6.40
C VAL G 221 -21.84 -2.53 -5.79
N VAL G 222 -22.77 -3.02 -4.97
CA VAL G 222 -23.79 -2.16 -4.38
C VAL G 222 -23.14 -1.12 -3.47
N THR G 223 -22.20 -1.55 -2.62
CA THR G 223 -21.54 -0.57 -1.77
C THR G 223 -20.63 0.35 -2.56
N SER G 224 -20.20 -0.06 -3.76
CA SER G 224 -19.52 0.87 -4.66
C SER G 224 -20.48 1.89 -5.23
N LEU G 225 -21.76 1.54 -5.35
CA LEU G 225 -22.77 2.44 -5.93
C LEU G 225 -23.24 3.52 -4.96
N ILE G 226 -22.85 3.47 -3.70
CA ILE G 226 -23.40 4.35 -2.68
C ILE G 226 -22.52 5.58 -2.54
N LYS G 227 -23.13 6.77 -2.73
CA LYS G 227 -22.47 8.05 -2.47
C LYS G 227 -21.18 8.20 -3.28
N GLN G 228 -21.33 8.17 -4.60
CA GLN G 228 -20.17 8.20 -5.48
C GLN G 228 -19.44 9.54 -5.39
N GLY G 229 -18.11 9.49 -5.49
CA GLY G 229 -17.32 10.70 -5.54
C GLY G 229 -17.01 11.33 -4.20
N VAL G 230 -17.21 10.62 -3.09
CA VAL G 230 -16.98 11.16 -1.75
C VAL G 230 -16.04 10.22 -1.02
N ASN G 231 -15.33 10.76 -0.03
CA ASN G 231 -14.41 9.95 0.76
C ASN G 231 -15.18 9.05 1.73
N ASN G 232 -14.45 8.09 2.31
CA ASN G 232 -15.09 7.05 3.11
C ASN G 232 -15.69 7.60 4.39
N ALA G 233 -15.14 8.68 4.94
CA ALA G 233 -15.66 9.23 6.19
C ALA G 233 -17.09 9.72 6.03
N GLU G 234 -17.35 10.50 4.97
CA GLU G 234 -18.70 11.00 4.75
C GLU G 234 -19.65 9.88 4.31
N LYS G 235 -19.14 8.90 3.57
CA LYS G 235 -19.96 7.73 3.24
C LYS G 235 -20.43 7.02 4.50
N PHE G 236 -19.50 6.77 5.41
CA PHE G 236 -19.85 6.09 6.66
C PHE G 236 -20.80 6.93 7.50
N ASP G 237 -20.58 8.25 7.54
CA ASP G 237 -21.48 9.13 8.28
C ASP G 237 -22.89 9.06 7.71
N TYR G 238 -23.01 9.11 6.38
CA TYR G 238 -24.33 9.06 5.74
C TYR G 238 -25.01 7.73 6.02
N VAL G 239 -24.27 6.63 5.91
CA VAL G 239 -24.86 5.31 6.16
C VAL G 239 -25.30 5.18 7.61
N MET G 240 -24.49 5.70 8.54
CA MET G 240 -24.84 5.60 9.95
C MET G 240 -26.06 6.45 10.29
N GLN G 241 -26.17 7.65 9.71
CA GLN G 241 -27.38 8.44 9.91
C GLN G 241 -28.60 7.73 9.34
N PHE G 242 -28.46 7.11 8.17
CA PHE G 242 -29.58 6.37 7.60
C PHE G 242 -29.99 5.21 8.50
N LEU G 243 -29.01 4.49 9.05
CA LEU G 243 -29.32 3.37 9.93
C LEU G 243 -29.97 3.83 11.23
N ASN G 244 -29.49 4.96 11.78
CA ASN G 244 -30.11 5.52 12.99
C ASN G 244 -31.55 5.93 12.72
N LYS G 245 -31.81 6.51 11.54
CA LYS G 245 -33.17 6.83 11.16
C LYS G 245 -34.02 5.57 11.03
N MET G 246 -33.45 4.51 10.46
CA MET G 246 -34.17 3.25 10.29
C MET G 246 -34.52 2.63 11.63
N ALA G 247 -33.58 2.65 12.59
CA ALA G 247 -33.76 1.98 13.86
C ALA G 247 -34.52 2.81 14.89
N GLY G 248 -34.97 4.01 14.53
CA GLY G 248 -35.66 4.85 15.48
C GLY G 248 -34.79 5.35 16.61
N ASN G 249 -33.55 5.74 16.30
CA ASN G 249 -32.60 6.25 17.29
C ASN G 249 -32.36 5.24 18.42
N GLU G 250 -32.24 3.97 18.07
CA GLU G 250 -31.85 2.94 19.01
C GLU G 250 -30.34 2.79 18.99
N TYR G 251 -29.82 1.73 19.62
CA TYR G 251 -28.38 1.55 19.75
C TYR G 251 -27.80 1.01 18.44
N VAL G 252 -27.00 1.83 17.77
CA VAL G 252 -26.21 1.43 16.61
C VAL G 252 -24.80 1.94 16.82
N GLY G 253 -23.81 1.07 16.69
CA GLY G 253 -22.43 1.46 16.92
C GLY G 253 -21.44 0.78 16.01
N PHE G 254 -20.15 1.00 16.25
CA PHE G 254 -19.08 0.43 15.45
C PHE G 254 -18.17 -0.42 16.31
N SER G 255 -17.80 -1.58 15.81
CA SER G 255 -16.90 -2.51 16.51
C SER G 255 -15.56 -2.48 15.78
N ASN G 256 -14.59 -1.75 16.35
CA ASN G 256 -13.31 -1.57 15.67
C ASN G 256 -12.49 -2.85 15.68
N ALA G 257 -12.57 -3.64 16.75
CA ALA G 257 -11.81 -4.89 16.79
C ALA G 257 -12.26 -5.85 15.70
N THR G 258 -13.58 -5.97 15.50
CA THR G 258 -14.09 -6.81 14.43
C THR G 258 -13.65 -6.30 13.06
N PHE G 259 -13.68 -4.97 12.88
CA PHE G 259 -13.27 -4.39 11.60
C PHE G 259 -11.80 -4.69 11.32
N GLN G 260 -10.94 -4.57 12.33
CA GLN G 260 -9.53 -4.86 12.14
C GLN G 260 -9.31 -6.35 11.86
N SER G 261 -10.07 -7.22 12.53
CA SER G 261 -9.95 -8.64 12.26
C SER G 261 -10.38 -8.97 10.83
N GLU G 262 -11.44 -8.33 10.34
CA GLU G 262 -11.96 -8.63 9.01
C GLU G 262 -11.03 -8.09 7.92
N ARG G 263 -10.57 -6.85 8.06
CA ARG G 263 -9.80 -6.23 6.99
C ARG G 263 -8.48 -6.92 6.73
N GLU G 264 -7.98 -7.71 7.67
CA GLU G 264 -6.73 -8.44 7.50
C GLU G 264 -6.96 -9.91 7.18
N SER G 265 -8.21 -10.31 6.91
CA SER G 265 -8.50 -11.72 6.66
C SER G 265 -9.46 -11.93 5.49
N GLY G 266 -9.80 -10.88 4.75
CA GLY G 266 -10.73 -11.03 3.64
C GLY G 266 -10.05 -11.28 2.30
N ASP G 267 -9.29 -12.37 2.20
CA ASP G 267 -8.60 -12.68 0.96
C ASP G 267 -9.58 -12.98 -0.16
N ARG G 268 -10.65 -13.73 0.14
CA ARG G 268 -11.65 -14.03 -0.89
C ARG G 268 -12.32 -12.76 -1.38
N ASN G 269 -12.61 -11.82 -0.48
CA ASN G 269 -13.21 -10.55 -0.88
C ASN G 269 -12.25 -9.75 -1.77
N PHE G 270 -10.96 -9.78 -1.47
CA PHE G 270 -9.99 -9.09 -2.32
C PHE G 270 -9.92 -9.72 -3.70
N ALA G 271 -9.96 -11.06 -3.76
CA ALA G 271 -9.97 -11.73 -5.06
C ALA G 271 -11.22 -11.37 -5.85
N ILE G 272 -12.37 -11.33 -5.18
CA ILE G 272 -13.62 -10.95 -5.85
C ILE G 272 -13.55 -9.51 -6.35
N GLY G 273 -12.98 -8.61 -5.53
CA GLY G 273 -12.86 -7.23 -5.94
C GLY G 273 -11.97 -7.05 -7.16
N TYR G 274 -10.83 -7.74 -7.17
CA TYR G 274 -9.95 -7.66 -8.34
C TYR G 274 -10.61 -8.27 -9.58
N TYR G 275 -11.33 -9.38 -9.40
CA TYR G 275 -12.04 -9.98 -10.52
C TYR G 275 -13.09 -9.03 -11.09
N LEU G 276 -13.83 -8.36 -10.21
CA LEU G 276 -14.82 -7.38 -10.67
C LEU G 276 -14.16 -6.19 -11.36
N LYS G 277 -13.02 -5.74 -10.82
CA LYS G 277 -12.31 -4.62 -11.44
C LYS G 277 -11.84 -4.97 -12.84
N GLU G 278 -11.34 -6.20 -13.03
CA GLU G 278 -10.85 -6.60 -14.35
C GLU G 278 -11.98 -6.60 -15.38
N LYS G 279 -13.15 -7.10 -15.00
CA LYS G 279 -14.27 -7.25 -15.93
C LYS G 279 -15.06 -5.96 -16.12
N LYS G 280 -14.58 -4.83 -15.59
CA LYS G 280 -15.23 -3.53 -15.75
C LYS G 280 -16.66 -3.55 -15.19
N CYS G 281 -16.79 -4.06 -13.97
CA CYS G 281 -18.09 -4.15 -13.31
C CYS G 281 -18.37 -2.99 -12.38
N PHE G 282 -17.46 -2.01 -12.29
CA PHE G 282 -17.63 -0.89 -11.37
C PHE G 282 -17.96 0.38 -12.13
N PRO G 283 -18.66 1.33 -11.49
CA PRO G 283 -18.89 2.63 -12.12
C PRO G 283 -17.58 3.36 -12.35
N GLU G 284 -17.57 4.21 -13.38
CA GLU G 284 -16.36 4.93 -13.75
C GLU G 284 -15.88 5.83 -12.61
N GLY G 285 -14.58 5.79 -12.35
CA GLY G 285 -13.98 6.61 -11.32
C GLY G 285 -14.18 6.08 -9.91
N THR G 286 -13.78 4.83 -9.68
CA THR G 286 -13.89 4.21 -8.37
C THR G 286 -12.56 3.55 -8.01
N ASP G 287 -12.20 3.64 -6.72
CA ASP G 287 -11.01 2.99 -6.20
C ASP G 287 -11.44 1.69 -5.52
N MET G 288 -10.92 0.57 -6.03
CA MET G 288 -11.38 -0.73 -5.55
C MET G 288 -11.00 -0.96 -4.09
N VAL G 289 -9.78 -0.58 -3.71
CA VAL G 289 -9.33 -0.81 -2.34
C VAL G 289 -10.16 0.01 -1.35
N GLY G 290 -10.48 1.24 -1.70
CA GLY G 290 -11.36 2.04 -0.85
C GLY G 290 -12.74 1.44 -0.74
N ILE G 291 -13.26 0.91 -1.84
CA ILE G 291 -14.58 0.26 -1.81
C ILE G 291 -14.55 -0.95 -0.89
N LEU G 292 -13.49 -1.76 -0.96
CA LEU G 292 -13.40 -2.91 -0.08
C LEU G 292 -13.27 -2.50 1.38
N ASP G 293 -12.49 -1.45 1.65
CA ASP G 293 -12.38 -0.96 3.02
C ASP G 293 -13.72 -0.48 3.55
N PHE G 294 -14.48 0.23 2.71
CA PHE G 294 -15.81 0.68 3.12
C PHE G 294 -16.75 -0.50 3.34
N TYR G 295 -16.62 -1.54 2.52
CA TYR G 295 -17.41 -2.75 2.71
C TYR G 295 -17.10 -3.39 4.06
N PHE G 296 -15.82 -3.49 4.40
CA PHE G 296 -15.42 -4.04 5.69
C PHE G 296 -15.94 -3.19 6.84
N GLN G 297 -15.90 -1.86 6.68
CA GLN G 297 -16.46 -0.99 7.71
C GLN G 297 -17.95 -1.20 7.88
N LEU G 298 -18.68 -1.34 6.77
CA LEU G 298 -20.12 -1.55 6.85
C LEU G 298 -20.46 -2.87 7.51
N CYS G 299 -19.68 -3.92 7.22
CA CYS G 299 -19.95 -5.22 7.83
C CYS G 299 -19.72 -5.23 9.33
N SER G 300 -19.00 -4.25 9.85
CA SER G 300 -18.62 -4.22 11.27
C SER G 300 -19.58 -3.39 12.13
N ILE G 301 -20.62 -2.81 11.54
CA ILE G 301 -21.60 -2.07 12.33
C ILE G 301 -22.36 -3.03 13.23
N GLU G 302 -22.43 -2.71 14.52
CA GLU G 302 -23.03 -3.58 15.51
C GLU G 302 -24.31 -2.96 16.07
N VAL G 303 -25.28 -3.83 16.37
CA VAL G 303 -26.56 -3.45 16.93
C VAL G 303 -26.94 -4.47 18.00
N THR G 304 -28.01 -4.16 18.72
CA THR G 304 -28.63 -5.11 19.63
C THR G 304 -29.84 -5.74 18.93
N CYS G 305 -30.53 -6.63 19.64
CA CYS G 305 -31.71 -7.26 19.07
C CYS G 305 -32.86 -6.28 18.92
N GLU G 306 -32.96 -5.30 19.83
CA GLU G 306 -34.05 -4.34 19.76
C GLU G 306 -33.95 -3.45 18.51
N SER G 307 -32.76 -2.92 18.25
CA SER G 307 -32.59 -2.05 17.07
C SER G 307 -32.80 -2.84 15.78
N ALA G 308 -32.28 -4.06 15.71
CA ALA G 308 -32.48 -4.88 14.52
C ALA G 308 -33.96 -5.23 14.34
N SER G 309 -34.67 -5.49 15.43
CA SER G 309 -36.10 -5.73 15.34
C SER G 309 -36.84 -4.49 14.83
N VAL G 310 -36.40 -3.31 15.27
CA VAL G 310 -37.02 -2.08 14.77
C VAL G 310 -36.75 -1.90 13.29
N MET G 311 -35.53 -2.22 12.84
CA MET G 311 -35.23 -2.13 11.41
C MET G 311 -36.09 -3.10 10.60
N ALA G 312 -36.25 -4.33 11.09
CA ALA G 312 -37.10 -5.30 10.41
C ALA G 312 -38.55 -4.83 10.37
N ALA G 313 -39.03 -4.24 11.46
CA ALA G 313 -40.39 -3.72 11.49
C ALA G 313 -40.56 -2.55 10.53
N THR G 314 -39.51 -1.72 10.39
CA THR G 314 -39.55 -0.64 9.42
C THR G 314 -39.66 -1.18 8.00
N LEU G 315 -38.87 -2.23 7.70
CA LEU G 315 -38.98 -2.85 6.39
C LEU G 315 -40.36 -3.46 6.17
N ALA G 316 -40.94 -4.07 7.21
CA ALA G 316 -42.26 -4.66 7.09
C ALA G 316 -43.36 -3.61 6.96
N ASN G 317 -43.14 -2.41 7.49
CA ASN G 317 -44.15 -1.36 7.48
C ASN G 317 -44.21 -0.59 6.18
N GLY G 318 -43.21 -0.73 5.30
CA GLY G 318 -43.22 -0.02 4.05
C GLY G 318 -42.42 1.28 4.10
N GLY G 319 -41.33 1.27 4.85
CA GLY G 319 -40.46 2.42 4.97
C GLY G 319 -40.80 3.37 6.10
N PHE G 320 -41.92 3.17 6.79
CA PHE G 320 -42.30 4.02 7.91
C PHE G 320 -41.85 3.37 9.21
N CYS G 321 -41.07 4.10 9.99
CA CYS G 321 -40.59 3.59 11.27
C CYS G 321 -41.76 3.43 12.23
N PRO G 322 -41.99 2.24 12.80
CA PRO G 322 -43.16 2.06 13.68
C PRO G 322 -43.13 2.95 14.91
N ILE G 323 -41.95 3.29 15.44
CA ILE G 323 -41.87 4.08 16.66
C ILE G 323 -42.10 5.55 16.37
N THR G 324 -41.23 6.15 15.55
CA THR G 324 -41.32 7.58 15.28
C THR G 324 -42.47 7.90 14.33
N GLY G 325 -42.71 7.05 13.34
CA GLY G 325 -43.76 7.28 12.37
C GLY G 325 -43.35 8.09 11.16
N GLU G 326 -42.06 8.37 10.99
CA GLU G 326 -41.59 9.14 9.84
C GLU G 326 -41.01 8.21 8.79
N ARG G 327 -41.21 8.55 7.53
CA ARG G 327 -40.75 7.71 6.44
C ARG G 327 -39.23 7.78 6.30
N VAL G 328 -38.61 6.63 6.06
CA VAL G 328 -37.18 6.56 5.85
C VAL G 328 -36.81 5.93 4.50
N LEU G 329 -37.67 5.11 3.92
CA LEU G 329 -37.38 4.47 2.63
C LEU G 329 -38.60 4.60 1.72
N SER G 330 -38.32 4.61 0.41
CA SER G 330 -39.37 4.65 -0.58
C SER G 330 -40.02 3.28 -0.73
N PRO G 331 -41.30 3.23 -1.12
CA PRO G 331 -41.96 1.92 -1.27
C PRO G 331 -41.28 1.00 -2.27
N GLU G 332 -40.74 1.55 -3.35
CA GLU G 332 -40.04 0.72 -4.32
C GLU G 332 -38.81 0.07 -3.71
N ALA G 333 -38.06 0.81 -2.90
CA ALA G 333 -36.85 0.28 -2.29
C ALA G 333 -37.17 -0.89 -1.36
N VAL G 334 -38.16 -0.72 -0.49
CA VAL G 334 -38.50 -1.80 0.45
C VAL G 334 -39.10 -2.98 -0.28
N ARG G 335 -39.90 -2.73 -1.33
CA ARG G 335 -40.47 -3.84 -2.09
C ARG G 335 -39.39 -4.65 -2.78
N ASN G 336 -38.43 -3.97 -3.42
CA ASN G 336 -37.33 -4.68 -4.06
C ASN G 336 -36.47 -5.43 -3.05
N THR G 337 -36.23 -4.80 -1.89
CA THR G 337 -35.44 -5.47 -0.86
C THR G 337 -36.13 -6.74 -0.36
N LEU G 338 -37.45 -6.67 -0.14
CA LEU G 338 -38.18 -7.85 0.30
C LEU G 338 -38.17 -8.93 -0.78
N SER G 339 -38.33 -8.55 -2.05
CA SER G 339 -38.28 -9.52 -3.13
C SER G 339 -36.93 -10.22 -3.19
N LEU G 340 -35.84 -9.45 -3.09
CA LEU G 340 -34.51 -10.03 -3.12
C LEU G 340 -34.27 -10.94 -1.91
N MET G 341 -34.71 -10.51 -0.73
CA MET G 341 -34.53 -11.33 0.47
C MET G 341 -35.28 -12.64 0.35
N HIS G 342 -36.51 -12.61 -0.18
CA HIS G 342 -37.27 -13.83 -0.35
C HIS G 342 -36.64 -14.73 -1.40
N SER G 343 -36.11 -14.15 -2.48
CA SER G 343 -35.58 -14.96 -3.57
C SER G 343 -34.26 -15.62 -3.20
N CYS G 344 -33.29 -14.83 -2.73
CA CYS G 344 -31.94 -15.33 -2.50
C CYS G 344 -31.37 -14.81 -1.18
N GLY G 345 -32.18 -14.83 -0.13
CA GLY G 345 -31.71 -14.34 1.16
C GLY G 345 -30.81 -15.32 1.88
N MET G 346 -31.01 -16.62 1.69
CA MET G 346 -30.23 -17.65 2.37
C MET G 346 -29.26 -18.37 1.43
N TYR G 347 -28.95 -17.75 0.30
CA TYR G 347 -27.99 -18.29 -0.69
C TYR G 347 -28.56 -19.59 -1.25
N ASP G 348 -27.74 -20.63 -1.41
CA ASP G 348 -28.20 -21.87 -2.05
C ASP G 348 -29.23 -22.63 -1.23
N PHE G 349 -29.42 -22.28 0.04
CA PHE G 349 -30.46 -22.87 0.87
C PHE G 349 -31.77 -22.10 0.81
N SER G 350 -31.76 -20.91 0.19
CA SER G 350 -32.90 -20.00 0.25
C SER G 350 -34.20 -20.66 -0.15
N GLY G 351 -34.20 -21.35 -1.31
CA GLY G 351 -35.41 -21.99 -1.77
C GLY G 351 -35.99 -22.94 -0.74
N GLN G 352 -35.15 -23.76 -0.12
CA GLN G 352 -35.63 -24.69 0.90
C GLN G 352 -36.28 -23.92 2.04
N PHE G 353 -35.68 -22.80 2.45
CA PHE G 353 -36.31 -21.96 3.46
C PHE G 353 -37.69 -21.52 3.01
N ALA G 354 -37.80 -21.05 1.76
CA ALA G 354 -39.10 -20.63 1.25
C ALA G 354 -40.07 -21.80 1.15
N PHE G 355 -39.56 -23.02 1.12
CA PHE G 355 -40.44 -24.19 1.10
C PHE G 355 -41.04 -24.45 2.47
N HIS G 356 -40.35 -24.06 3.55
CA HIS G 356 -40.79 -24.36 4.90
C HIS G 356 -41.34 -23.14 5.62
N VAL G 357 -40.57 -22.05 5.70
CA VAL G 357 -41.02 -20.85 6.39
C VAL G 357 -41.76 -19.91 5.45
N GLY G 358 -41.19 -19.63 4.29
CA GLY G 358 -41.83 -18.74 3.33
C GLY G 358 -41.92 -17.30 3.78
N LEU G 359 -40.88 -16.79 4.42
CA LEU G 359 -40.84 -15.41 4.88
C LEU G 359 -39.49 -14.81 4.52
N PRO G 360 -39.42 -13.48 4.34
CA PRO G 360 -38.13 -12.84 4.07
C PRO G 360 -37.22 -12.84 5.29
N ALA G 361 -36.15 -13.63 5.24
CA ALA G 361 -35.21 -13.74 6.34
C ALA G 361 -33.78 -13.60 5.81
N LYS G 362 -32.93 -12.97 6.61
CA LYS G 362 -31.52 -12.81 6.29
C LYS G 362 -30.68 -13.32 7.45
N SER G 363 -29.62 -14.06 7.11
CA SER G 363 -28.78 -14.71 8.11
C SER G 363 -27.37 -14.15 8.05
N GLY G 364 -26.77 -13.98 9.23
CA GLY G 364 -25.40 -13.52 9.32
C GLY G 364 -24.48 -14.55 9.95
N VAL G 365 -23.16 -14.39 9.77
CA VAL G 365 -22.20 -15.33 10.35
C VAL G 365 -22.00 -15.09 11.84
N ALA G 366 -22.53 -13.99 12.38
CA ALA G 366 -22.48 -13.72 13.80
C ALA G 366 -23.67 -14.31 14.56
N GLY G 367 -24.32 -15.32 13.99
CA GLY G 367 -25.48 -15.92 14.61
C GLY G 367 -26.69 -15.03 14.71
N GLY G 368 -26.99 -14.27 13.65
CA GLY G 368 -28.14 -13.40 13.64
C GLY G 368 -29.12 -13.72 12.53
N ILE G 369 -30.40 -13.75 12.87
CA ILE G 369 -31.47 -14.00 11.90
C ILE G 369 -32.43 -12.82 11.96
N LEU G 370 -32.52 -12.07 10.85
CA LEU G 370 -33.42 -10.94 10.72
C LEU G 370 -34.63 -11.41 9.90
N LEU G 371 -35.79 -11.50 10.55
CA LEU G 371 -37.00 -12.03 9.92
C LEU G 371 -38.01 -10.91 9.77
N VAL G 372 -38.70 -10.89 8.64
CA VAL G 372 -39.71 -9.87 8.35
C VAL G 372 -41.02 -10.58 8.01
N VAL G 373 -42.09 -10.22 8.72
CA VAL G 373 -43.42 -10.66 8.35
C VAL G 373 -44.15 -9.45 7.80
N PRO G 374 -44.32 -9.34 6.48
CA PRO G 374 -44.81 -8.09 5.90
C PRO G 374 -46.18 -7.71 6.44
N ASN G 375 -46.34 -6.42 6.71
CA ASN G 375 -47.56 -5.85 7.29
C ASN G 375 -47.91 -6.45 8.64
N VAL G 376 -47.00 -7.21 9.26
CA VAL G 376 -47.33 -7.84 10.53
C VAL G 376 -46.30 -7.46 11.59
N MET G 377 -45.02 -7.79 11.39
CA MET G 377 -44.01 -7.42 12.37
C MET G 377 -42.61 -7.67 11.81
N GLY G 378 -41.61 -7.44 12.67
CA GLY G 378 -40.23 -7.76 12.39
C GLY G 378 -39.53 -8.32 13.61
N MET G 379 -38.70 -9.34 13.43
CA MET G 379 -38.08 -10.06 14.52
C MET G 379 -36.58 -10.21 14.29
N MET G 380 -35.85 -10.31 15.40
CA MET G 380 -34.42 -10.58 15.38
C MET G 380 -34.12 -11.71 16.37
N CYS G 381 -33.40 -12.72 15.90
CA CYS G 381 -33.01 -13.86 16.73
C CYS G 381 -31.50 -13.96 16.76
N TRP G 382 -30.93 -14.07 17.95
CA TRP G 382 -29.48 -14.12 18.11
C TRP G 382 -29.08 -15.36 18.90
N SER G 383 -28.21 -16.18 18.30
CA SER G 383 -27.59 -17.35 18.91
C SER G 383 -26.27 -17.62 18.23
N PRO G 384 -25.11 -17.34 18.89
CA PRO G 384 -23.79 -17.64 18.33
C PRO G 384 -23.69 -19.07 17.75
N PRO G 385 -24.13 -20.13 18.47
CA PRO G 385 -24.12 -21.49 17.93
C PRO G 385 -24.53 -21.52 16.46
N LEU G 386 -23.63 -21.95 15.57
CA LEU G 386 -23.93 -22.03 14.12
C LEU G 386 -23.91 -23.50 13.67
N ASP G 387 -24.58 -23.81 12.57
CA ASP G 387 -24.60 -25.17 12.04
C ASP G 387 -23.53 -25.31 10.95
N LYS G 388 -23.58 -26.41 10.21
CA LYS G 388 -22.57 -26.68 9.18
C LYS G 388 -22.66 -25.69 8.03
N MET G 389 -23.86 -25.21 7.70
CA MET G 389 -24.07 -24.36 6.55
C MET G 389 -23.98 -22.86 6.87
N GLY G 390 -23.77 -22.50 8.13
CA GLY G 390 -23.58 -21.12 8.49
C GLY G 390 -24.78 -20.41 9.07
N ASN G 391 -25.76 -21.13 9.60
CA ASN G 391 -26.94 -20.55 10.21
C ASN G 391 -27.02 -20.96 11.68
N SER G 392 -27.59 -20.09 12.50
CA SER G 392 -27.76 -20.41 13.92
C SER G 392 -28.80 -21.51 14.09
N VAL G 393 -28.43 -22.55 14.84
CA VAL G 393 -29.34 -23.66 15.04
C VAL G 393 -30.58 -23.22 15.81
N LYS G 394 -30.39 -22.43 16.87
CA LYS G 394 -31.53 -21.95 17.65
C LYS G 394 -32.43 -21.05 16.81
N GLY G 395 -31.85 -20.18 16.00
CA GLY G 395 -32.65 -19.30 15.16
C GLY G 395 -33.45 -20.06 14.13
N ILE G 396 -32.83 -21.05 13.47
CA ILE G 396 -33.54 -21.85 12.47
C ILE G 396 -34.66 -22.65 13.12
N HIS G 397 -34.38 -23.24 14.29
CA HIS G 397 -35.41 -23.98 15.01
C HIS G 397 -36.56 -23.08 15.40
N PHE G 398 -36.25 -21.86 15.87
CA PHE G 398 -37.30 -20.92 16.24
C PHE G 398 -38.14 -20.54 15.04
N CYS G 399 -37.51 -20.28 13.89
CA CYS G 399 -38.26 -19.93 12.69
C CYS G 399 -39.17 -21.06 12.24
N HIS G 400 -38.66 -22.29 12.25
CA HIS G 400 -39.46 -23.44 11.85
C HIS G 400 -40.65 -23.64 12.79
N ASP G 401 -40.40 -23.55 14.10
CA ASP G 401 -41.49 -23.71 15.06
C ASP G 401 -42.51 -22.59 14.95
N LEU G 402 -42.05 -21.36 14.72
CA LEU G 402 -42.97 -20.24 14.57
C LEU G 402 -43.87 -20.40 13.35
N VAL G 403 -43.28 -20.81 12.21
CA VAL G 403 -44.10 -20.97 11.01
C VAL G 403 -45.01 -22.18 11.15
N SER G 404 -44.61 -23.19 11.93
CA SER G 404 -45.49 -24.33 12.16
C SER G 404 -46.66 -23.95 13.05
N LEU G 405 -46.42 -23.08 14.05
CA LEU G 405 -47.47 -22.73 15.00
C LEU G 405 -48.47 -21.74 14.40
N CYS G 406 -48.00 -20.56 14.02
CA CYS G 406 -48.84 -19.53 13.45
C CYS G 406 -48.81 -19.58 11.93
N ASN G 407 -49.89 -19.12 11.31
CA ASN G 407 -50.00 -19.19 9.85
C ASN G 407 -49.04 -18.20 9.18
N PHE G 408 -49.25 -16.90 9.44
CA PHE G 408 -48.45 -15.81 8.85
C PHE G 408 -48.50 -15.97 7.34
N HIS G 409 -47.37 -15.95 6.63
CA HIS G 409 -47.31 -16.12 5.18
C HIS G 409 -48.17 -15.08 4.46
N PHE H 100 -68.48 -12.59 -1.92
CA PHE H 100 -67.53 -12.70 -3.01
C PHE H 100 -66.26 -11.91 -2.71
N VAL H 101 -65.10 -12.50 -3.05
CA VAL H 101 -63.85 -11.77 -2.87
C VAL H 101 -63.78 -10.58 -3.81
N ILE H 102 -64.45 -10.66 -4.95
CA ILE H 102 -64.56 -9.53 -5.87
C ILE H 102 -66.03 -9.11 -5.89
N PRO H 103 -66.41 -8.03 -5.19
CA PRO H 103 -67.83 -7.69 -5.09
C PRO H 103 -68.42 -7.19 -6.39
N ASP H 104 -67.73 -6.31 -7.11
CA ASP H 104 -68.29 -5.73 -8.32
C ASP H 104 -68.23 -6.70 -9.49
N PHE H 105 -67.04 -7.15 -9.86
CA PHE H 105 -66.82 -8.02 -11.02
C PHE H 105 -67.41 -7.40 -12.29
N MET H 106 -67.44 -6.08 -12.34
CA MET H 106 -67.77 -5.34 -13.55
C MET H 106 -66.66 -4.39 -13.98
N SER H 107 -66.06 -3.68 -13.03
CA SER H 107 -64.88 -2.88 -13.36
C SER H 107 -63.66 -3.77 -13.57
N PHE H 108 -63.58 -4.90 -12.85
CA PHE H 108 -62.45 -5.81 -13.03
C PHE H 108 -62.44 -6.38 -14.44
N THR H 109 -63.60 -6.80 -14.94
CA THR H 109 -63.67 -7.31 -16.30
C THR H 109 -63.36 -6.21 -17.31
N SER H 110 -63.78 -4.98 -17.04
CA SER H 110 -63.46 -3.87 -17.92
C SER H 110 -61.94 -3.66 -18.00
N HIS H 111 -61.27 -3.66 -16.84
CA HIS H 111 -59.82 -3.54 -16.84
C HIS H 111 -59.16 -4.71 -17.56
N ILE H 112 -59.75 -5.90 -17.43
CA ILE H 112 -59.22 -7.07 -18.13
C ILE H 112 -59.31 -6.87 -19.64
N ASP H 113 -60.44 -6.34 -20.12
CA ASP H 113 -60.58 -6.07 -21.55
C ASP H 113 -59.61 -5.00 -22.01
N GLU H 114 -59.41 -3.95 -21.23
CA GLU H 114 -58.43 -2.93 -21.60
C GLU H 114 -57.02 -3.52 -21.69
N LEU H 115 -56.64 -4.35 -20.72
CA LEU H 115 -55.33 -4.99 -20.77
C LEU H 115 -55.21 -5.92 -21.98
N TYR H 116 -56.30 -6.64 -22.30
CA TYR H 116 -56.31 -7.52 -23.45
C TYR H 116 -56.09 -6.74 -24.74
N GLU H 117 -56.81 -5.63 -24.91
CA GLU H 117 -56.63 -4.80 -26.10
C GLU H 117 -55.23 -4.22 -26.16
N SER H 118 -54.69 -3.78 -25.02
CA SER H 118 -53.34 -3.23 -25.01
C SER H 118 -52.31 -4.28 -25.41
N ALA H 119 -52.47 -5.51 -24.93
CA ALA H 119 -51.53 -6.57 -25.25
C ALA H 119 -51.72 -7.10 -26.67
N LYS H 120 -52.90 -6.93 -27.27
CA LYS H 120 -53.14 -7.46 -28.61
C LYS H 120 -52.30 -6.79 -29.68
N LYS H 121 -51.74 -5.61 -29.39
CA LYS H 121 -50.96 -4.87 -30.39
C LYS H 121 -49.54 -5.41 -30.53
N GLN H 122 -49.12 -6.36 -29.71
CA GLN H 122 -47.77 -6.92 -29.84
C GLN H 122 -47.63 -7.71 -31.13
N SER H 123 -46.43 -7.67 -31.69
CA SER H 123 -46.17 -8.35 -32.96
C SER H 123 -46.11 -9.86 -32.78
N GLY H 124 -45.15 -10.34 -31.98
CA GLY H 124 -45.02 -11.76 -31.75
C GLY H 124 -43.62 -12.29 -31.97
N GLY H 125 -43.50 -13.55 -32.39
CA GLY H 125 -42.21 -14.14 -32.62
C GLY H 125 -42.35 -15.55 -33.13
N LYS H 126 -41.20 -16.21 -33.28
CA LYS H 126 -41.19 -17.59 -33.75
C LYS H 126 -41.92 -18.49 -32.76
N VAL H 127 -42.69 -19.46 -33.29
CA VAL H 127 -43.50 -20.32 -32.44
C VAL H 127 -42.79 -21.63 -32.18
N ALA H 128 -42.56 -22.42 -33.23
CA ALA H 128 -41.83 -23.67 -33.09
C ALA H 128 -40.58 -23.71 -33.97
N ASP H 129 -40.73 -23.49 -35.28
CA ASP H 129 -39.66 -23.49 -36.26
C ASP H 129 -38.88 -24.81 -36.30
N TYR H 130 -39.41 -25.88 -35.69
CA TYR H 130 -38.73 -27.17 -35.74
C TYR H 130 -39.69 -28.30 -36.10
N ILE H 131 -40.97 -28.12 -35.80
CA ILE H 131 -41.99 -29.10 -36.20
C ILE H 131 -43.17 -28.39 -36.84
N PRO H 132 -43.86 -29.00 -37.80
CA PRO H 132 -45.05 -28.36 -38.38
C PRO H 132 -46.30 -28.47 -37.52
N GLN H 133 -46.31 -29.37 -36.53
CA GLN H 133 -47.50 -29.55 -35.71
C GLN H 133 -47.80 -28.30 -34.87
N LEU H 134 -46.76 -27.71 -34.27
CA LEU H 134 -46.94 -26.49 -33.50
C LEU H 134 -46.76 -25.23 -34.35
N ALA H 135 -46.34 -25.37 -35.61
CA ALA H 135 -46.16 -24.23 -36.50
C ALA H 135 -47.40 -23.93 -37.34
N LYS H 136 -48.45 -24.75 -37.23
CA LYS H 136 -49.67 -24.51 -37.99
C LYS H 136 -50.59 -23.48 -37.34
N PHE H 137 -50.34 -23.11 -36.09
CA PHE H 137 -51.18 -22.14 -35.41
C PHE H 137 -50.85 -20.73 -35.89
N SER H 138 -51.87 -19.98 -36.27
CA SER H 138 -51.66 -18.62 -36.75
C SER H 138 -51.30 -17.71 -35.58
N PRO H 139 -50.38 -16.76 -35.79
CA PRO H 139 -49.94 -15.91 -34.67
C PRO H 139 -51.02 -15.01 -34.10
N ASP H 140 -52.10 -14.75 -34.84
CA ASP H 140 -53.11 -13.79 -34.38
C ASP H 140 -53.95 -14.33 -33.23
N LEU H 141 -53.85 -15.62 -32.90
CA LEU H 141 -54.62 -16.18 -31.81
C LEU H 141 -54.14 -15.62 -30.48
N TRP H 142 -55.07 -15.18 -29.64
CA TRP H 142 -54.73 -14.58 -28.36
C TRP H 142 -55.98 -14.56 -27.50
N GLY H 143 -55.93 -15.22 -26.35
CA GLY H 143 -57.10 -15.33 -25.50
C GLY H 143 -56.72 -15.30 -24.03
N VAL H 144 -57.65 -14.80 -23.21
CA VAL H 144 -57.43 -14.66 -21.77
C VAL H 144 -58.70 -15.11 -21.06
N SER H 145 -58.54 -16.02 -20.09
CA SER H 145 -59.66 -16.49 -19.28
C SER H 145 -59.33 -16.36 -17.81
N VAL H 146 -60.33 -15.92 -17.03
CA VAL H 146 -60.18 -15.62 -15.61
C VAL H 146 -61.27 -16.37 -14.86
N CYS H 147 -60.89 -17.05 -13.78
CA CYS H 147 -61.85 -17.71 -12.91
C CYS H 147 -61.48 -17.41 -11.46
N THR H 148 -62.40 -16.79 -10.73
CA THR H 148 -62.15 -16.46 -9.34
C THR H 148 -62.44 -17.67 -8.46
N VAL H 149 -62.22 -17.50 -7.15
CA VAL H 149 -62.47 -18.58 -6.19
C VAL H 149 -63.93 -18.70 -5.80
N ASP H 150 -64.79 -17.81 -6.31
CA ASP H 150 -66.21 -17.84 -6.05
C ASP H 150 -67.02 -18.43 -7.20
N GLY H 151 -66.34 -18.96 -8.22
CA GLY H 151 -67.02 -19.46 -9.40
C GLY H 151 -67.32 -18.42 -10.45
N GLN H 152 -66.82 -17.20 -10.30
CA GLN H 152 -67.04 -16.15 -11.29
C GLN H 152 -66.08 -16.34 -12.45
N ARG H 153 -66.62 -16.38 -13.67
CA ARG H 153 -65.84 -16.67 -14.86
C ARG H 153 -65.95 -15.52 -15.85
N HIS H 154 -64.85 -15.27 -16.57
CA HIS H 154 -64.88 -14.27 -17.64
C HIS H 154 -63.75 -14.56 -18.61
N SER H 155 -64.08 -14.71 -19.89
CA SER H 155 -63.09 -15.03 -20.89
C SER H 155 -63.29 -14.17 -22.13
N ILE H 156 -62.19 -13.73 -22.73
CA ILE H 156 -62.22 -12.90 -23.93
C ILE H 156 -61.14 -13.38 -24.90
N GLY H 157 -61.51 -13.47 -26.17
CA GLY H 157 -60.61 -13.96 -27.19
C GLY H 157 -61.06 -15.30 -27.74
N ASP H 158 -60.10 -16.15 -28.11
CA ASP H 158 -60.39 -17.51 -28.57
C ASP H 158 -60.15 -18.46 -27.40
N THR H 159 -61.10 -18.46 -26.47
CA THR H 159 -61.00 -19.27 -25.26
C THR H 159 -61.60 -20.65 -25.40
N LYS H 160 -62.06 -21.02 -26.60
CA LYS H 160 -62.58 -22.36 -26.86
C LYS H 160 -61.75 -23.12 -27.87
N VAL H 161 -60.49 -22.74 -28.05
CA VAL H 161 -59.59 -23.40 -28.99
C VAL H 161 -58.64 -24.28 -28.19
N PRO H 162 -58.73 -25.60 -28.29
CA PRO H 162 -57.87 -26.48 -27.49
C PRO H 162 -56.40 -26.32 -27.84
N PHE H 163 -55.55 -26.48 -26.84
CA PHE H 163 -54.10 -26.45 -27.02
C PHE H 163 -53.47 -27.35 -25.96
N CYS H 164 -52.28 -27.86 -26.28
CA CYS H 164 -51.62 -28.83 -25.42
C CYS H 164 -50.98 -28.16 -24.20
N LEU H 165 -51.00 -28.88 -23.08
CA LEU H 165 -50.32 -28.45 -21.86
C LEU H 165 -48.92 -29.04 -21.89
N GLN H 166 -47.96 -28.26 -22.39
CA GLN H 166 -46.60 -28.75 -22.55
C GLN H 166 -45.84 -28.74 -21.23
N SER H 167 -45.62 -27.55 -20.66
CA SER H 167 -44.91 -27.41 -19.40
C SER H 167 -45.82 -26.97 -18.26
N CYS H 168 -47.10 -26.76 -18.53
CA CYS H 168 -48.05 -26.38 -17.49
C CYS H 168 -48.58 -27.58 -16.73
N VAL H 169 -48.17 -28.79 -17.09
CA VAL H 169 -48.62 -29.99 -16.41
C VAL H 169 -47.68 -30.42 -15.29
N LYS H 170 -46.47 -29.86 -15.23
CA LYS H 170 -45.53 -30.23 -14.17
C LYS H 170 -46.06 -29.88 -12.78
N PRO H 171 -46.58 -28.67 -12.51
CA PRO H 171 -47.18 -28.43 -11.18
C PRO H 171 -48.33 -29.38 -10.87
N LEU H 172 -49.14 -29.70 -11.88
CA LEU H 172 -50.27 -30.60 -11.65
C LEU H 172 -49.81 -32.01 -11.30
N LYS H 173 -48.83 -32.53 -12.05
CA LYS H 173 -48.33 -33.87 -11.75
C LYS H 173 -47.62 -33.91 -10.40
N TYR H 174 -46.91 -32.83 -10.05
CA TYR H 174 -46.27 -32.78 -8.74
C TYR H 174 -47.31 -32.76 -7.63
N ALA H 175 -48.38 -31.99 -7.81
CA ALA H 175 -49.45 -31.95 -6.83
C ALA H 175 -50.11 -33.32 -6.68
N ILE H 176 -50.36 -34.00 -7.81
CA ILE H 176 -50.95 -35.34 -7.76
C ILE H 176 -50.04 -36.30 -7.00
N ALA H 177 -48.74 -36.26 -7.31
CA ALA H 177 -47.79 -37.15 -6.65
C ALA H 177 -47.72 -36.88 -5.15
N VAL H 178 -47.69 -35.61 -4.76
CA VAL H 178 -47.63 -35.26 -3.34
C VAL H 178 -48.90 -35.70 -2.63
N ASN H 179 -50.06 -35.46 -3.24
CA ASN H 179 -51.32 -35.85 -2.62
C ASN H 179 -51.42 -37.35 -2.46
N ASP H 180 -50.97 -38.11 -3.46
CA ASP H 180 -51.09 -39.56 -3.39
C ASP H 180 -50.07 -40.17 -2.44
N LEU H 181 -48.85 -39.64 -2.42
CA LEU H 181 -47.73 -40.27 -1.73
C LEU H 181 -47.38 -39.58 -0.41
N GLY H 182 -47.10 -38.28 -0.46
CA GLY H 182 -46.69 -37.55 0.73
C GLY H 182 -45.44 -36.72 0.44
N THR H 183 -45.32 -35.59 1.14
CA THR H 183 -44.21 -34.68 0.87
C THR H 183 -42.87 -35.31 1.19
N GLU H 184 -42.78 -36.01 2.34
CA GLU H 184 -41.50 -36.58 2.75
C GLU H 184 -41.04 -37.70 1.82
N TYR H 185 -41.98 -38.40 1.19
CA TYR H 185 -41.61 -39.45 0.25
C TYR H 185 -41.35 -38.90 -1.14
N VAL H 186 -42.11 -37.87 -1.55
CA VAL H 186 -41.90 -37.27 -2.86
C VAL H 186 -40.56 -36.57 -2.92
N HIS H 187 -40.21 -35.81 -1.88
CA HIS H 187 -38.95 -35.08 -1.88
C HIS H 187 -37.75 -35.92 -1.48
N ARG H 188 -37.96 -37.21 -1.19
CA ARG H 188 -36.84 -38.11 -0.98
C ARG H 188 -36.05 -38.35 -2.25
N TYR H 189 -36.66 -38.14 -3.42
CA TYR H 189 -36.02 -38.39 -4.70
C TYR H 189 -35.68 -37.13 -5.49
N VAL H 190 -36.35 -36.01 -5.21
CA VAL H 190 -36.08 -34.75 -5.89
C VAL H 190 -35.86 -33.67 -4.85
N GLY H 191 -35.12 -32.63 -5.23
CA GLY H 191 -34.84 -31.52 -4.36
C GLY H 191 -35.93 -30.47 -4.41
N LYS H 192 -35.61 -29.30 -3.83
CA LYS H 192 -36.55 -28.18 -3.84
C LYS H 192 -35.86 -26.85 -4.10
N GLU H 193 -34.62 -26.87 -4.59
CA GLU H 193 -33.84 -25.67 -4.85
C GLU H 193 -33.74 -25.41 -6.34
N PRO H 194 -33.81 -24.14 -6.76
CA PRO H 194 -33.58 -23.82 -8.18
C PRO H 194 -32.15 -24.17 -8.58
N SER H 195 -32.01 -24.70 -9.80
CA SER H 195 -30.70 -25.10 -10.28
C SER H 195 -29.84 -23.90 -10.68
N GLY H 196 -30.47 -22.82 -11.13
CA GLY H 196 -29.74 -21.66 -11.61
C GLY H 196 -29.27 -21.75 -13.04
N LEU H 197 -29.57 -22.84 -13.73
CA LEU H 197 -29.15 -23.03 -15.12
C LEU H 197 -30.34 -23.35 -16.01
N ARG H 198 -30.08 -23.74 -17.25
CA ARG H 198 -31.16 -24.04 -18.19
C ARG H 198 -31.95 -25.25 -17.73
N PHE H 199 -33.21 -25.30 -18.16
CA PHE H 199 -34.14 -26.32 -17.68
C PHE H 199 -33.81 -27.71 -18.19
N ASN H 200 -32.97 -27.83 -19.22
CA ASN H 200 -32.64 -29.12 -19.82
C ASN H 200 -31.15 -29.41 -19.75
N LYS H 201 -30.54 -29.14 -18.60
CA LYS H 201 -29.11 -29.40 -18.40
C LYS H 201 -28.93 -30.75 -17.71
N LEU H 202 -27.86 -31.44 -18.09
CA LEU H 202 -27.59 -32.80 -17.61
C LEU H 202 -26.63 -32.73 -16.41
N PHE H 203 -27.19 -32.39 -15.26
CA PHE H 203 -26.42 -32.39 -14.02
C PHE H 203 -27.37 -32.44 -12.84
N LEU H 204 -26.86 -32.93 -11.72
CA LEU H 204 -27.63 -33.09 -10.49
C LEU H 204 -26.94 -32.33 -9.36
N ASN H 205 -27.63 -32.24 -8.22
CA ASN H 205 -27.12 -31.48 -7.09
C ASN H 205 -26.08 -32.30 -6.33
N GLU H 206 -25.71 -31.83 -5.13
CA GLU H 206 -24.68 -32.50 -4.35
C GLU H 206 -25.14 -33.85 -3.81
N ASP H 207 -26.45 -34.12 -3.79
CA ASP H 207 -26.99 -35.38 -3.34
C ASP H 207 -27.33 -36.32 -4.49
N ASP H 208 -26.90 -35.99 -5.71
CA ASP H 208 -27.19 -36.80 -6.91
C ASP H 208 -28.69 -36.98 -7.10
N LYS H 209 -29.45 -35.89 -6.94
CA LYS H 209 -30.88 -35.84 -7.14
C LYS H 209 -31.22 -34.66 -8.03
N PRO H 210 -32.34 -34.72 -8.74
CA PRO H 210 -32.78 -33.55 -9.50
C PRO H 210 -33.01 -32.35 -8.59
N HIS H 211 -32.68 -31.16 -9.10
CA HIS H 211 -32.71 -29.97 -8.27
C HIS H 211 -34.13 -29.64 -7.81
N ASN H 212 -35.12 -29.78 -8.68
CA ASN H 212 -36.49 -29.46 -8.33
C ASN H 212 -37.41 -30.21 -9.29
N PRO H 213 -38.69 -30.37 -8.94
CA PRO H 213 -39.62 -31.06 -9.84
C PRO H 213 -39.97 -30.27 -11.10
N MET H 214 -39.50 -29.03 -11.25
CA MET H 214 -39.84 -28.23 -12.43
C MET H 214 -38.90 -28.47 -13.60
N VAL H 215 -37.66 -28.90 -13.34
CA VAL H 215 -36.72 -29.20 -14.42
C VAL H 215 -37.12 -30.53 -15.06
N ASN H 216 -36.52 -30.84 -16.20
CA ASN H 216 -36.90 -32.05 -16.93
C ASN H 216 -36.61 -33.31 -16.13
N ALA H 217 -35.44 -33.38 -15.49
CA ALA H 217 -35.11 -34.56 -14.68
C ALA H 217 -36.07 -34.71 -13.51
N GLY H 218 -36.38 -33.61 -12.83
CA GLY H 218 -37.34 -33.67 -11.74
C GLY H 218 -38.71 -34.11 -12.21
N ALA H 219 -39.15 -33.61 -13.38
CA ALA H 219 -40.44 -34.02 -13.91
C ALA H 219 -40.45 -35.52 -14.25
N ILE H 220 -39.36 -36.02 -14.82
CA ILE H 220 -39.28 -37.44 -15.14
C ILE H 220 -39.35 -38.28 -13.87
N VAL H 221 -38.61 -37.89 -12.83
CA VAL H 221 -38.65 -38.63 -11.58
C VAL H 221 -40.05 -38.59 -10.96
N VAL H 222 -40.69 -37.42 -11.00
CA VAL H 222 -42.04 -37.29 -10.43
C VAL H 222 -43.02 -38.19 -11.18
N THR H 223 -42.93 -38.23 -12.51
CA THR H 223 -43.77 -39.14 -13.28
C THR H 223 -43.49 -40.59 -12.90
N SER H 224 -42.23 -40.90 -12.61
CA SER H 224 -41.89 -42.25 -12.16
C SER H 224 -42.52 -42.57 -10.81
N LEU H 225 -42.65 -41.57 -9.94
CA LEU H 225 -43.16 -41.81 -8.60
C LEU H 225 -44.62 -42.23 -8.57
N ILE H 226 -45.39 -41.95 -9.62
CA ILE H 226 -46.83 -42.16 -9.61
C ILE H 226 -47.15 -43.60 -9.98
N LYS H 227 -47.78 -44.32 -9.04
CA LYS H 227 -48.34 -45.65 -9.28
C LYS H 227 -47.26 -46.63 -9.78
N GLN H 228 -46.31 -46.89 -8.89
CA GLN H 228 -45.24 -47.82 -9.22
C GLN H 228 -45.79 -49.21 -9.51
N GLY H 229 -45.25 -49.84 -10.55
CA GLY H 229 -45.64 -51.20 -10.91
C GLY H 229 -47.07 -51.34 -11.40
N VAL H 230 -47.54 -50.41 -12.23
CA VAL H 230 -48.89 -50.44 -12.77
C VAL H 230 -48.80 -50.15 -14.27
N ASN H 231 -49.77 -50.67 -15.02
CA ASN H 231 -49.80 -50.46 -16.46
C ASN H 231 -49.99 -48.98 -16.77
N ASN H 232 -49.45 -48.55 -17.93
CA ASN H 232 -49.52 -47.15 -18.31
C ASN H 232 -50.95 -46.69 -18.59
N ALA H 233 -51.81 -47.60 -19.07
CA ALA H 233 -53.19 -47.23 -19.34
C ALA H 233 -53.90 -46.82 -18.06
N GLU H 234 -53.70 -47.57 -16.97
CA GLU H 234 -54.32 -47.22 -15.70
C GLU H 234 -53.78 -45.90 -15.17
N LYS H 235 -52.47 -45.67 -15.31
CA LYS H 235 -51.91 -44.39 -14.88
C LYS H 235 -52.53 -43.22 -15.65
N PHE H 236 -52.66 -43.38 -16.97
CA PHE H 236 -53.23 -42.31 -17.78
C PHE H 236 -54.70 -42.08 -17.42
N ASP H 237 -55.45 -43.17 -17.19
CA ASP H 237 -56.85 -43.01 -16.79
C ASP H 237 -56.97 -42.28 -15.46
N TYR H 238 -56.10 -42.63 -14.50
CA TYR H 238 -56.13 -41.98 -13.20
C TYR H 238 -55.80 -40.49 -13.33
N VAL H 239 -54.77 -40.17 -14.11
CA VAL H 239 -54.39 -38.77 -14.28
C VAL H 239 -55.50 -38.00 -14.99
N MET H 240 -56.11 -38.59 -16.01
CA MET H 240 -57.18 -37.92 -16.74
C MET H 240 -58.39 -37.68 -15.85
N GLN H 241 -58.77 -38.66 -15.02
CA GLN H 241 -59.91 -38.45 -14.14
C GLN H 241 -59.59 -37.42 -13.07
N PHE H 242 -58.35 -37.39 -12.58
CA PHE H 242 -57.95 -36.37 -11.62
C PHE H 242 -58.01 -34.98 -12.24
N LEU H 243 -57.56 -34.84 -13.49
CA LEU H 243 -57.63 -33.55 -14.16
C LEU H 243 -59.07 -33.13 -14.43
N ASN H 244 -59.93 -34.09 -14.80
CA ASN H 244 -61.33 -33.78 -15.01
C ASN H 244 -61.98 -33.30 -13.71
N LYS H 245 -61.68 -33.97 -12.59
CA LYS H 245 -62.23 -33.55 -11.31
C LYS H 245 -61.70 -32.18 -10.89
N MET H 246 -60.41 -31.94 -11.14
CA MET H 246 -59.80 -30.67 -10.75
C MET H 246 -60.34 -29.52 -11.60
N ALA H 247 -60.64 -29.77 -12.87
CA ALA H 247 -61.12 -28.74 -13.78
C ALA H 247 -62.63 -28.57 -13.73
N GLY H 248 -63.32 -29.27 -12.83
CA GLY H 248 -64.76 -29.19 -12.75
C GLY H 248 -65.49 -29.79 -13.94
N ASN H 249 -65.01 -30.93 -14.43
CA ASN H 249 -65.64 -31.65 -15.54
C ASN H 249 -65.74 -30.78 -16.80
N GLU H 250 -64.68 -30.02 -17.07
CA GLU H 250 -64.58 -29.24 -18.29
C GLU H 250 -63.90 -30.07 -19.37
N TYR H 251 -63.52 -29.44 -20.48
CA TYR H 251 -62.95 -30.14 -21.62
C TYR H 251 -61.48 -30.42 -21.36
N VAL H 252 -61.13 -31.70 -21.25
CA VAL H 252 -59.74 -32.15 -21.16
C VAL H 252 -59.59 -33.34 -22.09
N GLY H 253 -58.76 -33.19 -23.12
CA GLY H 253 -58.63 -34.25 -24.11
C GLY H 253 -57.20 -34.61 -24.45
N PHE H 254 -57.03 -35.47 -25.45
CA PHE H 254 -55.72 -35.95 -25.88
C PHE H 254 -55.45 -35.53 -27.32
N SER H 255 -54.17 -35.28 -27.61
CA SER H 255 -53.72 -34.91 -28.94
C SER H 255 -52.76 -35.97 -29.44
N ASN H 256 -53.27 -36.92 -30.22
CA ASN H 256 -52.44 -38.04 -30.68
C ASN H 256 -51.32 -37.56 -31.59
N ALA H 257 -51.61 -36.61 -32.48
CA ALA H 257 -50.57 -36.12 -33.39
C ALA H 257 -49.43 -35.47 -32.63
N THR H 258 -49.75 -34.65 -31.63
CA THR H 258 -48.71 -34.02 -30.83
C THR H 258 -47.88 -35.05 -30.08
N PHE H 259 -48.53 -36.06 -29.50
CA PHE H 259 -47.80 -37.10 -28.78
C PHE H 259 -46.87 -37.87 -29.71
N GLN H 260 -47.36 -38.21 -30.90
CA GLN H 260 -46.51 -38.92 -31.86
C GLN H 260 -45.33 -38.07 -32.30
N SER H 261 -45.57 -36.76 -32.51
CA SER H 261 -44.48 -35.89 -32.93
C SER H 261 -43.44 -35.71 -31.83
N GLU H 262 -43.88 -35.64 -30.57
CA GLU H 262 -42.94 -35.44 -29.47
C GLU H 262 -42.16 -36.70 -29.16
N ARG H 263 -42.81 -37.87 -29.24
CA ARG H 263 -42.15 -39.10 -28.85
C ARG H 263 -41.03 -39.51 -29.80
N GLU H 264 -40.94 -38.90 -30.99
CA GLU H 264 -39.91 -39.23 -31.95
C GLU H 264 -38.99 -38.06 -32.25
N SER H 265 -38.98 -37.03 -31.40
CA SER H 265 -38.13 -35.87 -31.62
C SER H 265 -37.34 -35.49 -30.37
N GLY H 266 -37.86 -35.85 -29.20
CA GLY H 266 -37.24 -35.45 -27.96
C GLY H 266 -36.19 -36.42 -27.44
N ASP H 267 -35.03 -36.46 -28.09
CA ASP H 267 -33.95 -37.32 -27.64
C ASP H 267 -33.21 -36.75 -26.43
N ARG H 268 -33.35 -35.46 -26.16
CA ARG H 268 -32.77 -34.89 -24.94
C ARG H 268 -33.41 -35.52 -23.71
N ASN H 269 -34.71 -35.75 -23.74
CA ASN H 269 -35.38 -36.42 -22.63
C ASN H 269 -34.88 -37.85 -22.48
N PHE H 270 -34.60 -38.53 -23.59
CA PHE H 270 -34.05 -39.88 -23.50
C PHE H 270 -32.66 -39.86 -22.87
N ALA H 271 -31.83 -38.88 -23.25
CA ALA H 271 -30.52 -38.75 -22.63
C ALA H 271 -30.64 -38.49 -21.13
N ILE H 272 -31.57 -37.61 -20.75
CA ILE H 272 -31.77 -37.31 -19.33
C ILE H 272 -32.25 -38.55 -18.58
N GLY H 273 -33.16 -39.32 -19.19
CA GLY H 273 -33.64 -40.53 -18.55
C GLY H 273 -32.55 -41.57 -18.36
N TYR H 274 -31.72 -41.77 -19.38
CA TYR H 274 -30.62 -42.71 -19.24
C TYR H 274 -29.60 -42.23 -18.21
N TYR H 275 -29.33 -40.93 -18.17
CA TYR H 275 -28.44 -40.38 -17.15
C TYR H 275 -28.98 -40.61 -15.75
N LEU H 276 -30.29 -40.41 -15.57
CA LEU H 276 -30.91 -40.66 -14.27
C LEU H 276 -30.84 -42.13 -13.91
N LYS H 277 -31.06 -43.02 -14.89
CA LYS H 277 -30.98 -44.44 -14.62
C LYS H 277 -29.57 -44.86 -14.23
N GLU H 278 -28.55 -44.21 -14.80
CA GLU H 278 -27.18 -44.52 -14.43
C GLU H 278 -26.90 -44.20 -12.97
N LYS H 279 -27.41 -43.07 -12.49
CA LYS H 279 -27.19 -42.65 -11.11
C LYS H 279 -28.16 -43.30 -10.12
N LYS H 280 -29.08 -44.13 -10.61
CA LYS H 280 -30.06 -44.82 -9.77
C LYS H 280 -30.93 -43.83 -9.01
N CYS H 281 -31.45 -42.84 -9.73
CA CYS H 281 -32.34 -41.84 -9.15
C CYS H 281 -33.81 -42.27 -9.18
N PHE H 282 -34.12 -43.37 -9.87
CA PHE H 282 -35.48 -43.89 -9.98
C PHE H 282 -35.81 -44.81 -8.82
N PRO H 283 -37.10 -44.95 -8.49
CA PRO H 283 -37.49 -45.92 -7.49
C PRO H 283 -37.22 -47.35 -7.96
N GLU H 284 -37.15 -48.26 -6.98
CA GLU H 284 -36.88 -49.65 -7.30
C GLU H 284 -38.03 -50.26 -8.09
N GLY H 285 -37.69 -50.99 -9.15
CA GLY H 285 -38.68 -51.67 -9.95
C GLY H 285 -39.46 -50.78 -10.90
N THR H 286 -38.76 -50.00 -11.71
CA THR H 286 -39.38 -49.13 -12.71
C THR H 286 -38.66 -49.31 -14.05
N ASP H 287 -39.40 -49.07 -15.13
CA ASP H 287 -38.88 -49.16 -16.49
C ASP H 287 -38.73 -47.75 -17.04
N MET H 288 -37.51 -47.38 -17.42
CA MET H 288 -37.24 -46.02 -17.88
C MET H 288 -37.98 -45.69 -19.17
N VAL H 289 -38.03 -46.64 -20.11
CA VAL H 289 -38.70 -46.38 -21.38
C VAL H 289 -40.19 -46.14 -21.18
N GLY H 290 -40.83 -46.95 -20.34
CA GLY H 290 -42.23 -46.74 -20.05
C GLY H 290 -42.47 -45.42 -19.34
N ILE H 291 -41.55 -45.03 -18.45
CA ILE H 291 -41.67 -43.75 -17.76
C ILE H 291 -41.61 -42.60 -18.76
N LEU H 292 -40.68 -42.66 -19.71
CA LEU H 292 -40.61 -41.59 -20.71
C LEU H 292 -41.82 -41.58 -21.62
N ASP H 293 -42.36 -42.77 -21.96
CA ASP H 293 -43.58 -42.81 -22.76
C ASP H 293 -44.74 -42.18 -22.02
N PHE H 294 -44.87 -42.46 -20.72
CA PHE H 294 -45.92 -41.85 -19.92
C PHE H 294 -45.73 -40.35 -19.79
N TYR H 295 -44.48 -39.90 -19.67
CA TYR H 295 -44.20 -38.46 -19.62
C TYR H 295 -44.61 -37.77 -20.92
N PHE H 296 -44.29 -38.39 -22.06
CA PHE H 296 -44.69 -37.83 -23.35
C PHE H 296 -46.20 -37.81 -23.49
N GLN H 297 -46.88 -38.85 -22.99
CA GLN H 297 -48.33 -38.87 -23.02
C GLN H 297 -48.91 -37.74 -22.16
N LEU H 298 -48.34 -37.51 -20.98
CA LEU H 298 -48.83 -36.45 -20.11
C LEU H 298 -48.62 -35.08 -20.74
N CYS H 299 -47.48 -34.86 -21.38
CA CYS H 299 -47.19 -33.57 -21.98
C CYS H 299 -48.11 -33.24 -23.14
N SER H 300 -48.80 -34.24 -23.71
CA SER H 300 -49.65 -34.04 -24.87
C SER H 300 -51.12 -33.82 -24.52
N ILE H 301 -51.46 -33.76 -23.23
CA ILE H 301 -52.84 -33.50 -22.83
C ILE H 301 -53.21 -32.07 -23.22
N GLU H 302 -54.37 -31.91 -23.84
CA GLU H 302 -54.83 -30.61 -24.29
C GLU H 302 -56.06 -30.16 -23.51
N VAL H 303 -56.14 -28.85 -23.28
CA VAL H 303 -57.25 -28.22 -22.60
C VAL H 303 -57.60 -26.93 -23.33
N THR H 304 -58.66 -26.27 -22.87
CA THR H 304 -59.02 -24.94 -23.35
C THR H 304 -58.58 -23.90 -22.32
N CYS H 305 -58.71 -22.63 -22.70
CA CYS H 305 -58.33 -21.56 -21.79
C CYS H 305 -59.27 -21.50 -20.59
N GLU H 306 -60.57 -21.74 -20.80
CA GLU H 306 -61.52 -21.74 -19.69
C GLU H 306 -61.23 -22.88 -18.71
N SER H 307 -60.98 -24.08 -19.24
CA SER H 307 -60.68 -25.21 -18.37
C SER H 307 -59.39 -25.01 -17.60
N ALA H 308 -58.37 -24.43 -18.26
CA ALA H 308 -57.12 -24.15 -17.57
C ALA H 308 -57.30 -23.06 -16.52
N SER H 309 -58.16 -22.08 -16.79
CA SER H 309 -58.45 -21.06 -15.79
C SER H 309 -59.11 -21.67 -14.56
N VAL H 310 -60.06 -22.59 -14.77
CA VAL H 310 -60.68 -23.28 -13.64
C VAL H 310 -59.66 -24.13 -12.91
N MET H 311 -58.74 -24.76 -13.66
CA MET H 311 -57.70 -25.58 -13.04
C MET H 311 -56.80 -24.75 -12.15
N ALA H 312 -56.42 -23.55 -12.60
CA ALA H 312 -55.61 -22.66 -11.77
C ALA H 312 -56.39 -22.12 -10.59
N ALA H 313 -57.68 -21.83 -10.78
CA ALA H 313 -58.51 -21.35 -9.68
C ALA H 313 -58.68 -22.42 -8.61
N THR H 314 -58.64 -23.69 -8.99
CA THR H 314 -58.69 -24.75 -7.99
C THR H 314 -57.49 -24.68 -7.06
N LEU H 315 -56.29 -24.45 -7.61
CA LEU H 315 -55.11 -24.28 -6.77
C LEU H 315 -55.18 -22.99 -5.98
N ALA H 316 -55.75 -21.94 -6.56
CA ALA H 316 -55.90 -20.68 -5.84
C ALA H 316 -56.79 -20.83 -4.62
N ASN H 317 -57.89 -21.58 -4.77
CA ASN H 317 -58.84 -21.75 -3.67
C ASN H 317 -58.29 -22.60 -2.53
N GLY H 318 -57.31 -23.46 -2.81
CA GLY H 318 -56.72 -24.26 -1.77
C GLY H 318 -57.16 -25.71 -1.81
N GLY H 319 -57.28 -26.27 -3.01
CA GLY H 319 -57.68 -27.65 -3.18
C GLY H 319 -59.17 -27.89 -3.33
N PHE H 320 -59.99 -26.86 -3.16
CA PHE H 320 -61.44 -26.98 -3.33
C PHE H 320 -61.83 -26.37 -4.66
N CYS H 321 -62.52 -27.15 -5.49
CA CYS H 321 -62.90 -26.68 -6.81
C CYS H 321 -63.88 -25.52 -6.69
N PRO H 322 -63.62 -24.39 -7.37
CA PRO H 322 -64.55 -23.25 -7.24
C PRO H 322 -65.93 -23.51 -7.81
N ILE H 323 -66.10 -24.52 -8.67
CA ILE H 323 -67.38 -24.77 -9.30
C ILE H 323 -68.14 -25.83 -8.52
N THR H 324 -67.58 -27.04 -8.43
CA THR H 324 -68.26 -28.13 -7.75
C THR H 324 -68.19 -28.01 -6.24
N GLY H 325 -67.09 -27.45 -5.70
CA GLY H 325 -66.92 -27.34 -4.27
C GLY H 325 -66.36 -28.57 -3.60
N GLU H 326 -65.98 -29.59 -4.37
CA GLU H 326 -65.46 -30.83 -3.80
C GLU H 326 -63.96 -30.74 -3.58
N ARG H 327 -63.50 -31.34 -2.48
CA ARG H 327 -62.08 -31.33 -2.15
C ARG H 327 -61.34 -32.30 -3.08
N VAL H 328 -60.39 -31.76 -3.85
CA VAL H 328 -59.64 -32.57 -4.80
C VAL H 328 -58.18 -32.72 -4.39
N LEU H 329 -57.61 -31.80 -3.62
CA LEU H 329 -56.22 -31.86 -3.22
C LEU H 329 -56.10 -31.50 -1.75
N SER H 330 -55.06 -32.02 -1.11
CA SER H 330 -54.76 -31.67 0.27
C SER H 330 -54.12 -30.29 0.34
N PRO H 331 -54.32 -29.56 1.43
CA PRO H 331 -53.71 -28.22 1.55
C PRO H 331 -52.19 -28.25 1.44
N GLU H 332 -51.54 -29.27 1.97
CA GLU H 332 -50.08 -29.35 1.88
C GLU H 332 -49.63 -29.49 0.44
N ALA H 333 -50.36 -30.26 -0.37
CA ALA H 333 -50.00 -30.45 -1.77
C ALA H 333 -50.05 -29.13 -2.54
N VAL H 334 -51.15 -28.38 -2.38
CA VAL H 334 -51.27 -27.11 -3.09
C VAL H 334 -50.27 -26.10 -2.56
N ARG H 335 -49.99 -26.12 -1.25
CA ARG H 335 -48.99 -25.19 -0.71
C ARG H 335 -47.61 -25.47 -1.27
N ASN H 336 -47.21 -26.74 -1.33
CA ASN H 336 -45.91 -27.09 -1.91
C ASN H 336 -45.87 -26.74 -3.39
N THR H 337 -46.97 -26.98 -4.11
CA THR H 337 -47.02 -26.64 -5.53
C THR H 337 -46.84 -25.15 -5.76
N LEU H 338 -47.53 -24.33 -4.96
CA LEU H 338 -47.41 -22.88 -5.10
C LEU H 338 -45.99 -22.42 -4.75
N SER H 339 -45.39 -23.01 -3.70
CA SER H 339 -44.04 -22.64 -3.34
C SER H 339 -43.06 -22.97 -4.45
N LEU H 340 -43.18 -24.16 -5.04
CA LEU H 340 -42.29 -24.55 -6.14
C LEU H 340 -42.49 -23.66 -7.35
N MET H 341 -43.75 -23.32 -7.67
CA MET H 341 -44.02 -22.47 -8.82
C MET H 341 -43.45 -21.07 -8.61
N HIS H 342 -43.55 -20.55 -7.39
CA HIS H 342 -42.99 -19.23 -7.10
C HIS H 342 -41.47 -19.26 -7.14
N SER H 343 -40.87 -20.37 -6.68
CA SER H 343 -39.41 -20.43 -6.62
C SER H 343 -38.80 -20.60 -8.02
N CYS H 344 -39.24 -21.62 -8.75
CA CYS H 344 -38.63 -21.96 -10.03
C CYS H 344 -39.68 -22.27 -11.09
N GLY H 345 -40.72 -21.43 -11.16
CA GLY H 345 -41.73 -21.62 -12.18
C GLY H 345 -41.21 -21.35 -13.58
N MET H 346 -40.45 -20.28 -13.75
CA MET H 346 -39.92 -19.88 -15.05
C MET H 346 -38.43 -20.18 -15.18
N TYR H 347 -37.93 -21.16 -14.43
CA TYR H 347 -36.54 -21.63 -14.52
C TYR H 347 -35.61 -20.47 -14.10
N ASP H 348 -34.51 -20.24 -14.83
CA ASP H 348 -33.55 -19.21 -14.41
C ASP H 348 -34.18 -17.83 -14.42
N PHE H 349 -35.06 -17.56 -15.39
CA PHE H 349 -35.75 -16.27 -15.44
C PHE H 349 -36.72 -16.08 -14.28
N SER H 350 -37.09 -17.17 -13.59
CA SER H 350 -38.16 -17.13 -12.61
C SER H 350 -37.93 -16.03 -11.58
N GLY H 351 -36.72 -15.95 -11.04
CA GLY H 351 -36.44 -14.93 -10.03
C GLY H 351 -36.72 -13.53 -10.55
N GLN H 352 -36.26 -13.23 -11.76
CA GLN H 352 -36.55 -11.92 -12.35
C GLN H 352 -38.05 -11.71 -12.48
N PHE H 353 -38.77 -12.76 -12.86
CA PHE H 353 -40.24 -12.68 -12.89
C PHE H 353 -40.78 -12.28 -11.52
N ALA H 354 -40.28 -12.93 -10.46
CA ALA H 354 -40.73 -12.59 -9.12
C ALA H 354 -40.38 -11.16 -8.74
N PHE H 355 -39.39 -10.57 -9.41
CA PHE H 355 -39.05 -9.18 -9.14
C PHE H 355 -40.06 -8.22 -9.77
N HIS H 356 -40.72 -8.62 -10.85
CA HIS H 356 -41.62 -7.73 -11.57
C HIS H 356 -43.08 -8.06 -11.36
N VAL H 357 -43.47 -9.33 -11.49
CA VAL H 357 -44.86 -9.75 -11.31
C VAL H 357 -45.10 -10.27 -9.90
N GLY H 358 -44.23 -11.17 -9.43
CA GLY H 358 -44.36 -11.70 -8.08
C GLY H 358 -45.59 -12.56 -7.85
N LEU H 359 -45.93 -13.41 -8.82
CA LEU H 359 -47.05 -14.32 -8.71
C LEU H 359 -46.64 -15.70 -9.18
N PRO H 360 -47.25 -16.76 -8.63
CA PRO H 360 -46.94 -18.12 -9.10
C PRO H 360 -47.50 -18.38 -10.49
N ALA H 361 -46.62 -18.49 -11.49
CA ALA H 361 -47.04 -18.72 -12.86
C ALA H 361 -46.16 -19.77 -13.50
N LYS H 362 -46.76 -20.54 -14.41
CA LYS H 362 -46.06 -21.57 -15.18
C LYS H 362 -46.30 -21.33 -16.66
N SER H 363 -45.23 -21.46 -17.44
CA SER H 363 -45.25 -21.16 -18.87
C SER H 363 -44.93 -22.42 -19.67
N GLY H 364 -45.75 -22.71 -20.66
CA GLY H 364 -45.51 -23.81 -21.57
C GLY H 364 -44.97 -23.35 -22.90
N VAL H 365 -44.36 -24.30 -23.63
CA VAL H 365 -43.82 -23.97 -24.95
C VAL H 365 -44.91 -23.87 -26.01
N ALA H 366 -46.15 -24.22 -25.67
CA ALA H 366 -47.29 -24.05 -26.56
C ALA H 366 -47.90 -22.66 -26.46
N GLY H 367 -47.15 -21.69 -25.95
CA GLY H 367 -47.65 -20.33 -25.79
C GLY H 367 -48.74 -20.19 -24.76
N GLY H 368 -48.59 -20.84 -23.61
CA GLY H 368 -49.59 -20.73 -22.56
C GLY H 368 -49.02 -20.33 -21.21
N ILE H 369 -49.63 -19.33 -20.57
CA ILE H 369 -49.22 -18.86 -19.26
C ILE H 369 -50.37 -19.13 -18.30
N LEU H 370 -50.10 -19.93 -17.27
CA LEU H 370 -51.08 -20.25 -16.23
C LEU H 370 -50.62 -19.59 -14.95
N LEU H 371 -51.34 -18.57 -14.50
CA LEU H 371 -50.93 -17.82 -13.31
C LEU H 371 -52.01 -17.93 -12.24
N VAL H 372 -51.57 -17.92 -10.99
CA VAL H 372 -52.47 -18.11 -9.84
C VAL H 372 -52.26 -16.94 -8.88
N VAL H 373 -53.33 -16.22 -8.57
CA VAL H 373 -53.33 -15.22 -7.52
C VAL H 373 -53.96 -15.86 -6.29
N PRO H 374 -53.18 -16.20 -5.26
CA PRO H 374 -53.69 -17.01 -4.16
C PRO H 374 -54.86 -16.32 -3.44
N ASN H 375 -55.85 -17.12 -3.07
CA ASN H 375 -57.07 -16.68 -2.40
C ASN H 375 -57.85 -15.66 -3.22
N VAL H 376 -57.49 -15.44 -4.48
CA VAL H 376 -58.19 -14.47 -5.30
C VAL H 376 -58.75 -15.14 -6.55
N MET H 377 -57.88 -15.67 -7.42
CA MET H 377 -58.33 -16.14 -8.72
C MET H 377 -57.22 -16.87 -9.45
N GLY H 378 -57.53 -17.34 -10.65
CA GLY H 378 -56.57 -17.97 -11.53
C GLY H 378 -56.84 -17.62 -12.98
N MET H 379 -55.78 -17.42 -13.76
CA MET H 379 -55.90 -16.97 -15.12
C MET H 379 -55.08 -17.83 -16.07
N MET H 380 -55.59 -17.97 -17.29
CA MET H 380 -54.88 -18.61 -18.38
C MET H 380 -54.81 -17.65 -19.56
N CYS H 381 -53.61 -17.49 -20.12
CA CYS H 381 -53.38 -16.62 -21.27
C CYS H 381 -52.73 -17.45 -22.36
N TRP H 382 -53.37 -17.53 -23.52
CA TRP H 382 -52.87 -18.31 -24.64
C TRP H 382 -52.50 -17.36 -25.78
N SER H 383 -51.26 -17.49 -26.28
CA SER H 383 -50.71 -16.75 -27.40
C SER H 383 -49.61 -17.58 -28.07
N PRO H 384 -49.82 -18.11 -29.29
CA PRO H 384 -48.77 -18.84 -30.01
C PRO H 384 -47.46 -18.05 -30.11
N PRO H 385 -47.46 -16.75 -30.50
CA PRO H 385 -46.23 -15.96 -30.55
C PRO H 385 -45.33 -16.23 -29.34
N LEU H 386 -44.07 -16.61 -29.59
CA LEU H 386 -43.13 -16.93 -28.48
C LEU H 386 -41.89 -16.03 -28.60
N ASP H 387 -41.23 -15.75 -27.47
CA ASP H 387 -40.03 -14.93 -27.47
C ASP H 387 -38.78 -15.81 -27.51
N LYS H 388 -37.61 -15.20 -27.27
CA LYS H 388 -36.35 -15.91 -27.44
C LYS H 388 -36.18 -17.00 -26.38
N MET H 389 -36.61 -16.75 -25.15
CA MET H 389 -36.39 -17.70 -24.06
C MET H 389 -37.54 -18.68 -23.88
N GLY H 390 -38.53 -18.67 -24.76
CA GLY H 390 -39.60 -19.64 -24.72
C GLY H 390 -40.86 -19.22 -24.00
N ASN H 391 -41.19 -17.94 -24.01
CA ASN H 391 -42.39 -17.45 -23.35
C ASN H 391 -43.18 -16.59 -24.31
N SER H 392 -44.50 -16.61 -24.15
CA SER H 392 -45.37 -15.82 -25.02
C SER H 392 -45.19 -14.33 -24.73
N VAL H 393 -44.94 -13.55 -25.78
CA VAL H 393 -44.75 -12.11 -25.61
C VAL H 393 -46.03 -11.46 -25.11
N LYS H 394 -47.17 -11.83 -25.70
CA LYS H 394 -48.44 -11.25 -25.28
C LYS H 394 -48.77 -11.64 -23.84
N GLY H 395 -48.48 -12.88 -23.46
CA GLY H 395 -48.73 -13.31 -22.08
C GLY H 395 -47.89 -12.56 -21.07
N ILE H 396 -46.59 -12.41 -21.37
CA ILE H 396 -45.70 -11.67 -20.47
C ILE H 396 -46.15 -10.22 -20.36
N HIS H 397 -46.47 -9.60 -21.50
CA HIS H 397 -46.90 -8.20 -21.48
C HIS H 397 -48.20 -8.04 -20.70
N PHE H 398 -49.14 -8.98 -20.86
CA PHE H 398 -50.39 -8.92 -20.12
C PHE H 398 -50.15 -9.07 -18.62
N CYS H 399 -49.25 -9.99 -18.23
CA CYS H 399 -48.94 -10.16 -16.81
C CYS H 399 -48.33 -8.90 -16.23
N HIS H 400 -47.40 -8.28 -16.97
CA HIS H 400 -46.76 -7.06 -16.48
C HIS H 400 -47.78 -5.93 -16.34
N ASP H 401 -48.67 -5.76 -17.33
CA ASP H 401 -49.68 -4.72 -17.23
C ASP H 401 -50.64 -5.00 -16.07
N LEU H 402 -51.01 -6.26 -15.87
CA LEU H 402 -51.91 -6.60 -14.77
C LEU H 402 -51.28 -6.30 -13.43
N VAL H 403 -50.00 -6.63 -13.26
CA VAL H 403 -49.35 -6.34 -11.98
C VAL H 403 -49.07 -4.86 -11.81
N SER H 404 -48.95 -4.10 -12.90
CA SER H 404 -48.80 -2.65 -12.78
C SER H 404 -50.12 -1.96 -12.46
N LEU H 405 -51.23 -2.52 -12.94
CA LEU H 405 -52.54 -1.89 -12.73
C LEU H 405 -53.05 -2.13 -11.31
N CYS H 406 -53.25 -3.40 -10.94
CA CYS H 406 -53.70 -3.77 -9.62
C CYS H 406 -52.51 -4.11 -8.72
N ASN H 407 -52.77 -4.12 -7.41
CA ASN H 407 -51.70 -4.40 -6.46
C ASN H 407 -51.28 -5.86 -6.51
N PHE H 408 -52.20 -6.76 -6.17
CA PHE H 408 -51.97 -8.21 -6.18
C PHE H 408 -50.69 -8.50 -5.39
N HIS H 409 -49.70 -9.20 -5.97
CA HIS H 409 -48.44 -9.51 -5.30
C HIS H 409 -48.65 -10.22 -3.97
P PO4 I . 19.41 37.35 15.08
O1 PO4 I . 19.61 36.52 13.84
O2 PO4 I . 18.23 38.27 14.90
O3 PO4 I . 19.16 36.43 16.26
O4 PO4 I . 20.65 38.17 15.35
P PO4 J . 19.54 15.13 11.00
O1 PO4 J . 18.54 15.58 9.97
O2 PO4 J . 20.14 16.34 11.68
O3 PO4 J . 20.64 14.34 10.32
O4 PO4 J . 18.85 14.26 12.02
P PO4 K . 27.58 27.72 21.50
O1 PO4 K . 26.22 27.09 21.32
O2 PO4 K . 27.52 28.73 22.63
O3 PO4 K . 27.98 28.43 20.23
O4 PO4 K . 28.59 26.66 21.82
P PO4 L . 8.17 23.58 10.81
O1 PO4 L . 6.97 22.66 10.94
O2 PO4 L . 7.68 25.00 10.63
O3 PO4 L . 8.99 23.16 9.62
O4 PO4 L . 8.99 23.48 12.06
P PO4 M . -13.45 -16.12 -17.54
O1 PO4 M . -14.68 -16.05 -18.41
O2 PO4 M . -12.81 -17.49 -17.67
O3 PO4 M . -13.83 -15.89 -16.09
O4 PO4 M . -12.47 -15.06 -17.97
P PO4 N . -20.83 -36.99 -13.68
O1 PO4 N . -20.59 -38.40 -14.17
O2 PO4 N . -19.98 -36.73 -12.46
O3 PO4 N . -22.28 -36.82 -13.32
O4 PO4 N . -20.47 -36.01 -14.77
P PO4 O . -14.11 -22.80 -4.78
O1 PO4 O . -14.82 -23.95 -5.45
O2 PO4 O . -12.62 -22.96 -4.96
O3 PO4 O . -14.55 -21.49 -5.42
O4 PO4 O . -14.44 -22.79 -3.32
P PO4 P . -25.78 -27.98 -23.12
O1 PO4 P . -27.18 -28.19 -23.66
O2 PO4 P . -25.40 -26.53 -23.28
O3 PO4 P . -24.82 -28.84 -23.90
O4 PO4 P . -25.75 -28.37 -21.67
#